data_1ALF
# 
_entry.id   1ALF 
# 
_audit_conform.dict_name       mmcif_pdbx.dic 
_audit_conform.dict_version    5.392 
_audit_conform.dict_location   http://mmcif.pdb.org/dictionaries/ascii/mmcif_pdbx.dic 
# 
loop_
_database_2.database_id 
_database_2.database_code 
_database_2.pdbx_database_accession 
_database_2.pdbx_DOI 
PDB   1ALF         pdb_00001alf 10.2210/pdb1alf/pdb 
WWPDB D_1000170962 ?            ?                   
# 
loop_
_pdbx_audit_revision_history.ordinal 
_pdbx_audit_revision_history.data_content_type 
_pdbx_audit_revision_history.major_revision 
_pdbx_audit_revision_history.minor_revision 
_pdbx_audit_revision_history.revision_date 
1 'Structure model' 1 0 1995-04-20 
2 'Structure model' 1 1 2008-03-24 
3 'Structure model' 1 2 2011-07-13 
4 'Structure model' 1 3 2022-02-16 
5 'Structure model' 1 4 2024-05-22 
# 
_pdbx_audit_revision_details.ordinal             1 
_pdbx_audit_revision_details.revision_ordinal    1 
_pdbx_audit_revision_details.data_content_type   'Structure model' 
_pdbx_audit_revision_details.provider            repository 
_pdbx_audit_revision_details.type                'Initial release' 
_pdbx_audit_revision_details.description         ? 
_pdbx_audit_revision_details.details             ? 
# 
loop_
_pdbx_audit_revision_group.ordinal 
_pdbx_audit_revision_group.revision_ordinal 
_pdbx_audit_revision_group.data_content_type 
_pdbx_audit_revision_group.group 
1 2 'Structure model' 'Version format compliance' 
2 3 'Structure model' 'Version format compliance' 
3 4 'Structure model' 'Database references'       
4 4 'Structure model' 'Derived calculations'      
5 4 'Structure model' Other                       
6 5 'Structure model' 'Data collection'           
# 
loop_
_pdbx_audit_revision_category.ordinal 
_pdbx_audit_revision_category.revision_ordinal 
_pdbx_audit_revision_category.data_content_type 
_pdbx_audit_revision_category.category 
1 4 'Structure model' database_2            
2 4 'Structure model' pdbx_database_status  
3 4 'Structure model' pdbx_struct_assembly  
4 4 'Structure model' pdbx_struct_oper_list 
5 5 'Structure model' chem_comp_atom        
6 5 'Structure model' chem_comp_bond        
# 
loop_
_pdbx_audit_revision_item.ordinal 
_pdbx_audit_revision_item.revision_ordinal 
_pdbx_audit_revision_item.data_content_type 
_pdbx_audit_revision_item.item 
1 4 'Structure model' '_database_2.pdbx_DOI'                
2 4 'Structure model' '_database_2.pdbx_database_accession' 
3 4 'Structure model' '_pdbx_database_status.process_site'  
# 
_pdbx_database_status.status_code                     REL 
_pdbx_database_status.entry_id                        1ALF 
_pdbx_database_status.recvd_initial_deposition_date   1995-02-20 
_pdbx_database_status.deposit_site                    ? 
_pdbx_database_status.process_site                    BNL 
_pdbx_database_status.status_code_sf                  ? 
_pdbx_database_status.status_code_mr                  REL 
_pdbx_database_status.SG_entry                        ? 
_pdbx_database_status.pdb_format_compatible           Y 
_pdbx_database_status.status_code_cs                  ? 
_pdbx_database_status.status_code_nmr_data            ? 
_pdbx_database_status.methods_development_category    ? 
# 
loop_
_audit_author.name 
_audit_author.pdbx_ordinal 
'Rozek, A.'     1 
'Buchko, G.W.'  2 
'Cushley, R.J.' 3 
# 
_citation.id                        primary 
_citation.title                     
;Conformation of two peptides corresponding to human apolipoprotein C-I residues 7-24 and 35-53 in the presence of sodium dodecyl sulfate by CD and NMR spectroscopy.
;
_citation.journal_abbrev            Biochemistry 
_citation.journal_volume            34 
_citation.page_first                7401 
_citation.page_last                 7408 
_citation.year                      1995 
_citation.journal_id_ASTM           BICHAW 
_citation.country                   US 
_citation.journal_id_ISSN           0006-2960 
_citation.journal_id_CSD            0033 
_citation.book_publisher            ? 
_citation.pdbx_database_id_PubMed   7779782 
_citation.pdbx_database_id_DOI      10.1021/bi00022a013 
# 
loop_
_citation_author.citation_id 
_citation_author.name 
_citation_author.ordinal 
_citation_author.identifier_ORCID 
primary 'Rozek, A.'     1 ? 
primary 'Buchko, G.W.'  2 ? 
primary 'Cushley, R.J.' 3 ? 
# 
_entity.id                         1 
_entity.type                       polymer 
_entity.src_method                 man 
_entity.pdbx_description           'APOLIPOPROTEIN C-I PRECURSOR' 
_entity.formula_weight             2377.778 
_entity.pdbx_number_of_molecules   1 
_entity.pdbx_ec                    ? 
_entity.pdbx_mutation              ? 
_entity.pdbx_fragment              ? 
_entity.details                    ? 
# 
_entity_poly.entity_id                      1 
_entity_poly.type                           'polypeptide(L)' 
_entity_poly.nstd_linkage                   no 
_entity_poly.nstd_monomer                   no 
_entity_poly.pdbx_seq_one_letter_code       SAKMREWFSETFQKVKEKL 
_entity_poly.pdbx_seq_one_letter_code_can   SAKMREWFSETFQKVKEKL 
_entity_poly.pdbx_strand_id                 A 
_entity_poly.pdbx_target_identifier         ? 
# 
loop_
_entity_poly_seq.entity_id 
_entity_poly_seq.num 
_entity_poly_seq.mon_id 
_entity_poly_seq.hetero 
1 1  SER n 
1 2  ALA n 
1 3  LYS n 
1 4  MET n 
1 5  ARG n 
1 6  GLU n 
1 7  TRP n 
1 8  PHE n 
1 9  SER n 
1 10 GLU n 
1 11 THR n 
1 12 PHE n 
1 13 GLN n 
1 14 LYS n 
1 15 VAL n 
1 16 LYS n 
1 17 GLU n 
1 18 LYS n 
1 19 LEU n 
# 
_entity_src_gen.entity_id                          1 
_entity_src_gen.pdbx_src_id                        1 
_entity_src_gen.pdbx_alt_source_flag               sample 
_entity_src_gen.pdbx_seq_type                      ? 
_entity_src_gen.pdbx_beg_seq_num                   ? 
_entity_src_gen.pdbx_end_seq_num                   ? 
_entity_src_gen.gene_src_common_name               human 
_entity_src_gen.gene_src_genus                     Homo 
_entity_src_gen.pdbx_gene_src_gene                 ? 
_entity_src_gen.gene_src_species                   ? 
_entity_src_gen.gene_src_strain                    ? 
_entity_src_gen.gene_src_tissue                    ? 
_entity_src_gen.gene_src_tissue_fraction           ? 
_entity_src_gen.gene_src_details                   ? 
_entity_src_gen.pdbx_gene_src_fragment             ? 
_entity_src_gen.pdbx_gene_src_scientific_name      'Homo sapiens' 
_entity_src_gen.pdbx_gene_src_ncbi_taxonomy_id     9606 
_entity_src_gen.pdbx_gene_src_variant              ? 
_entity_src_gen.pdbx_gene_src_cell_line            ? 
_entity_src_gen.pdbx_gene_src_atcc                 ? 
_entity_src_gen.pdbx_gene_src_organ                ? 
_entity_src_gen.pdbx_gene_src_organelle            ? 
_entity_src_gen.pdbx_gene_src_cell                 ? 
_entity_src_gen.pdbx_gene_src_cellular_location    ? 
_entity_src_gen.host_org_common_name               ? 
_entity_src_gen.pdbx_host_org_scientific_name      ? 
_entity_src_gen.pdbx_host_org_ncbi_taxonomy_id     ? 
_entity_src_gen.host_org_genus                     ? 
_entity_src_gen.pdbx_host_org_gene                 ? 
_entity_src_gen.pdbx_host_org_organ                ? 
_entity_src_gen.host_org_species                   ? 
_entity_src_gen.pdbx_host_org_tissue               ? 
_entity_src_gen.pdbx_host_org_tissue_fraction      ? 
_entity_src_gen.pdbx_host_org_strain               ? 
_entity_src_gen.pdbx_host_org_variant              ? 
_entity_src_gen.pdbx_host_org_cell_line            ? 
_entity_src_gen.pdbx_host_org_atcc                 ? 
_entity_src_gen.pdbx_host_org_culture_collection   ? 
_entity_src_gen.pdbx_host_org_cell                 ? 
_entity_src_gen.pdbx_host_org_organelle            ? 
_entity_src_gen.pdbx_host_org_cellular_location    ? 
_entity_src_gen.pdbx_host_org_vector_type          ? 
_entity_src_gen.pdbx_host_org_vector               ? 
_entity_src_gen.host_org_details                   ? 
_entity_src_gen.expression_system_id               ? 
_entity_src_gen.plasmid_name                       ? 
_entity_src_gen.plasmid_details                    ? 
_entity_src_gen.pdbx_description                   ? 
# 
loop_
_chem_comp.id 
_chem_comp.type 
_chem_comp.mon_nstd_flag 
_chem_comp.name 
_chem_comp.pdbx_synonyms 
_chem_comp.formula 
_chem_comp.formula_weight 
ALA 'L-peptide linking' y ALANINE         ? 'C3 H7 N O2'     89.093  
ARG 'L-peptide linking' y ARGININE        ? 'C6 H15 N4 O2 1' 175.209 
GLN 'L-peptide linking' y GLUTAMINE       ? 'C5 H10 N2 O3'   146.144 
GLU 'L-peptide linking' y 'GLUTAMIC ACID' ? 'C5 H9 N O4'     147.129 
LEU 'L-peptide linking' y LEUCINE         ? 'C6 H13 N O2'    131.173 
LYS 'L-peptide linking' y LYSINE          ? 'C6 H15 N2 O2 1' 147.195 
MET 'L-peptide linking' y METHIONINE      ? 'C5 H11 N O2 S'  149.211 
PHE 'L-peptide linking' y PHENYLALANINE   ? 'C9 H11 N O2'    165.189 
SER 'L-peptide linking' y SERINE          ? 'C3 H7 N O3'     105.093 
THR 'L-peptide linking' y THREONINE       ? 'C4 H9 N O3'     119.119 
TRP 'L-peptide linking' y TRYPTOPHAN      ? 'C11 H12 N2 O2'  204.225 
VAL 'L-peptide linking' y VALINE          ? 'C5 H11 N O2'    117.146 
# 
loop_
_pdbx_poly_seq_scheme.asym_id 
_pdbx_poly_seq_scheme.entity_id 
_pdbx_poly_seq_scheme.seq_id 
_pdbx_poly_seq_scheme.mon_id 
_pdbx_poly_seq_scheme.ndb_seq_num 
_pdbx_poly_seq_scheme.pdb_seq_num 
_pdbx_poly_seq_scheme.auth_seq_num 
_pdbx_poly_seq_scheme.pdb_mon_id 
_pdbx_poly_seq_scheme.auth_mon_id 
_pdbx_poly_seq_scheme.pdb_strand_id 
_pdbx_poly_seq_scheme.pdb_ins_code 
_pdbx_poly_seq_scheme.hetero 
A 1 1  SER 1  1  1  SER SER A . n 
A 1 2  ALA 2  2  2  ALA ALA A . n 
A 1 3  LYS 3  3  3  LYS LYS A . n 
A 1 4  MET 4  4  4  MET MET A . n 
A 1 5  ARG 5  5  5  ARG ARG A . n 
A 1 6  GLU 6  6  6  GLU GLU A . n 
A 1 7  TRP 7  7  7  TRP TRP A . n 
A 1 8  PHE 8  8  8  PHE PHE A . n 
A 1 9  SER 9  9  9  SER SER A . n 
A 1 10 GLU 10 10 10 GLU GLU A . n 
A 1 11 THR 11 11 11 THR THR A . n 
A 1 12 PHE 12 12 12 PHE PHE A . n 
A 1 13 GLN 13 13 13 GLN GLN A . n 
A 1 14 LYS 14 14 14 LYS LYS A . n 
A 1 15 VAL 15 15 15 VAL VAL A . n 
A 1 16 LYS 16 16 16 LYS LYS A . n 
A 1 17 GLU 17 17 17 GLU GLU A . n 
A 1 18 LYS 18 18 18 LYS LYS A . n 
A 1 19 LEU 19 19 19 LEU LEU A . n 
# 
_cell.entry_id           1ALF 
_cell.length_a           1.000 
_cell.length_b           1.000 
_cell.length_c           1.000 
_cell.angle_alpha        90.00 
_cell.angle_beta         90.00 
_cell.angle_gamma        90.00 
_cell.Z_PDB              1 
_cell.pdbx_unique_axis   ? 
# 
_symmetry.entry_id                         1ALF 
_symmetry.space_group_name_H-M             'P 1' 
_symmetry.pdbx_full_space_group_name_H-M   ? 
_symmetry.cell_setting                     ? 
_symmetry.Int_Tables_number                1 
# 
_exptl.entry_id          1ALF 
_exptl.method            'SOLUTION NMR' 
_exptl.crystals_number   ? 
# 
_struct.entry_id                  1ALF 
_struct.title                     
;CONFORMATION OF TWO PEPTIDES CORRESPONDING TO HUMAN APOLIPOPROTEIN C-I RESIDUES 7-24 AND 35-53 IN THE PRESENCE OF SODIUM DODECYLSULFATE BY CD AND NMR SPECTROSCOPY
;
_struct.pdbx_model_details        ? 
_struct.pdbx_CASP_flag            ? 
_struct.pdbx_model_type_details   ? 
# 
_struct_keywords.entry_id        1ALF 
_struct_keywords.pdbx_keywords   APOLIPOPROTEIN 
_struct_keywords.text            APOLIPOPROTEIN 
# 
_struct_asym.id                            A 
_struct_asym.pdbx_blank_PDB_chainid_flag   Y 
_struct_asym.pdbx_modified                 N 
_struct_asym.entity_id                     1 
_struct_asym.details                       ? 
# 
_struct_ref.id                         1 
_struct_ref.db_name                    UNP 
_struct_ref.db_code                    APOC1_HUMAN 
_struct_ref.entity_id                  1 
_struct_ref.pdbx_db_accession          P02654 
_struct_ref.pdbx_align_begin           1 
_struct_ref.pdbx_seq_one_letter_code   
;MRLFLSLPVLVVVLSIVLEGPAPAQGTPDVSSALDKLKEFGNTLEDKARELISRIKQSELSAKMREWFSETFQKVKEKLK
IDS
;
_struct_ref.pdbx_db_isoform            ? 
# 
_struct_ref_seq.align_id                      1 
_struct_ref_seq.ref_id                        1 
_struct_ref_seq.pdbx_PDB_id_code              1ALF 
_struct_ref_seq.pdbx_strand_id                A 
_struct_ref_seq.seq_align_beg                 1 
_struct_ref_seq.pdbx_seq_align_beg_ins_code   ? 
_struct_ref_seq.seq_align_end                 19 
_struct_ref_seq.pdbx_seq_align_end_ins_code   ? 
_struct_ref_seq.pdbx_db_accession             P02654 
_struct_ref_seq.db_align_beg                  61 
_struct_ref_seq.pdbx_db_align_beg_ins_code    ? 
_struct_ref_seq.db_align_end                  79 
_struct_ref_seq.pdbx_db_align_end_ins_code    ? 
_struct_ref_seq.pdbx_auth_seq_align_beg       1 
_struct_ref_seq.pdbx_auth_seq_align_end       19 
# 
_pdbx_struct_assembly.id                   1 
_pdbx_struct_assembly.details              author_defined_assembly 
_pdbx_struct_assembly.method_details       ? 
_pdbx_struct_assembly.oligomeric_details   monomeric 
_pdbx_struct_assembly.oligomeric_count     1 
# 
_pdbx_struct_assembly_gen.assembly_id       1 
_pdbx_struct_assembly_gen.oper_expression   1 
_pdbx_struct_assembly_gen.asym_id_list      A 
# 
_pdbx_struct_oper_list.id                   1 
_pdbx_struct_oper_list.type                 'identity operation' 
_pdbx_struct_oper_list.name                 1_555 
_pdbx_struct_oper_list.symmetry_operation   x,y,z 
_pdbx_struct_oper_list.matrix[1][1]         1.0000000000 
_pdbx_struct_oper_list.matrix[1][2]         0.0000000000 
_pdbx_struct_oper_list.matrix[1][3]         0.0000000000 
_pdbx_struct_oper_list.vector[1]            0.0000000000 
_pdbx_struct_oper_list.matrix[2][1]         0.0000000000 
_pdbx_struct_oper_list.matrix[2][2]         1.0000000000 
_pdbx_struct_oper_list.matrix[2][3]         0.0000000000 
_pdbx_struct_oper_list.vector[2]            0.0000000000 
_pdbx_struct_oper_list.matrix[3][1]         0.0000000000 
_pdbx_struct_oper_list.matrix[3][2]         0.0000000000 
_pdbx_struct_oper_list.matrix[3][3]         1.0000000000 
_pdbx_struct_oper_list.vector[3]            0.0000000000 
# 
_struct_biol.id   1 
# 
_struct_conf.conf_type_id            HELX_P 
_struct_conf.id                      HELX_P1 
_struct_conf.pdbx_PDB_helix_id       1 
_struct_conf.beg_label_comp_id       ARG 
_struct_conf.beg_label_asym_id       A 
_struct_conf.beg_label_seq_id        5 
_struct_conf.pdbx_beg_PDB_ins_code   ? 
_struct_conf.end_label_comp_id       LYS 
_struct_conf.end_label_asym_id       A 
_struct_conf.end_label_seq_id        16 
_struct_conf.pdbx_end_PDB_ins_code   ? 
_struct_conf.beg_auth_comp_id        ARG 
_struct_conf.beg_auth_asym_id        A 
_struct_conf.beg_auth_seq_id         5 
_struct_conf.end_auth_comp_id        LYS 
_struct_conf.end_auth_asym_id        A 
_struct_conf.end_auth_seq_id         16 
_struct_conf.pdbx_PDB_helix_class    1 
_struct_conf.details                 ? 
_struct_conf.pdbx_PDB_helix_length   12 
# 
_struct_conf_type.id          HELX_P 
_struct_conf_type.criteria    ? 
_struct_conf_type.reference   ? 
# 
_pdbx_validate_close_contact.id               1 
_pdbx_validate_close_contact.PDB_model_num    2 
_pdbx_validate_close_contact.auth_atom_id_1   HB3 
_pdbx_validate_close_contact.auth_asym_id_1   A 
_pdbx_validate_close_contact.auth_comp_id_1   ALA 
_pdbx_validate_close_contact.auth_seq_id_1    2 
_pdbx_validate_close_contact.PDB_ins_code_1   ? 
_pdbx_validate_close_contact.label_alt_id_1   ? 
_pdbx_validate_close_contact.auth_atom_id_2   HB2 
_pdbx_validate_close_contact.auth_asym_id_2   A 
_pdbx_validate_close_contact.auth_comp_id_2   ARG 
_pdbx_validate_close_contact.auth_seq_id_2    5 
_pdbx_validate_close_contact.PDB_ins_code_2   ? 
_pdbx_validate_close_contact.label_alt_id_2   ? 
_pdbx_validate_close_contact.dist             1.22 
# 
loop_
_pdbx_validate_rmsd_bond.id 
_pdbx_validate_rmsd_bond.PDB_model_num 
_pdbx_validate_rmsd_bond.auth_atom_id_1 
_pdbx_validate_rmsd_bond.auth_asym_id_1 
_pdbx_validate_rmsd_bond.auth_comp_id_1 
_pdbx_validate_rmsd_bond.auth_seq_id_1 
_pdbx_validate_rmsd_bond.PDB_ins_code_1 
_pdbx_validate_rmsd_bond.label_alt_id_1 
_pdbx_validate_rmsd_bond.auth_atom_id_2 
_pdbx_validate_rmsd_bond.auth_asym_id_2 
_pdbx_validate_rmsd_bond.auth_comp_id_2 
_pdbx_validate_rmsd_bond.auth_seq_id_2 
_pdbx_validate_rmsd_bond.PDB_ins_code_2 
_pdbx_validate_rmsd_bond.label_alt_id_2 
_pdbx_validate_rmsd_bond.bond_value 
_pdbx_validate_rmsd_bond.bond_target_value 
_pdbx_validate_rmsd_bond.bond_deviation 
_pdbx_validate_rmsd_bond.bond_standard_deviation 
_pdbx_validate_rmsd_bond.linker_flag 
1  1 CD A GLU 6  ? ? OE1 A GLU 6  ? ? 1.362 1.252 0.110 0.011 N 
2  1 CD A GLU 10 ? ? OE2 A GLU 10 ? ? 1.362 1.252 0.110 0.011 N 
3  1 CD A GLU 17 ? ? OE2 A GLU 17 ? ? 1.362 1.252 0.110 0.011 N 
4  2 CD A GLU 6  ? ? OE2 A GLU 6  ? ? 1.362 1.252 0.110 0.011 N 
5  2 CD A GLU 10 ? ? OE2 A GLU 10 ? ? 1.363 1.252 0.111 0.011 N 
6  2 CD A GLU 17 ? ? OE1 A GLU 17 ? ? 1.362 1.252 0.110 0.011 N 
7  3 CD A GLU 6  ? ? OE2 A GLU 6  ? ? 1.362 1.252 0.110 0.011 N 
8  3 CD A GLU 10 ? ? OE1 A GLU 10 ? ? 1.362 1.252 0.110 0.011 N 
9  3 CD A GLU 17 ? ? OE1 A GLU 17 ? ? 1.361 1.252 0.109 0.011 N 
10 4 CD A GLU 6  ? ? OE2 A GLU 6  ? ? 1.362 1.252 0.110 0.011 N 
11 4 CD A GLU 10 ? ? OE2 A GLU 10 ? ? 1.362 1.252 0.110 0.011 N 
12 4 CD A GLU 17 ? ? OE2 A GLU 17 ? ? 1.362 1.252 0.110 0.011 N 
13 5 CD A GLU 6  ? ? OE1 A GLU 6  ? ? 1.362 1.252 0.110 0.011 N 
14 5 CD A GLU 10 ? ? OE2 A GLU 10 ? ? 1.363 1.252 0.111 0.011 N 
15 5 CD A GLU 17 ? ? OE2 A GLU 17 ? ? 1.362 1.252 0.110 0.011 N 
# 
loop_
_pdbx_validate_rmsd_angle.id 
_pdbx_validate_rmsd_angle.PDB_model_num 
_pdbx_validate_rmsd_angle.auth_atom_id_1 
_pdbx_validate_rmsd_angle.auth_asym_id_1 
_pdbx_validate_rmsd_angle.auth_comp_id_1 
_pdbx_validate_rmsd_angle.auth_seq_id_1 
_pdbx_validate_rmsd_angle.PDB_ins_code_1 
_pdbx_validate_rmsd_angle.label_alt_id_1 
_pdbx_validate_rmsd_angle.auth_atom_id_2 
_pdbx_validate_rmsd_angle.auth_asym_id_2 
_pdbx_validate_rmsd_angle.auth_comp_id_2 
_pdbx_validate_rmsd_angle.auth_seq_id_2 
_pdbx_validate_rmsd_angle.PDB_ins_code_2 
_pdbx_validate_rmsd_angle.label_alt_id_2 
_pdbx_validate_rmsd_angle.auth_atom_id_3 
_pdbx_validate_rmsd_angle.auth_asym_id_3 
_pdbx_validate_rmsd_angle.auth_comp_id_3 
_pdbx_validate_rmsd_angle.auth_seq_id_3 
_pdbx_validate_rmsd_angle.PDB_ins_code_3 
_pdbx_validate_rmsd_angle.label_alt_id_3 
_pdbx_validate_rmsd_angle.angle_value 
_pdbx_validate_rmsd_angle.angle_target_value 
_pdbx_validate_rmsd_angle.angle_deviation 
_pdbx_validate_rmsd_angle.angle_standard_deviation 
_pdbx_validate_rmsd_angle.linker_flag 
1 1 NE A ARG 5 ? ? CZ A ARG 5 ? ? NH1 A ARG 5 ? ? 124.37 120.30 4.07 0.50 N 
2 2 NE A ARG 5 ? ? CZ A ARG 5 ? ? NH1 A ARG 5 ? ? 124.37 120.30 4.07 0.50 N 
3 3 NE A ARG 5 ? ? CZ A ARG 5 ? ? NH1 A ARG 5 ? ? 124.36 120.30 4.06 0.50 N 
4 4 NE A ARG 5 ? ? CZ A ARG 5 ? ? NH1 A ARG 5 ? ? 124.34 120.30 4.04 0.50 N 
5 5 NE A ARG 5 ? ? CZ A ARG 5 ? ? NH1 A ARG 5 ? ? 124.36 120.30 4.06 0.50 N 
# 
loop_
_pdbx_validate_torsion.id 
_pdbx_validate_torsion.PDB_model_num 
_pdbx_validate_torsion.auth_comp_id 
_pdbx_validate_torsion.auth_asym_id 
_pdbx_validate_torsion.auth_seq_id 
_pdbx_validate_torsion.PDB_ins_code 
_pdbx_validate_torsion.label_alt_id 
_pdbx_validate_torsion.phi 
_pdbx_validate_torsion.psi 
1 1 ALA A 2 ? ? -165.06 84.62 
2 2 ALA A 2 ? ? -174.92 94.69 
3 3 ALA A 2 ? ? 51.78   80.71 
4 4 ALA A 2 ? ? 68.14   69.75 
# 
_pdbx_nmr_ensemble.entry_id                             1ALF 
_pdbx_nmr_ensemble.conformers_calculated_total_number   ? 
_pdbx_nmr_ensemble.conformers_submitted_total_number    5 
_pdbx_nmr_ensemble.conformer_selection_criteria         ? 
# 
loop_
_chem_comp_atom.comp_id 
_chem_comp_atom.atom_id 
_chem_comp_atom.type_symbol 
_chem_comp_atom.pdbx_aromatic_flag 
_chem_comp_atom.pdbx_stereo_config 
_chem_comp_atom.pdbx_ordinal 
ALA N    N N N 1   
ALA CA   C N S 2   
ALA C    C N N 3   
ALA O    O N N 4   
ALA CB   C N N 5   
ALA OXT  O N N 6   
ALA H    H N N 7   
ALA H2   H N N 8   
ALA HA   H N N 9   
ALA HB1  H N N 10  
ALA HB2  H N N 11  
ALA HB3  H N N 12  
ALA HXT  H N N 13  
ARG N    N N N 14  
ARG CA   C N S 15  
ARG C    C N N 16  
ARG O    O N N 17  
ARG CB   C N N 18  
ARG CG   C N N 19  
ARG CD   C N N 20  
ARG NE   N N N 21  
ARG CZ   C N N 22  
ARG NH1  N N N 23  
ARG NH2  N N N 24  
ARG OXT  O N N 25  
ARG H    H N N 26  
ARG H2   H N N 27  
ARG HA   H N N 28  
ARG HB2  H N N 29  
ARG HB3  H N N 30  
ARG HG2  H N N 31  
ARG HG3  H N N 32  
ARG HD2  H N N 33  
ARG HD3  H N N 34  
ARG HE   H N N 35  
ARG HH11 H N N 36  
ARG HH12 H N N 37  
ARG HH21 H N N 38  
ARG HH22 H N N 39  
ARG HXT  H N N 40  
GLN N    N N N 41  
GLN CA   C N S 42  
GLN C    C N N 43  
GLN O    O N N 44  
GLN CB   C N N 45  
GLN CG   C N N 46  
GLN CD   C N N 47  
GLN OE1  O N N 48  
GLN NE2  N N N 49  
GLN OXT  O N N 50  
GLN H    H N N 51  
GLN H2   H N N 52  
GLN HA   H N N 53  
GLN HB2  H N N 54  
GLN HB3  H N N 55  
GLN HG2  H N N 56  
GLN HG3  H N N 57  
GLN HE21 H N N 58  
GLN HE22 H N N 59  
GLN HXT  H N N 60  
GLU N    N N N 61  
GLU CA   C N S 62  
GLU C    C N N 63  
GLU O    O N N 64  
GLU CB   C N N 65  
GLU CG   C N N 66  
GLU CD   C N N 67  
GLU OE1  O N N 68  
GLU OE2  O N N 69  
GLU OXT  O N N 70  
GLU H    H N N 71  
GLU H2   H N N 72  
GLU HA   H N N 73  
GLU HB2  H N N 74  
GLU HB3  H N N 75  
GLU HG2  H N N 76  
GLU HG3  H N N 77  
GLU HE2  H N N 78  
GLU HXT  H N N 79  
LEU N    N N N 80  
LEU CA   C N S 81  
LEU C    C N N 82  
LEU O    O N N 83  
LEU CB   C N N 84  
LEU CG   C N N 85  
LEU CD1  C N N 86  
LEU CD2  C N N 87  
LEU OXT  O N N 88  
LEU H    H N N 89  
LEU H2   H N N 90  
LEU HA   H N N 91  
LEU HB2  H N N 92  
LEU HB3  H N N 93  
LEU HG   H N N 94  
LEU HD11 H N N 95  
LEU HD12 H N N 96  
LEU HD13 H N N 97  
LEU HD21 H N N 98  
LEU HD22 H N N 99  
LEU HD23 H N N 100 
LEU HXT  H N N 101 
LYS N    N N N 102 
LYS CA   C N S 103 
LYS C    C N N 104 
LYS O    O N N 105 
LYS CB   C N N 106 
LYS CG   C N N 107 
LYS CD   C N N 108 
LYS CE   C N N 109 
LYS NZ   N N N 110 
LYS OXT  O N N 111 
LYS H    H N N 112 
LYS H2   H N N 113 
LYS HA   H N N 114 
LYS HB2  H N N 115 
LYS HB3  H N N 116 
LYS HG2  H N N 117 
LYS HG3  H N N 118 
LYS HD2  H N N 119 
LYS HD3  H N N 120 
LYS HE2  H N N 121 
LYS HE3  H N N 122 
LYS HZ1  H N N 123 
LYS HZ2  H N N 124 
LYS HZ3  H N N 125 
LYS HXT  H N N 126 
MET N    N N N 127 
MET CA   C N S 128 
MET C    C N N 129 
MET O    O N N 130 
MET CB   C N N 131 
MET CG   C N N 132 
MET SD   S N N 133 
MET CE   C N N 134 
MET OXT  O N N 135 
MET H    H N N 136 
MET H2   H N N 137 
MET HA   H N N 138 
MET HB2  H N N 139 
MET HB3  H N N 140 
MET HG2  H N N 141 
MET HG3  H N N 142 
MET HE1  H N N 143 
MET HE2  H N N 144 
MET HE3  H N N 145 
MET HXT  H N N 146 
PHE N    N N N 147 
PHE CA   C N S 148 
PHE C    C N N 149 
PHE O    O N N 150 
PHE CB   C N N 151 
PHE CG   C Y N 152 
PHE CD1  C Y N 153 
PHE CD2  C Y N 154 
PHE CE1  C Y N 155 
PHE CE2  C Y N 156 
PHE CZ   C Y N 157 
PHE OXT  O N N 158 
PHE H    H N N 159 
PHE H2   H N N 160 
PHE HA   H N N 161 
PHE HB2  H N N 162 
PHE HB3  H N N 163 
PHE HD1  H N N 164 
PHE HD2  H N N 165 
PHE HE1  H N N 166 
PHE HE2  H N N 167 
PHE HZ   H N N 168 
PHE HXT  H N N 169 
SER N    N N N 170 
SER CA   C N S 171 
SER C    C N N 172 
SER O    O N N 173 
SER CB   C N N 174 
SER OG   O N N 175 
SER OXT  O N N 176 
SER H    H N N 177 
SER H2   H N N 178 
SER HA   H N N 179 
SER HB2  H N N 180 
SER HB3  H N N 181 
SER HG   H N N 182 
SER HXT  H N N 183 
THR N    N N N 184 
THR CA   C N S 185 
THR C    C N N 186 
THR O    O N N 187 
THR CB   C N R 188 
THR OG1  O N N 189 
THR CG2  C N N 190 
THR OXT  O N N 191 
THR H    H N N 192 
THR H2   H N N 193 
THR HA   H N N 194 
THR HB   H N N 195 
THR HG1  H N N 196 
THR HG21 H N N 197 
THR HG22 H N N 198 
THR HG23 H N N 199 
THR HXT  H N N 200 
TRP N    N N N 201 
TRP CA   C N S 202 
TRP C    C N N 203 
TRP O    O N N 204 
TRP CB   C N N 205 
TRP CG   C Y N 206 
TRP CD1  C Y N 207 
TRP CD2  C Y N 208 
TRP NE1  N Y N 209 
TRP CE2  C Y N 210 
TRP CE3  C Y N 211 
TRP CZ2  C Y N 212 
TRP CZ3  C Y N 213 
TRP CH2  C Y N 214 
TRP OXT  O N N 215 
TRP H    H N N 216 
TRP H2   H N N 217 
TRP HA   H N N 218 
TRP HB2  H N N 219 
TRP HB3  H N N 220 
TRP HD1  H N N 221 
TRP HE1  H N N 222 
TRP HE3  H N N 223 
TRP HZ2  H N N 224 
TRP HZ3  H N N 225 
TRP HH2  H N N 226 
TRP HXT  H N N 227 
VAL N    N N N 228 
VAL CA   C N S 229 
VAL C    C N N 230 
VAL O    O N N 231 
VAL CB   C N N 232 
VAL CG1  C N N 233 
VAL CG2  C N N 234 
VAL OXT  O N N 235 
VAL H    H N N 236 
VAL H2   H N N 237 
VAL HA   H N N 238 
VAL HB   H N N 239 
VAL HG11 H N N 240 
VAL HG12 H N N 241 
VAL HG13 H N N 242 
VAL HG21 H N N 243 
VAL HG22 H N N 244 
VAL HG23 H N N 245 
VAL HXT  H N N 246 
# 
loop_
_chem_comp_bond.comp_id 
_chem_comp_bond.atom_id_1 
_chem_comp_bond.atom_id_2 
_chem_comp_bond.value_order 
_chem_comp_bond.pdbx_aromatic_flag 
_chem_comp_bond.pdbx_stereo_config 
_chem_comp_bond.pdbx_ordinal 
ALA N   CA   sing N N 1   
ALA N   H    sing N N 2   
ALA N   H2   sing N N 3   
ALA CA  C    sing N N 4   
ALA CA  CB   sing N N 5   
ALA CA  HA   sing N N 6   
ALA C   O    doub N N 7   
ALA C   OXT  sing N N 8   
ALA CB  HB1  sing N N 9   
ALA CB  HB2  sing N N 10  
ALA CB  HB3  sing N N 11  
ALA OXT HXT  sing N N 12  
ARG N   CA   sing N N 13  
ARG N   H    sing N N 14  
ARG N   H2   sing N N 15  
ARG CA  C    sing N N 16  
ARG CA  CB   sing N N 17  
ARG CA  HA   sing N N 18  
ARG C   O    doub N N 19  
ARG C   OXT  sing N N 20  
ARG CB  CG   sing N N 21  
ARG CB  HB2  sing N N 22  
ARG CB  HB3  sing N N 23  
ARG CG  CD   sing N N 24  
ARG CG  HG2  sing N N 25  
ARG CG  HG3  sing N N 26  
ARG CD  NE   sing N N 27  
ARG CD  HD2  sing N N 28  
ARG CD  HD3  sing N N 29  
ARG NE  CZ   sing N N 30  
ARG NE  HE   sing N N 31  
ARG CZ  NH1  sing N N 32  
ARG CZ  NH2  doub N N 33  
ARG NH1 HH11 sing N N 34  
ARG NH1 HH12 sing N N 35  
ARG NH2 HH21 sing N N 36  
ARG NH2 HH22 sing N N 37  
ARG OXT HXT  sing N N 38  
GLN N   CA   sing N N 39  
GLN N   H    sing N N 40  
GLN N   H2   sing N N 41  
GLN CA  C    sing N N 42  
GLN CA  CB   sing N N 43  
GLN CA  HA   sing N N 44  
GLN C   O    doub N N 45  
GLN C   OXT  sing N N 46  
GLN CB  CG   sing N N 47  
GLN CB  HB2  sing N N 48  
GLN CB  HB3  sing N N 49  
GLN CG  CD   sing N N 50  
GLN CG  HG2  sing N N 51  
GLN CG  HG3  sing N N 52  
GLN CD  OE1  doub N N 53  
GLN CD  NE2  sing N N 54  
GLN NE2 HE21 sing N N 55  
GLN NE2 HE22 sing N N 56  
GLN OXT HXT  sing N N 57  
GLU N   CA   sing N N 58  
GLU N   H    sing N N 59  
GLU N   H2   sing N N 60  
GLU CA  C    sing N N 61  
GLU CA  CB   sing N N 62  
GLU CA  HA   sing N N 63  
GLU C   O    doub N N 64  
GLU C   OXT  sing N N 65  
GLU CB  CG   sing N N 66  
GLU CB  HB2  sing N N 67  
GLU CB  HB3  sing N N 68  
GLU CG  CD   sing N N 69  
GLU CG  HG2  sing N N 70  
GLU CG  HG3  sing N N 71  
GLU CD  OE1  doub N N 72  
GLU CD  OE2  sing N N 73  
GLU OE2 HE2  sing N N 74  
GLU OXT HXT  sing N N 75  
LEU N   CA   sing N N 76  
LEU N   H    sing N N 77  
LEU N   H2   sing N N 78  
LEU CA  C    sing N N 79  
LEU CA  CB   sing N N 80  
LEU CA  HA   sing N N 81  
LEU C   O    doub N N 82  
LEU C   OXT  sing N N 83  
LEU CB  CG   sing N N 84  
LEU CB  HB2  sing N N 85  
LEU CB  HB3  sing N N 86  
LEU CG  CD1  sing N N 87  
LEU CG  CD2  sing N N 88  
LEU CG  HG   sing N N 89  
LEU CD1 HD11 sing N N 90  
LEU CD1 HD12 sing N N 91  
LEU CD1 HD13 sing N N 92  
LEU CD2 HD21 sing N N 93  
LEU CD2 HD22 sing N N 94  
LEU CD2 HD23 sing N N 95  
LEU OXT HXT  sing N N 96  
LYS N   CA   sing N N 97  
LYS N   H    sing N N 98  
LYS N   H2   sing N N 99  
LYS CA  C    sing N N 100 
LYS CA  CB   sing N N 101 
LYS CA  HA   sing N N 102 
LYS C   O    doub N N 103 
LYS C   OXT  sing N N 104 
LYS CB  CG   sing N N 105 
LYS CB  HB2  sing N N 106 
LYS CB  HB3  sing N N 107 
LYS CG  CD   sing N N 108 
LYS CG  HG2  sing N N 109 
LYS CG  HG3  sing N N 110 
LYS CD  CE   sing N N 111 
LYS CD  HD2  sing N N 112 
LYS CD  HD3  sing N N 113 
LYS CE  NZ   sing N N 114 
LYS CE  HE2  sing N N 115 
LYS CE  HE3  sing N N 116 
LYS NZ  HZ1  sing N N 117 
LYS NZ  HZ2  sing N N 118 
LYS NZ  HZ3  sing N N 119 
LYS OXT HXT  sing N N 120 
MET N   CA   sing N N 121 
MET N   H    sing N N 122 
MET N   H2   sing N N 123 
MET CA  C    sing N N 124 
MET CA  CB   sing N N 125 
MET CA  HA   sing N N 126 
MET C   O    doub N N 127 
MET C   OXT  sing N N 128 
MET CB  CG   sing N N 129 
MET CB  HB2  sing N N 130 
MET CB  HB3  sing N N 131 
MET CG  SD   sing N N 132 
MET CG  HG2  sing N N 133 
MET CG  HG3  sing N N 134 
MET SD  CE   sing N N 135 
MET CE  HE1  sing N N 136 
MET CE  HE2  sing N N 137 
MET CE  HE3  sing N N 138 
MET OXT HXT  sing N N 139 
PHE N   CA   sing N N 140 
PHE N   H    sing N N 141 
PHE N   H2   sing N N 142 
PHE CA  C    sing N N 143 
PHE CA  CB   sing N N 144 
PHE CA  HA   sing N N 145 
PHE C   O    doub N N 146 
PHE C   OXT  sing N N 147 
PHE CB  CG   sing N N 148 
PHE CB  HB2  sing N N 149 
PHE CB  HB3  sing N N 150 
PHE CG  CD1  doub Y N 151 
PHE CG  CD2  sing Y N 152 
PHE CD1 CE1  sing Y N 153 
PHE CD1 HD1  sing N N 154 
PHE CD2 CE2  doub Y N 155 
PHE CD2 HD2  sing N N 156 
PHE CE1 CZ   doub Y N 157 
PHE CE1 HE1  sing N N 158 
PHE CE2 CZ   sing Y N 159 
PHE CE2 HE2  sing N N 160 
PHE CZ  HZ   sing N N 161 
PHE OXT HXT  sing N N 162 
SER N   CA   sing N N 163 
SER N   H    sing N N 164 
SER N   H2   sing N N 165 
SER CA  C    sing N N 166 
SER CA  CB   sing N N 167 
SER CA  HA   sing N N 168 
SER C   O    doub N N 169 
SER C   OXT  sing N N 170 
SER CB  OG   sing N N 171 
SER CB  HB2  sing N N 172 
SER CB  HB3  sing N N 173 
SER OG  HG   sing N N 174 
SER OXT HXT  sing N N 175 
THR N   CA   sing N N 176 
THR N   H    sing N N 177 
THR N   H2   sing N N 178 
THR CA  C    sing N N 179 
THR CA  CB   sing N N 180 
THR CA  HA   sing N N 181 
THR C   O    doub N N 182 
THR C   OXT  sing N N 183 
THR CB  OG1  sing N N 184 
THR CB  CG2  sing N N 185 
THR CB  HB   sing N N 186 
THR OG1 HG1  sing N N 187 
THR CG2 HG21 sing N N 188 
THR CG2 HG22 sing N N 189 
THR CG2 HG23 sing N N 190 
THR OXT HXT  sing N N 191 
TRP N   CA   sing N N 192 
TRP N   H    sing N N 193 
TRP N   H2   sing N N 194 
TRP CA  C    sing N N 195 
TRP CA  CB   sing N N 196 
TRP CA  HA   sing N N 197 
TRP C   O    doub N N 198 
TRP C   OXT  sing N N 199 
TRP CB  CG   sing N N 200 
TRP CB  HB2  sing N N 201 
TRP CB  HB3  sing N N 202 
TRP CG  CD1  doub Y N 203 
TRP CG  CD2  sing Y N 204 
TRP CD1 NE1  sing Y N 205 
TRP CD1 HD1  sing N N 206 
TRP CD2 CE2  doub Y N 207 
TRP CD2 CE3  sing Y N 208 
TRP NE1 CE2  sing Y N 209 
TRP NE1 HE1  sing N N 210 
TRP CE2 CZ2  sing Y N 211 
TRP CE3 CZ3  doub Y N 212 
TRP CE3 HE3  sing N N 213 
TRP CZ2 CH2  doub Y N 214 
TRP CZ2 HZ2  sing N N 215 
TRP CZ3 CH2  sing Y N 216 
TRP CZ3 HZ3  sing N N 217 
TRP CH2 HH2  sing N N 218 
TRP OXT HXT  sing N N 219 
VAL N   CA   sing N N 220 
VAL N   H    sing N N 221 
VAL N   H2   sing N N 222 
VAL CA  C    sing N N 223 
VAL CA  CB   sing N N 224 
VAL CA  HA   sing N N 225 
VAL C   O    doub N N 226 
VAL C   OXT  sing N N 227 
VAL CB  CG1  sing N N 228 
VAL CB  CG2  sing N N 229 
VAL CB  HB   sing N N 230 
VAL CG1 HG11 sing N N 231 
VAL CG1 HG12 sing N N 232 
VAL CG1 HG13 sing N N 233 
VAL CG2 HG21 sing N N 234 
VAL CG2 HG22 sing N N 235 
VAL CG2 HG23 sing N N 236 
VAL OXT HXT  sing N N 237 
# 
_atom_sites.entry_id                    1ALF 
_atom_sites.fract_transf_matrix[1][1]   1.000000 
_atom_sites.fract_transf_matrix[1][2]   0.000000 
_atom_sites.fract_transf_matrix[1][3]   0.000000 
_atom_sites.fract_transf_matrix[2][1]   0.000000 
_atom_sites.fract_transf_matrix[2][2]   1.000000 
_atom_sites.fract_transf_matrix[2][3]   0.000000 
_atom_sites.fract_transf_matrix[3][1]   0.000000 
_atom_sites.fract_transf_matrix[3][2]   0.000000 
_atom_sites.fract_transf_matrix[3][3]   1.000000 
_atom_sites.fract_transf_vector[1]      0.00000 
_atom_sites.fract_transf_vector[2]      0.00000 
_atom_sites.fract_transf_vector[3]      0.00000 
# 
loop_
_atom_type.symbol 
C 
H 
N 
O 
S 
# 
loop_
_atom_site.group_PDB 
_atom_site.id 
_atom_site.type_symbol 
_atom_site.label_atom_id 
_atom_site.label_alt_id 
_atom_site.label_comp_id 
_atom_site.label_asym_id 
_atom_site.label_entity_id 
_atom_site.label_seq_id 
_atom_site.pdbx_PDB_ins_code 
_atom_site.Cartn_x 
_atom_site.Cartn_y 
_atom_site.Cartn_z 
_atom_site.occupancy 
_atom_site.B_iso_or_equiv 
_atom_site.pdbx_formal_charge 
_atom_site.auth_seq_id 
_atom_site.auth_comp_id 
_atom_site.auth_asym_id 
_atom_site.auth_atom_id 
_atom_site.pdbx_PDB_model_num 
ATOM 1    N N    . SER A 1 1  ? 6.428   12.021  -9.995  1.00 0.00 ? 1  SER A N    1 
ATOM 2    C CA   . SER A 1 1  ? 5.143   11.381  -9.726  1.00 0.00 ? 1  SER A CA   1 
ATOM 3    C C    . SER A 1 1  ? 5.336   10.045  -9.049  1.00 0.00 ? 1  SER A C    1 
ATOM 4    O O    . SER A 1 1  ? 6.434   9.479   -9.018  1.00 0.00 ? 1  SER A O    1 
ATOM 5    C CB   . SER A 1 1  ? 4.311   11.247  -11.025 1.00 0.00 ? 1  SER A CB   1 
ATOM 6    O OG   . SER A 1 1  ? 3.296   12.250  -11.142 1.00 0.00 ? 1  SER A OG   1 
ATOM 7    H H1   . SER A 1 1  ? 7.049   11.355  -10.476 1.00 0.00 ? 1  SER A H1   1 
ATOM 8    H H2   . SER A 1 1  ? 6.282   12.847  -10.594 1.00 0.00 ? 1  SER A H2   1 
ATOM 9    H H3   . SER A 1 1  ? 6.859   12.313  -9.107  1.00 0.00 ? 1  SER A H3   1 
ATOM 10   H HA   . SER A 1 1  ? 4.586   12.022  -9.018  1.00 0.00 ? 1  SER A HA   1 
ATOM 11   H HB2  . SER A 1 1  ? 4.979   11.324  -11.906 1.00 0.00 ? 1  SER A HB2  1 
ATOM 12   H HB3  . SER A 1 1  ? 3.851   10.243  -11.103 1.00 0.00 ? 1  SER A HB3  1 
ATOM 13   H HG   . SER A 1 1  ? 2.834   12.290  -10.299 1.00 0.00 ? 1  SER A HG   1 
ATOM 14   N N    . ALA A 1 2  ? 4.259   9.514   -8.502  1.00 0.00 ? 2  ALA A N    1 
ATOM 15   C CA   . ALA A 1 2  ? 4.300   8.235   -7.799  1.00 0.00 ? 2  ALA A CA   1 
ATOM 16   C C    . ALA A 1 2  ? 2.907   7.686   -7.593  1.00 0.00 ? 2  ALA A C    1 
ATOM 17   O O    . ALA A 1 2  ? 2.282   7.863   -6.543  1.00 0.00 ? 2  ALA A O    1 
ATOM 18   C CB   . ALA A 1 2  ? 5.056   8.453   -6.477  1.00 0.00 ? 2  ALA A CB   1 
ATOM 19   H H    . ALA A 1 2  ? 3.355   10.050  -8.638  1.00 0.00 ? 2  ALA A H    1 
ATOM 20   H HA   . ALA A 1 2  ? 4.850   7.505   -8.423  1.00 0.00 ? 2  ALA A HA   1 
ATOM 21   H HB1  . ALA A 1 2  ? 6.086   8.818   -6.649  1.00 0.00 ? 2  ALA A HB1  1 
ATOM 22   H HB2  . ALA A 1 2  ? 4.553   9.195   -5.827  1.00 0.00 ? 2  ALA A HB2  1 
ATOM 23   H HB3  . ALA A 1 2  ? 5.144   7.517   -5.894  1.00 0.00 ? 2  ALA A HB3  1 
ATOM 24   N N    . LYS A 1 3  ? 2.402   6.998   -8.600  1.00 0.00 ? 3  LYS A N    1 
ATOM 25   C CA   . LYS A 1 3  ? 1.073   6.396   -8.539  1.00 0.00 ? 3  LYS A CA   1 
ATOM 26   C C    . LYS A 1 3  ? 1.133   5.017   -7.924  1.00 0.00 ? 3  LYS A C    1 
ATOM 27   O O    . LYS A 1 3  ? 0.254   4.601   -7.162  1.00 0.00 ? 3  LYS A O    1 
ATOM 28   C CB   . LYS A 1 3  ? 0.466   6.340   -9.968  1.00 0.00 ? 3  LYS A CB   1 
ATOM 29   C CG   . LYS A 1 3  ? -1.054  6.040   -9.982  1.00 0.00 ? 3  LYS A CG   1 
ATOM 30   C CD   . LYS A 1 3  ? -1.666  5.880   -11.377 1.00 0.00 ? 3  LYS A CD   1 
ATOM 31   C CE   . LYS A 1 3  ? -1.503  4.425   -11.836 1.00 0.00 ? 3  LYS A CE   1 
ATOM 32   N NZ   . LYS A 1 3  ? -1.099  4.402   -13.253 1.00 0.00 ? 3  LYS A NZ   1 
ATOM 33   H H    . LYS A 1 3  ? 3.017   6.915   -9.460  1.00 0.00 ? 3  LYS A H    1 
ATOM 34   H HA   . LYS A 1 3  ? 0.436   7.023   -7.890  1.00 0.00 ? 3  LYS A HA   1 
ATOM 35   H HB2  . LYS A 1 3  ? 0.650   7.301   -10.489 1.00 0.00 ? 3  LYS A HB2  1 
ATOM 36   H HB3  . LYS A 1 3  ? 1.005   5.580   -10.572 1.00 0.00 ? 3  LYS A HB3  1 
ATOM 37   H HG2  . LYS A 1 3  ? -1.263  5.098   -9.440  1.00 0.00 ? 3  LYS A HG2  1 
ATOM 38   H HG3  . LYS A 1 3  ? -1.593  6.829   -9.421  1.00 0.00 ? 3  LYS A HG3  1 
ATOM 39   H HD2  . LYS A 1 3  ? -2.731  6.181   -11.355 1.00 0.00 ? 3  LYS A HD2  1 
ATOM 40   H HD3  . LYS A 1 3  ? -1.161  6.565   -12.088 1.00 0.00 ? 3  LYS A HD3  1 
ATOM 41   H HE2  . LYS A 1 3  ? -0.750  3.901   -11.210 1.00 0.00 ? 3  LYS A HE2  1 
ATOM 42   H HE3  . LYS A 1 3  ? -2.448  3.857   -11.709 1.00 0.00 ? 3  LYS A HE3  1 
ATOM 43   H HZ1  . LYS A 1 3  ? -1.269  5.325   -13.675 1.00 0.00 ? 3  LYS A HZ1  1 
ATOM 44   H HZ2  . LYS A 1 3  ? -0.098  4.172   -13.321 1.00 0.00 ? 3  LYS A HZ2  1 
ATOM 45   H HZ3  . LYS A 1 3  ? -1.649  3.689   -13.755 1.00 0.00 ? 3  LYS A HZ3  1 
ATOM 46   N N    . MET A 1 4  ? 2.188   4.290   -8.237  1.00 0.00 ? 4  MET A N    1 
ATOM 47   C CA   . MET A 1 4  ? 2.369   2.928   -7.740  1.00 0.00 ? 4  MET A CA   1 
ATOM 48   C C    . MET A 1 4  ? 3.261   2.880   -6.521  1.00 0.00 ? 4  MET A C    1 
ATOM 49   O O    . MET A 1 4  ? 3.248   1.905   -5.753  1.00 0.00 ? 4  MET A O    1 
ATOM 50   C CB   . MET A 1 4  ? 2.945   2.032   -8.872  1.00 0.00 ? 4  MET A CB   1 
ATOM 51   C CG   . MET A 1 4  ? 2.280   2.190   -10.256 1.00 0.00 ? 4  MET A CG   1 
ATOM 52   S SD   . MET A 1 4  ? 2.931   0.955   -11.392 1.00 0.00 ? 4  MET A SD   1 
ATOM 53   C CE   . MET A 1 4  ? 1.462   0.719   -12.401 1.00 0.00 ? 4  MET A CE   1 
ATOM 54   H H    . MET A 1 4  ? 2.896   4.750   -8.880  1.00 0.00 ? 4  MET A H    1 
ATOM 55   H HA   . MET A 1 4  ? 1.382   2.538   -7.427  1.00 0.00 ? 4  MET A HA   1 
ATOM 56   H HB2  . MET A 1 4  ? 4.034   2.210   -8.977  1.00 0.00 ? 4  MET A HB2  1 
ATOM 57   H HB3  . MET A 1 4  ? 2.858   0.969   -8.576  1.00 0.00 ? 4  MET A HB3  1 
ATOM 58   H HG2  . MET A 1 4  ? 1.183   2.064   -10.167 1.00 0.00 ? 4  MET A HG2  1 
ATOM 59   H HG3  . MET A 1 4  ? 2.449   3.199   -10.677 1.00 0.00 ? 4  MET A HG3  1 
ATOM 60   H HE1  . MET A 1 4  ? 0.550   0.998   -11.842 1.00 0.00 ? 4  MET A HE1  1 
ATOM 61   H HE2  . MET A 1 4  ? 1.516   1.343   -13.311 1.00 0.00 ? 4  MET A HE2  1 
ATOM 62   H HE3  . MET A 1 4  ? 1.370   -0.337  -12.711 1.00 0.00 ? 4  MET A HE3  1 
ATOM 63   N N    . ARG A 1 5  ? 4.067   3.906   -6.326  1.00 0.00 ? 5  ARG A N    1 
ATOM 64   C CA   . ARG A 1 5  ? 4.944   3.990   -5.160  1.00 0.00 ? 5  ARG A CA   1 
ATOM 65   C C    . ARG A 1 5  ? 4.164   4.414   -3.937  1.00 0.00 ? 5  ARG A C    1 
ATOM 66   O O    . ARG A 1 5  ? 4.264   3.812   -2.861  1.00 0.00 ? 5  ARG A O    1 
ATOM 67   C CB   . ARG A 1 5  ? 6.109   4.969   -5.474  1.00 0.00 ? 5  ARG A CB   1 
ATOM 68   C CG   . ARG A 1 5  ? 7.271   4.349   -6.297  1.00 0.00 ? 5  ARG A CG   1 
ATOM 69   C CD   . ARG A 1 5  ? 7.885   5.340   -7.295  1.00 0.00 ? 5  ARG A CD   1 
ATOM 70   N NE   . ARG A 1 5  ? 6.975   5.456   -8.461  1.00 0.00 ? 5  ARG A NE   1 
ATOM 71   C CZ   . ARG A 1 5  ? 7.309   5.230   -9.725  1.00 0.00 ? 5  ARG A CZ   1 
ATOM 72   N NH1  . ARG A 1 5  ? 8.495   4.870   -10.117 1.00 0.00 ? 5  ARG A NH1  1 
ATOM 73   N NH2  . ARG A 1 5  ? 6.394   5.380   -10.617 1.00 0.00 ? 5  ARG A NH2  1 
ATOM 74   H H    . ARG A 1 5  ? 4.080   4.639   -7.090  1.00 0.00 ? 5  ARG A H    1 
ATOM 75   H HA   . ARG A 1 5  ? 5.349   2.980   -4.962  1.00 0.00 ? 5  ARG A HA   1 
ATOM 76   H HB2  . ARG A 1 5  ? 5.722   5.845   -6.030  1.00 0.00 ? 5  ARG A HB2  1 
ATOM 77   H HB3  . ARG A 1 5  ? 6.504   5.388   -4.527  1.00 0.00 ? 5  ARG A HB3  1 
ATOM 78   H HG2  . ARG A 1 5  ? 8.077   3.981   -5.630  1.00 0.00 ? 5  ARG A HG2  1 
ATOM 79   H HG3  . ARG A 1 5  ? 6.915   3.451   -6.842  1.00 0.00 ? 5  ARG A HG3  1 
ATOM 80   H HD2  . ARG A 1 5  ? 8.030   6.330   -6.816  1.00 0.00 ? 5  ARG A HD2  1 
ATOM 81   H HD3  . ARG A 1 5  ? 8.887   4.988   -7.620  1.00 0.00 ? 5  ARG A HD3  1 
ATOM 82   H HE   . ARG A 1 5  ? 6.001   5.736   -8.274  1.00 0.00 ? 5  ARG A HE   1 
ATOM 83   H HH11 . ARG A 1 5  ? 9.160   4.776   -9.348  1.00 0.00 ? 5  ARG A HH11 1 
ATOM 84   H HH12 . ARG A 1 5  ? 8.630   4.727   -11.117 1.00 0.00 ? 5  ARG A HH12 1 
ATOM 85   H HH21 . ARG A 1 5  ? 5.503   5.663   -10.206 1.00 0.00 ? 5  ARG A HH21 1 
ATOM 86   H HH22 . ARG A 1 5  ? 6.644   5.210   -11.589 1.00 0.00 ? 5  ARG A HH22 1 
ATOM 87   N N    . GLU A 1 6  ? 3.387   5.472   -4.081  1.00 0.00 ? 6  GLU A N    1 
ATOM 88   C CA   . GLU A 1 6  ? 2.539   5.953   -2.992  1.00 0.00 ? 6  GLU A CA   1 
ATOM 89   C C    . GLU A 1 6  ? 1.524   4.896   -2.615  1.00 0.00 ? 6  GLU A C    1 
ATOM 90   O O    . GLU A 1 6  ? 1.139   4.729   -1.454  1.00 0.00 ? 6  GLU A O    1 
ATOM 91   C CB   . GLU A 1 6  ? 1.851   7.274   -3.438  1.00 0.00 ? 6  GLU A CB   1 
ATOM 92   C CG   . GLU A 1 6  ? 2.781   8.473   -3.818  1.00 0.00 ? 6  GLU A CG   1 
ATOM 93   C CD   . GLU A 1 6  ? 3.661   9.087   -2.726  1.00 0.00 ? 6  GLU A CD   1 
ATOM 94   O OE1  . GLU A 1 6  ? 2.958   9.703   -1.735  1.00 0.00 ? 6  GLU A OE1  1 
ATOM 95   O OE2  . GLU A 1 6  ? 4.884   9.029   -2.745  1.00 0.00 ? 6  GLU A OE2  1 
ATOM 96   H H    . GLU A 1 6  ? 3.385   5.920   -5.041  1.00 0.00 ? 6  GLU A H    1 
ATOM 97   H HA   . GLU A 1 6  ? 3.170   6.147   -2.105  1.00 0.00 ? 6  GLU A HA   1 
ATOM 98   H HB2  . GLU A 1 6  ? 1.191   7.057   -4.300  1.00 0.00 ? 6  GLU A HB2  1 
ATOM 99   H HB3  . GLU A 1 6  ? 1.154   7.598   -2.640  1.00 0.00 ? 6  GLU A HB3  1 
ATOM 100  H HG2  . GLU A 1 6  ? 3.457   8.173   -4.641  1.00 0.00 ? 6  GLU A HG2  1 
ATOM 101  H HG3  . GLU A 1 6  ? 2.182   9.298   -4.247  1.00 0.00 ? 6  GLU A HG3  1 
ATOM 102  N N    . TRP A 1 7  ? 1.084   4.149   -3.611  1.00 0.00 ? 7  TRP A N    1 
ATOM 103  C CA   . TRP A 1 7  ? 0.144   3.051   -3.409  1.00 0.00 ? 7  TRP A CA   1 
ATOM 104  C C    . TRP A 1 7  ? 0.828   1.862   -2.776  1.00 0.00 ? 7  TRP A C    1 
ATOM 105  O O    . TRP A 1 7  ? 0.200   1.047   -2.084  1.00 0.00 ? 7  TRP A O    1 
ATOM 106  C CB   . TRP A 1 7  ? -0.469  2.652   -4.780  1.00 0.00 ? 7  TRP A CB   1 
ATOM 107  C CG   . TRP A 1 7  ? -1.294  1.361   -4.785  1.00 0.00 ? 7  TRP A CG   1 
ATOM 108  C CD1  . TRP A 1 7  ? -2.701  1.283   -4.732  1.00 0.00 ? 7  TRP A CD1  1 
ATOM 109  C CD2  . TRP A 1 7  ? -0.849  0.063   -4.929  1.00 0.00 ? 7  TRP A CD2  1 
ATOM 110  N NE1  . TRP A 1 7  ? -3.152  -0.047  -4.838  1.00 0.00 ? 7  TRP A NE1  1 
ATOM 111  C CE2  . TRP A 1 7  ? -1.985  -0.785  -4.960  1.00 0.00 ? 7  TRP A CE2  1 
ATOM 112  C CE3  . TRP A 1 7  ? 0.457   -0.474  -5.061  1.00 0.00 ? 7  TRP A CE3  1 
ATOM 113  C CZ2  . TRP A 1 7  ? -1.820  -2.179  -5.112  1.00 0.00 ? 7  TRP A CZ2  1 
ATOM 114  C CZ3  . TRP A 1 7  ? 0.595   -1.854  -5.205  1.00 0.00 ? 7  TRP A CZ3  1 
ATOM 115  C CH2  . TRP A 1 7  ? -0.526  -2.696  -5.228  1.00 0.00 ? 7  TRP A CH2  1 
ATOM 116  H H    . TRP A 1 7  ? 1.420   4.420   -4.582  1.00 0.00 ? 7  TRP A H    1 
ATOM 117  H HA   . TRP A 1 7  ? -0.656  3.379   -2.715  1.00 0.00 ? 7  TRP A HA   1 
ATOM 118  H HB2  . TRP A 1 7  ? -1.089  3.485   -5.176  1.00 0.00 ? 7  TRP A HB2  1 
ATOM 119  H HB3  . TRP A 1 7  ? 0.335   2.536   -5.538  1.00 0.00 ? 7  TRP A HB3  1 
ATOM 120  H HD1  . TRP A 1 7  ? -3.350  2.146   -4.669  1.00 0.00 ? 7  TRP A HD1  1 
ATOM 121  H HE1  . TRP A 1 7  ? -4.118  -0.391  -4.866  1.00 0.00 ? 7  TRP A HE1  1 
ATOM 122  H HE3  . TRP A 1 7  ? 1.328   0.169   -5.048  1.00 0.00 ? 7  TRP A HE3  1 
ATOM 123  H HZ2  . TRP A 1 7  ? -2.680  -2.829  -5.137  1.00 0.00 ? 7  TRP A HZ2  1 
ATOM 124  H HZ3  . TRP A 1 7  ? 1.583   -2.281  -5.298  1.00 0.00 ? 7  TRP A HZ3  1 
ATOM 125  H HH2  . TRP A 1 7  ? -0.388  -3.761  -5.337  1.00 0.00 ? 7  TRP A HH2  1 
ATOM 126  N N    . PHE A 1 8  ? 2.121   1.726   -3.008  1.00 0.00 ? 8  PHE A N    1 
ATOM 127  C CA   . PHE A 1 8  ? 2.900   0.638   -2.418  1.00 0.00 ? 8  PHE A CA   1 
ATOM 128  C C    . PHE A 1 8  ? 2.757   0.645   -0.914  1.00 0.00 ? 8  PHE A C    1 
ATOM 129  O O    . PHE A 1 8  ? 2.690   -0.397  -0.253  1.00 0.00 ? 8  PHE A O    1 
ATOM 130  C CB   . PHE A 1 8  ? 4.409   0.787   -2.778  1.00 0.00 ? 8  PHE A CB   1 
ATOM 131  C CG   . PHE A 1 8  ? 5.284   -0.467  -2.610  1.00 0.00 ? 8  PHE A CG   1 
ATOM 132  C CD1  . PHE A 1 8  ? 5.112   -1.285  -1.487  1.00 0.00 ? 8  PHE A CD1  1 
ATOM 133  C CD2  . PHE A 1 8  ? 6.232   -0.817  -3.575  1.00 0.00 ? 8  PHE A CD2  1 
ATOM 134  C CE1  . PHE A 1 8  ? 5.890   -2.425  -1.321  1.00 0.00 ? 8  PHE A CE1  1 
ATOM 135  C CE2  . PHE A 1 8  ? 7.008   -1.961  -3.412  1.00 0.00 ? 8  PHE A CE2  1 
ATOM 136  C CZ   . PHE A 1 8  ? 6.839   -2.763  -2.283  1.00 0.00 ? 8  PHE A CZ   1 
ATOM 137  H H    . PHE A 1 8  ? 2.556   2.444   -3.654  1.00 0.00 ? 8  PHE A H    1 
ATOM 138  H HA   . PHE A 1 8  ? 2.514   -0.325  -2.800  1.00 0.00 ? 8  PHE A HA   1 
ATOM 139  H HB2  . PHE A 1 8  ? 4.510   1.155   -3.819  1.00 0.00 ? 8  PHE A HB2  1 
ATOM 140  H HB3  . PHE A 1 8  ? 4.852   1.603   -2.173  1.00 0.00 ? 8  PHE A HB3  1 
ATOM 141  H HD1  . PHE A 1 8  ? 4.401   -1.009  -0.718  1.00 0.00 ? 8  PHE A HD1  1 
ATOM 142  H HD2  . PHE A 1 8  ? 6.384   -0.188  -4.441  1.00 0.00 ? 8  PHE A HD2  1 
ATOM 143  H HE1  . PHE A 1 8  ? 5.749   -3.048  -0.450  1.00 0.00 ? 8  PHE A HE1  1 
ATOM 144  H HE2  . PHE A 1 8  ? 7.748   -2.222  -4.154  1.00 0.00 ? 8  PHE A HE2  1 
ATOM 145  H HZ   . PHE A 1 8  ? 7.445   -3.647  -2.151  1.00 0.00 ? 8  PHE A HZ   1 
ATOM 146  N N    . SER A 1 9  ? 2.728   1.839   -0.347  1.00 0.00 ? 9  SER A N    1 
ATOM 147  C CA   . SER A 1 9  ? 2.548   2.004   1.094   1.00 0.00 ? 9  SER A CA   1 
ATOM 148  C C    . SER A 1 9  ? 1.141   1.632   1.498   1.00 0.00 ? 9  SER A C    1 
ATOM 149  O O    . SER A 1 9  ? 0.882   1.105   2.586   1.00 0.00 ? 9  SER A O    1 
ATOM 150  C CB   . SER A 1 9  ? 2.909   3.444   1.539   1.00 0.00 ? 9  SER A CB   1 
ATOM 151  O OG   . SER A 1 9  ? 2.849   3.617   2.960   1.00 0.00 ? 9  SER A OG   1 
ATOM 152  H H    . SER A 1 9  ? 2.854   2.667   -0.997  1.00 0.00 ? 9  SER A H    1 
ATOM 153  H HA   . SER A 1 9  ? 3.229   1.299   1.606   1.00 0.00 ? 9  SER A HA   1 
ATOM 154  H HB2  . SER A 1 9  ? 3.910   3.738   1.172   1.00 0.00 ? 9  SER A HB2  1 
ATOM 155  H HB3  . SER A 1 9  ? 2.210   4.165   1.072   1.00 0.00 ? 9  SER A HB3  1 
ATOM 156  H HG   . SER A 1 9  ? 2.030   4.077   3.159   1.00 0.00 ? 9  SER A HG   1 
ATOM 157  N N    . GLU A 1 10 ? 0.201   1.893   0.608   1.00 0.00 ? 10 GLU A N    1 
ATOM 158  C CA   . GLU A 1 10 ? -1.200  1.547   0.831   1.00 0.00 ? 10 GLU A CA   1 
ATOM 159  C C    . GLU A 1 10 ? -1.525  0.141   0.385   1.00 0.00 ? 10 GLU A C    1 
ATOM 160  O O    . GLU A 1 10 ? -2.701  -0.240  0.266   1.00 0.00 ? 10 GLU A O    1 
ATOM 161  C CB   . GLU A 1 10 ? -2.074  2.587   0.068   1.00 0.00 ? 10 GLU A CB   1 
ATOM 162  C CG   . GLU A 1 10 ? -1.734  4.099   0.291   1.00 0.00 ? 10 GLU A CG   1 
ATOM 163  C CD   . GLU A 1 10 ? -2.883  5.081   0.533   1.00 0.00 ? 10 GLU A CD   1 
ATOM 164  O OE1  . GLU A 1 10 ? -3.498  5.622   -0.376  1.00 0.00 ? 10 GLU A OE1  1 
ATOM 165  O OE2  . GLU A 1 10 ? -3.153  5.294   1.850   1.00 0.00 ? 10 GLU A OE2  1 
ATOM 166  H H    . GLU A 1 10 ? 0.514   2.412   -0.263  1.00 0.00 ? 10 GLU A H    1 
ATOM 167  H HA   . GLU A 1 10 ? -1.408  1.609   1.916   1.00 0.00 ? 10 GLU A HA   1 
ATOM 168  H HB2  . GLU A 1 10 ? -2.005  2.372   -1.017  1.00 0.00 ? 10 GLU A HB2  1 
ATOM 169  H HB3  . GLU A 1 10 ? -3.139  2.412   0.313   1.00 0.00 ? 10 GLU A HB3  1 
ATOM 170  H HG2  . GLU A 1 10 ? -1.043  4.201   1.150   1.00 0.00 ? 10 GLU A HG2  1 
ATOM 171  H HG3  . GLU A 1 10 ? -1.156  4.489   -0.568  1.00 0.00 ? 10 GLU A HG3  1 
ATOM 172  N N    . THR A 1 11 ? -0.514  -0.669  0.143   1.00 0.00 ? 11 THR A N    1 
ATOM 173  C CA   . THR A 1 11 ? -0.697  -2.061  -0.266  1.00 0.00 ? 11 THR A CA   1 
ATOM 174  C C    . THR A 1 11 ? -0.179  -3.000  0.798   1.00 0.00 ? 11 THR A C    1 
ATOM 175  O O    . THR A 1 11 ? -0.747  -4.061  1.075   1.00 0.00 ? 11 THR A O    1 
ATOM 176  C CB   . THR A 1 11 ? 0.017   -2.321  -1.636  1.00 0.00 ? 11 THR A CB   1 
ATOM 177  O OG1  . THR A 1 11 ? -0.599  -1.564  -2.669  1.00 0.00 ? 11 THR A OG1  1 
ATOM 178  C CG2  . THR A 1 11 ? -0.004  -3.775  -2.157  1.00 0.00 ? 11 THR A CG2  1 
ATOM 179  H H    . THR A 1 11 ? 0.454   -0.246  0.218   1.00 0.00 ? 11 THR A H    1 
ATOM 180  H HA   . THR A 1 11 ? -1.777  -2.257  -0.385  1.00 0.00 ? 11 THR A HA   1 
ATOM 181  H HB   . THR A 1 11 ? 1.076   -1.996  -1.541  1.00 0.00 ? 11 THR A HB   1 
ATOM 182  H HG1  . THR A 1 11 ? -0.072  -1.711  -3.460  1.00 0.00 ? 11 THR A HG1  1 
ATOM 183  H HG21 . THR A 1 11 ? -1.037  -4.152  -2.278  1.00 0.00 ? 11 THR A HG21 1 
ATOM 184  H HG22 . THR A 1 11 ? 0.498   -3.873  -3.137  1.00 0.00 ? 11 THR A HG22 1 
ATOM 185  H HG23 . THR A 1 11 ? 0.521   -4.474  -1.480  1.00 0.00 ? 11 THR A HG23 1 
ATOM 186  N N    . PHE A 1 12 ? 0.924   -2.616  1.414   1.00 0.00 ? 12 PHE A N    1 
ATOM 187  C CA   . PHE A 1 12 ? 1.522   -3.399  2.494   1.00 0.00 ? 12 PHE A CA   1 
ATOM 188  C C    . PHE A 1 12 ? 0.658   -3.327  3.733   1.00 0.00 ? 12 PHE A C    1 
ATOM 189  O O    . PHE A 1 12 ? 0.455   -4.308  4.455   1.00 0.00 ? 12 PHE A O    1 
ATOM 190  C CB   . PHE A 1 12 ? 2.944   -2.854  2.821   1.00 0.00 ? 12 PHE A CB   1 
ATOM 191  C CG   . PHE A 1 12 ? 3.866   -3.774  3.637   1.00 0.00 ? 12 PHE A CG   1 
ATOM 192  C CD1  . PHE A 1 12 ? 4.249   -5.013  3.108   1.00 0.00 ? 12 PHE A CD1  1 
ATOM 193  C CD2  . PHE A 1 12 ? 4.363   -3.374  4.880   1.00 0.00 ? 12 PHE A CD2  1 
ATOM 194  C CE1  . PHE A 1 12 ? 5.100   -5.848  3.822   1.00 0.00 ? 12 PHE A CE1  1 
ATOM 195  C CE2  . PHE A 1 12 ? 5.216   -4.213  5.594   1.00 0.00 ? 12 PHE A CE2  1 
ATOM 196  C CZ   . PHE A 1 12 ? 5.582   -5.450  5.066   1.00 0.00 ? 12 PHE A CZ   1 
ATOM 197  H H    . PHE A 1 12 ? 1.328   -1.682  1.115   1.00 0.00 ? 12 PHE A H    1 
ATOM 198  H HA   . PHE A 1 12 ? 1.586   -4.458  2.182   1.00 0.00 ? 12 PHE A HA   1 
ATOM 199  H HB2  . PHE A 1 12 ? 3.460   -2.575  1.877   1.00 0.00 ? 12 PHE A HB2  1 
ATOM 200  H HB3  . PHE A 1 12 ? 2.852   -1.888  3.356   1.00 0.00 ? 12 PHE A HB3  1 
ATOM 201  H HD1  . PHE A 1 12 ? 3.847   -5.346  2.160   1.00 0.00 ? 12 PHE A HD1  1 
ATOM 202  H HD2  . PHE A 1 12 ? 4.065   -2.426  5.305   1.00 0.00 ? 12 PHE A HD2  1 
ATOM 203  H HE1  . PHE A 1 12 ? 5.380   -6.807  3.409   1.00 0.00 ? 12 PHE A HE1  1 
ATOM 204  H HE2  . PHE A 1 12 ? 5.591   -3.903  6.559   1.00 0.00 ? 12 PHE A HE2  1 
ATOM 205  H HZ   . PHE A 1 12 ? 6.239   -6.102  5.622   1.00 0.00 ? 12 PHE A HZ   1 
ATOM 206  N N    . GLN A 1 13 ? 0.132   -2.143  3.993   1.00 0.00 ? 13 GLN A N    1 
ATOM 207  C CA   . GLN A 1 13 ? -0.769  -1.929  5.122   1.00 0.00 ? 13 GLN A CA   1 
ATOM 208  C C    . GLN A 1 13 ? -2.160  -2.440  4.825   1.00 0.00 ? 13 GLN A C    1 
ATOM 209  O O    . GLN A 1 13 ? -3.003  -2.573  5.723   1.00 0.00 ? 13 GLN A O    1 
ATOM 210  C CB   . GLN A 1 13 ? -0.796  -0.422  5.459   1.00 0.00 ? 13 GLN A CB   1 
ATOM 211  C CG   . GLN A 1 13 ? 0.593   0.293   5.547   1.00 0.00 ? 13 GLN A CG   1 
ATOM 212  C CD   . GLN A 1 13 ? 0.972   1.039   6.833   1.00 0.00 ? 13 GLN A CD   1 
ATOM 213  O OE1  . GLN A 1 13 ? 2.106   0.986   7.282   1.00 0.00 ? 13 GLN A OE1  1 
ATOM 214  N NE2  . GLN A 1 13 ? 0.079   1.767   7.453   1.00 0.00 ? 13 GLN A NE2  1 
ATOM 215  H H    . GLN A 1 13 ? 0.398   -1.357  3.335   1.00 0.00 ? 13 GLN A H    1 
ATOM 216  H HA   . GLN A 1 13 ? -0.387  -2.511  5.984   1.00 0.00 ? 13 GLN A HA   1 
ATOM 217  H HB2  . GLN A 1 13 ? -1.414  0.104   4.704   1.00 0.00 ? 13 GLN A HB2  1 
ATOM 218  H HB3  . GLN A 1 13 ? -1.334  -0.285  6.421   1.00 0.00 ? 13 GLN A HB3  1 
ATOM 219  H HG2  . GLN A 1 13 ? 1.411   -0.439  5.404   1.00 0.00 ? 13 GLN A HG2  1 
ATOM 220  H HG3  . GLN A 1 13 ? 0.709   1.002   4.707   1.00 0.00 ? 13 GLN A HG3  1 
ATOM 221  H HE21 . GLN A 1 13 ? -0.856  1.747   7.046   1.00 0.00 ? 13 GLN A HE21 1 
ATOM 222  H HE22 . GLN A 1 13 ? 0.415   2.236   8.298   1.00 0.00 ? 13 GLN A HE22 1 
ATOM 223  N N    . LYS A 1 14 ? -2.445  -2.700  3.564   1.00 0.00 ? 14 LYS A N    1 
ATOM 224  C CA   . LYS A 1 14 ? -3.712  -3.306  3.164   1.00 0.00 ? 14 LYS A CA   1 
ATOM 225  C C    . LYS A 1 14 ? -3.731  -4.775  3.520   1.00 0.00 ? 14 LYS A C    1 
ATOM 226  O O    . LYS A 1 14 ? -4.786  -5.388  3.719   1.00 0.00 ? 14 LYS A O    1 
ATOM 227  C CB   . LYS A 1 14 ? -3.928  -3.103  1.640   1.00 0.00 ? 14 LYS A CB   1 
ATOM 228  C CG   . LYS A 1 14 ? -5.421  -3.057  1.226   1.00 0.00 ? 14 LYS A CG   1 
ATOM 229  C CD   . LYS A 1 14 ? -6.110  -4.423  1.144   1.00 0.00 ? 14 LYS A CD   1 
ATOM 230  C CE   . LYS A 1 14 ? -5.188  -5.415  0.424   1.00 0.00 ? 14 LYS A CE   1 
ATOM 231  N NZ   . LYS A 1 14 ? -5.556  -6.791  0.804   1.00 0.00 ? 14 LYS A NZ   1 
ATOM 232  H H    . LYS A 1 14 ? -1.726  -2.393  2.849   1.00 0.00 ? 14 LYS A H    1 
ATOM 233  H HA   . LYS A 1 14 ? -4.530  -2.814  3.723   1.00 0.00 ? 14 LYS A HA   1 
ATOM 234  H HB2  . LYS A 1 14 ? -3.434  -2.165  1.315   1.00 0.00 ? 14 LYS A HB2  1 
ATOM 235  H HB3  . LYS A 1 14 ? -3.408  -3.907  1.079   1.00 0.00 ? 14 LYS A HB3  1 
ATOM 236  H HG2  . LYS A 1 14 ? -6.001  -2.460  1.955   1.00 0.00 ? 14 LYS A HG2  1 
ATOM 237  H HG3  . LYS A 1 14 ? -5.521  -2.525  0.260   1.00 0.00 ? 14 LYS A HG3  1 
ATOM 238  H HD2  . LYS A 1 14 ? -6.367  -4.774  2.162   1.00 0.00 ? 14 LYS A HD2  1 
ATOM 239  H HD3  . LYS A 1 14 ? -7.069  -4.325  0.596   1.00 0.00 ? 14 LYS A HD3  1 
ATOM 240  H HE2  . LYS A 1 14 ? -5.260  -5.285  -0.677  1.00 0.00 ? 14 LYS A HE2  1 
ATOM 241  H HE3  . LYS A 1 14 ? -4.124  -5.231  0.680   1.00 0.00 ? 14 LYS A HE3  1 
ATOM 242  H HZ1  . LYS A 1 14 ? -5.984  -6.785  1.741   1.00 0.00 ? 14 LYS A HZ1  1 
ATOM 243  H HZ2  . LYS A 1 14 ? -6.230  -7.167  0.122   1.00 0.00 ? 14 LYS A HZ2  1 
ATOM 244  H HZ3  . LYS A 1 14 ? -4.713  -7.382  0.815   1.00 0.00 ? 14 LYS A HZ3  1 
ATOM 245  N N    . VAL A 1 15 ? -2.554  -5.365  3.621   1.00 0.00 ? 15 VAL A N    1 
ATOM 246  C CA   . VAL A 1 15 ? -2.415  -6.776  3.977   1.00 0.00 ? 15 VAL A CA   1 
ATOM 247  C C    . VAL A 1 15 ? -2.428  -6.962  5.475   1.00 0.00 ? 15 VAL A C    1 
ATOM 248  O O    . VAL A 1 15 ? -2.949  -7.952  6.003   1.00 0.00 ? 15 VAL A O    1 
ATOM 249  C CB   . VAL A 1 15 ? -1.082  -7.354  3.354   1.00 0.00 ? 15 VAL A CB   1 
ATOM 250  C CG1  . VAL A 1 15 ? -0.610  -8.734  3.892   1.00 0.00 ? 15 VAL A CG1  1 
ATOM 251  C CG2  . VAL A 1 15 ? -1.126  -7.510  1.815   1.00 0.00 ? 15 VAL A CG2  1 
ATOM 252  H H    . VAL A 1 15 ? -1.702  -4.759  3.437   1.00 0.00 ? 15 VAL A H    1 
ATOM 253  H HA   . VAL A 1 15 ? -3.281  -7.333  3.574   1.00 0.00 ? 15 VAL A HA   1 
ATOM 254  H HB   . VAL A 1 15 ? -0.271  -6.631  3.587   1.00 0.00 ? 15 VAL A HB   1 
ATOM 255  H HG11 . VAL A 1 15 ? -1.360  -9.531  3.728   1.00 0.00 ? 15 VAL A HG11 1 
ATOM 256  H HG12 . VAL A 1 15 ? 0.333   -9.068  3.418   1.00 0.00 ? 15 VAL A HG12 1 
ATOM 257  H HG13 . VAL A 1 15 ? -0.391  -8.711  4.976   1.00 0.00 ? 15 VAL A HG13 1 
ATOM 258  H HG21 . VAL A 1 15 ? -1.390  -6.562  1.312   1.00 0.00 ? 15 VAL A HG21 1 
ATOM 259  H HG22 . VAL A 1 15 ? -0.143  -7.810  1.403   1.00 0.00 ? 15 VAL A HG22 1 
ATOM 260  H HG23 . VAL A 1 15 ? -1.863  -8.267  1.490   1.00 0.00 ? 15 VAL A HG23 1 
ATOM 261  N N    . LYS A 1 16 ? -1.856  -6.007  6.185   1.00 0.00 ? 16 LYS A N    1 
ATOM 262  C CA   . LYS A 1 16 ? -1.818  -6.055  7.646   1.00 0.00 ? 16 LYS A CA   1 
ATOM 263  C C    . LYS A 1 16 ? -3.170  -5.731  8.237   1.00 0.00 ? 16 LYS A C    1 
ATOM 264  O O    . LYS A 1 16 ? -3.536  -6.193  9.325   1.00 0.00 ? 16 LYS A O    1 
ATOM 265  C CB   . LYS A 1 16 ? -0.729  -5.079  8.168   1.00 0.00 ? 16 LYS A CB   1 
ATOM 266  C CG   . LYS A 1 16 ? 0.675   -5.349  7.570   1.00 0.00 ? 16 LYS A CG   1 
ATOM 267  C CD   . LYS A 1 16 ? 1.847   -5.064  8.513   1.00 0.00 ? 16 LYS A CD   1 
ATOM 268  C CE   . LYS A 1 16 ? 1.908   -3.558  8.803   1.00 0.00 ? 16 LYS A CE   1 
ATOM 269  N NZ   . LYS A 1 16 ? 2.787   -3.316  9.961   1.00 0.00 ? 16 LYS A NZ   1 
ATOM 270  H H    . LYS A 1 16 ? -1.470  -5.183  5.638   1.00 0.00 ? 16 LYS A H    1 
ATOM 271  H HA   . LYS A 1 16 ? -1.568  -7.089  7.950   1.00 0.00 ? 16 LYS A HA   1 
ATOM 272  H HB2  . LYS A 1 16 ? -1.023  -4.035  7.946   1.00 0.00 ? 16 LYS A HB2  1 
ATOM 273  H HB3  . LYS A 1 16 ? -0.682  -5.132  9.275   1.00 0.00 ? 16 LYS A HB3  1 
ATOM 274  H HG2  . LYS A 1 16 ? 0.766   -6.412  7.274   1.00 0.00 ? 16 LYS A HG2  1 
ATOM 275  H HG3  . LYS A 1 16 ? 0.795   -4.772  6.631   1.00 0.00 ? 16 LYS A HG3  1 
ATOM 276  H HD2  . LYS A 1 16 ? 1.732   -5.651  9.444   1.00 0.00 ? 16 LYS A HD2  1 
ATOM 277  H HD3  . LYS A 1 16 ? 2.795   -5.401  8.045   1.00 0.00 ? 16 LYS A HD3  1 
ATOM 278  H HE2  . LYS A 1 16 ? 2.278   -3.006  7.913   1.00 0.00 ? 16 LYS A HE2  1 
ATOM 279  H HE3  . LYS A 1 16 ? 0.896   -3.149  9.011   1.00 0.00 ? 16 LYS A HE3  1 
ATOM 280  H HZ1  . LYS A 1 16 ? 2.770   -4.137  10.581  1.00 0.00 ? 16 LYS A HZ1  1 
ATOM 281  H HZ2  . LYS A 1 16 ? 3.749   -3.153  9.632   1.00 0.00 ? 16 LYS A HZ2  1 
ATOM 282  H HZ3  . LYS A 1 16 ? 2.455   -2.489  10.476  1.00 0.00 ? 16 LYS A HZ3  1 
ATOM 283  N N    . GLU A 1 17 ? -3.933  -4.916  7.536   1.00 0.00 ? 17 GLU A N    1 
ATOM 284  C CA   . GLU A 1 17 ? -5.280  -4.543  7.962   1.00 0.00 ? 17 GLU A CA   1 
ATOM 285  C C    . GLU A 1 17 ? -6.250  -5.688  7.792   1.00 0.00 ? 17 GLU A C    1 
ATOM 286  O O    . GLU A 1 17 ? -7.246  -5.808  8.517   1.00 0.00 ? 17 GLU A O    1 
ATOM 287  C CB   . GLU A 1 17 ? -5.722  -3.303  7.132   1.00 0.00 ? 17 GLU A CB   1 
ATOM 288  C CG   . GLU A 1 17 ? -6.319  -2.093  7.922   1.00 0.00 ? 17 GLU A CG   1 
ATOM 289  C CD   . GLU A 1 17 ? -6.363  -0.726  7.236   1.00 0.00 ? 17 GLU A CD   1 
ATOM 290  O OE1  . GLU A 1 17 ? -5.516  -0.356  6.434   1.00 0.00 ? 17 GLU A OE1  1 
ATOM 291  O OE2  . GLU A 1 17 ? -7.431  0.037   7.600   1.00 0.00 ? 17 GLU A OE2  1 
ATOM 292  H H    . GLU A 1 17 ? -3.533  -4.576  6.615   1.00 0.00 ? 17 GLU A H    1 
ATOM 293  H HA   . GLU A 1 17 ? -5.251  -4.283  9.035   1.00 0.00 ? 17 GLU A HA   1 
ATOM 294  H HB2  . GLU A 1 17 ? -4.857  -2.945  6.542   1.00 0.00 ? 17 GLU A HB2  1 
ATOM 295  H HB3  . GLU A 1 17 ? -6.454  -3.631  6.369   1.00 0.00 ? 17 GLU A HB3  1 
ATOM 296  H HG2  . GLU A 1 17 ? -7.354  -2.331  8.232   1.00 0.00 ? 17 GLU A HG2  1 
ATOM 297  H HG3  . GLU A 1 17 ? -5.775  -1.954  8.876   1.00 0.00 ? 17 GLU A HG3  1 
ATOM 298  N N    . LYS A 1 18 ? -5.988  -6.543  6.821   1.00 0.00 ? 18 LYS A N    1 
ATOM 299  C CA   . LYS A 1 18 ? -6.862  -7.677  6.533   1.00 0.00 ? 18 LYS A CA   1 
ATOM 300  C C    . LYS A 1 18 ? -6.747  -8.735  7.604   1.00 0.00 ? 18 LYS A C    1 
ATOM 301  O O    . LYS A 1 18 ? -7.720  -9.402  7.973   1.00 0.00 ? 18 LYS A O    1 
ATOM 302  C CB   . LYS A 1 18 ? -6.507  -8.259  5.136   1.00 0.00 ? 18 LYS A CB   1 
ATOM 303  C CG   . LYS A 1 18 ? -7.127  -7.463  3.961   1.00 0.00 ? 18 LYS A CG   1 
ATOM 304  C CD   . LYS A 1 18 ? -8.496  -7.964  3.496   1.00 0.00 ? 18 LYS A CD   1 
ATOM 305  C CE   . LYS A 1 18 ? -8.557  -7.925  1.963   1.00 0.00 ? 18 LYS A CE   1 
ATOM 306  N NZ   . LYS A 1 18 ? -8.206  -9.252  1.426   1.00 0.00 ? 18 LYS A NZ   1 
ATOM 307  H H    . LYS A 1 18 ? -5.084  -6.386  6.292   1.00 0.00 ? 18 LYS A H    1 
ATOM 308  H HA   . LYS A 1 18 ? -7.908  -7.320  6.529   1.00 0.00 ? 18 LYS A HA   1 
ATOM 309  H HB2  . LYS A 1 18 ? -5.406  -8.288  5.013   1.00 0.00 ? 18 LYS A HB2  1 
ATOM 310  H HB3  . LYS A 1 18 ? -6.827  -9.321  5.082   1.00 0.00 ? 18 LYS A HB3  1 
ATOM 311  H HG2  . LYS A 1 18 ? -7.263  -6.403  4.247   1.00 0.00 ? 18 LYS A HG2  1 
ATOM 312  H HG3  . LYS A 1 18 ? -6.420  -7.449  3.108   1.00 0.00 ? 18 LYS A HG3  1 
ATOM 313  H HD2  . LYS A 1 18 ? -8.673  -8.987  3.881   1.00 0.00 ? 18 LYS A HD2  1 
ATOM 314  H HD3  . LYS A 1 18 ? -9.296  -7.327  3.926   1.00 0.00 ? 18 LYS A HD3  1 
ATOM 315  H HE2  . LYS A 1 18 ? -9.568  -7.624  1.621   1.00 0.00 ? 18 LYS A HE2  1 
ATOM 316  H HE3  . LYS A 1 18 ? -7.861  -7.162  1.554   1.00 0.00 ? 18 LYS A HE3  1 
ATOM 317  H HZ1  . LYS A 1 18 ? -8.424  -9.975  2.125   1.00 0.00 ? 18 LYS A HZ1  1 
ATOM 318  H HZ2  . LYS A 1 18 ? -8.748  -9.429  0.568   1.00 0.00 ? 18 LYS A HZ2  1 
ATOM 319  H HZ3  . LYS A 1 18 ? -7.200  -9.279  1.206   1.00 0.00 ? 18 LYS A HZ3  1 
ATOM 320  N N    . LEU A 1 19 ? -5.549  -8.893  8.134   1.00 0.00 ? 19 LEU A N    1 
ATOM 321  C CA   . LEU A 1 19 ? -5.292  -9.873  9.187   1.00 0.00 ? 19 LEU A CA   1 
ATOM 322  C C    . LEU A 1 19 ? -6.108  -9.569  10.420  1.00 0.00 ? 19 LEU A C    1 
ATOM 323  O O    . LEU A 1 19 ? -7.229  -10.125 10.639  1.00 0.00 ? 19 LEU A O    1 
ATOM 324  C CB   . LEU A 1 19 ? -3.774  -9.926  9.523   1.00 0.00 ? 19 LEU A CB   1 
ATOM 325  C CG   . LEU A 1 19 ? -2.807  -10.494 8.449   1.00 0.00 ? 19 LEU A CG   1 
ATOM 326  C CD1  . LEU A 1 19 ? -1.331  -10.203 8.765   1.00 0.00 ? 19 LEU A CD1  1 
ATOM 327  C CD2  . LEU A 1 19 ? -3.016  -12.008 8.300   1.00 0.00 ? 19 LEU A CD2  1 
ATOM 328  O OXT  . LEU A 1 19 ? -5.608  -8.723  11.224  1.00 0.00 ? 19 LEU A OXT  1 
ATOM 329  H H    . LEU A 1 19 ? -4.785  -8.266  7.753   1.00 0.00 ? 19 LEU A H    1 
ATOM 330  H HA   . LEU A 1 19 ? -5.626  -10.864 8.831   1.00 0.00 ? 19 LEU A HA   1 
ATOM 331  H HB2  . LEU A 1 19 ? -3.433  -8.904  9.786   1.00 0.00 ? 19 LEU A HB2  1 
ATOM 332  H HB3  . LEU A 1 19 ? -3.641  -10.510 10.454  1.00 0.00 ? 19 LEU A HB3  1 
ATOM 333  H HG   . LEU A 1 19 ? -3.054  -10.020 7.476   1.00 0.00 ? 19 LEU A HG   1 
ATOM 334  H HD11 . LEU A 1 19 ? -1.175  -9.135  9.004   1.00 0.00 ? 19 LEU A HD11 1 
ATOM 335  H HD12 . LEU A 1 19 ? -0.978  -10.768 9.648   1.00 0.00 ? 19 LEU A HD12 1 
ATOM 336  H HD13 . LEU A 1 19 ? -0.664  -10.452 7.919   1.00 0.00 ? 19 LEU A HD13 1 
ATOM 337  H HD21 . LEU A 1 19 ? -4.076  -12.261 8.114   1.00 0.00 ? 19 LEU A HD21 1 
ATOM 338  H HD22 . LEU A 1 19 ? -2.427  -12.432 7.464   1.00 0.00 ? 19 LEU A HD22 1 
ATOM 339  H HD23 . LEU A 1 19 ? -2.719  -12.552 9.216   1.00 0.00 ? 19 LEU A HD23 1 
ATOM 340  N N    . SER A 1 1  ? 5.367   12.483  -7.565  1.00 0.00 ? 1  SER A N    2 
ATOM 341  C CA   . SER A 1 1  ? 5.301   11.583  -8.712  1.00 0.00 ? 1  SER A CA   2 
ATOM 342  C C    . SER A 1 1  ? 5.455   10.144  -8.279  1.00 0.00 ? 1  SER A C    2 
ATOM 343  O O    . SER A 1 1  ? 6.565   9.622   -8.122  1.00 0.00 ? 1  SER A O    2 
ATOM 344  C CB   . SER A 1 1  ? 6.354   11.971  -9.780  1.00 0.00 ? 1  SER A CB   2 
ATOM 345  O OG   . SER A 1 1  ? 5.975   13.124  -10.539 1.00 0.00 ? 1  SER A OG   2 
ATOM 346  H H1   . SER A 1 1  ? 4.748   12.136  -6.818  1.00 0.00 ? 1  SER A H1   2 
ATOM 347  H H2   . SER A 1 1  ? 6.335   12.524  -7.215  1.00 0.00 ? 1  SER A H2   2 
ATOM 348  H H3   . SER A 1 1  ? 5.066   13.425  -7.850  1.00 0.00 ? 1  SER A H3   2 
ATOM 349  H HA   . SER A 1 1  ? 4.295   11.677  -9.161  1.00 0.00 ? 1  SER A HA   2 
ATOM 350  H HB2  . SER A 1 1  ? 7.324   12.181  -9.289  1.00 0.00 ? 1  SER A HB2  2 
ATOM 351  H HB3  . SER A 1 1  ? 6.559   11.127  -10.466 1.00 0.00 ? 1  SER A HB3  2 
ATOM 352  H HG   . SER A 1 1  ? 5.417   13.669  -9.977  1.00 0.00 ? 1  SER A HG   2 
ATOM 353  N N    . ALA A 1 2  ? 4.334   9.478   -8.070  1.00 0.00 ? 2  ALA A N    2 
ATOM 354  C CA   . ALA A 1 2  ? 4.332   8.082   -7.643  1.00 0.00 ? 2  ALA A CA   2 
ATOM 355  C C    . ALA A 1 2  ? 2.928   7.529   -7.596  1.00 0.00 ? 2  ALA A C    2 
ATOM 356  O O    . ALA A 1 2  ? 2.206   7.655   -6.601  1.00 0.00 ? 2  ALA A O    2 
ATOM 357  C CB   . ALA A 1 2  ? 5.046   8.011   -6.282  1.00 0.00 ? 2  ALA A CB   2 
ATOM 358  H H    . ALA A 1 2  ? 3.436   10.017  -8.240  1.00 0.00 ? 2  ALA A H    2 
ATOM 359  H HA   . ALA A 1 2  ? 4.895   7.485   -8.386  1.00 0.00 ? 2  ALA A HA   2 
ATOM 360  H HB1  . ALA A 1 2  ? 6.086   8.385   -6.344  1.00 0.00 ? 2  ALA A HB1  2 
ATOM 361  H HB2  . ALA A 1 2  ? 4.531   8.614   -5.509  1.00 0.00 ? 2  ALA A HB2  2 
ATOM 362  H HB3  . ALA A 1 2  ? 5.104   6.975   -5.901  1.00 0.00 ? 2  ALA A HB3  2 
ATOM 363  N N    . LYS A 1 3  ? 2.523   6.886   -8.677  1.00 0.00 ? 3  LYS A N    2 
ATOM 364  C CA   . LYS A 1 3  ? 1.199   6.276   -8.767  1.00 0.00 ? 3  LYS A CA   2 
ATOM 365  C C    . LYS A 1 3  ? 1.194   4.905   -8.133  1.00 0.00 ? 3  LYS A C    2 
ATOM 366  O O    . LYS A 1 3  ? 0.250   4.501   -7.445  1.00 0.00 ? 3  LYS A O    2 
ATOM 367  C CB   . LYS A 1 3  ? 0.767   6.205   -10.258 1.00 0.00 ? 3  LYS A CB   2 
ATOM 368  C CG   . LYS A 1 3  ? -0.742  5.910   -10.452 1.00 0.00 ? 3  LYS A CG   2 
ATOM 369  C CD   . LYS A 1 3  ? -1.074  5.023   -11.654 1.00 0.00 ? 3  LYS A CD   2 
ATOM 370  C CE   . LYS A 1 3  ? -1.337  5.908   -12.880 1.00 0.00 ? 3  LYS A CE   2 
ATOM 371  N NZ   . LYS A 1 3  ? -1.966  5.102   -13.941 1.00 0.00 ? 3  LYS A NZ   2 
ATOM 372  H H    . LYS A 1 3  ? 3.228   6.813   -9.466  1.00 0.00 ? 3  LYS A H    2 
ATOM 373  H HA   . LYS A 1 3  ? 0.484   6.905   -8.204  1.00 0.00 ? 3  LYS A HA   2 
ATOM 374  H HB2  . LYS A 1 3  ? 1.018   7.159   -10.764 1.00 0.00 ? 3  LYS A HB2  2 
ATOM 375  H HB3  . LYS A 1 3  ? 1.371   5.436   -10.783 1.00 0.00 ? 3  LYS A HB3  2 
ATOM 376  H HG2  . LYS A 1 3  ? -1.156  5.464   -9.527  1.00 0.00 ? 3  LYS A HG2  2 
ATOM 377  H HG3  . LYS A 1 3  ? -1.299  6.855   -10.599 1.00 0.00 ? 3  LYS A HG3  2 
ATOM 378  H HD2  . LYS A 1 3  ? -0.242  4.314   -11.838 1.00 0.00 ? 3  LYS A HD2  2 
ATOM 379  H HD3  . LYS A 1 3  ? -1.967  4.404   -11.429 1.00 0.00 ? 3  LYS A HD3  2 
ATOM 380  H HE2  . LYS A 1 3  ? -1.986  6.765   -12.607 1.00 0.00 ? 3  LYS A HE2  2 
ATOM 381  H HE3  . LYS A 1 3  ? -0.394  6.353   -13.262 1.00 0.00 ? 3  LYS A HE3  2 
ATOM 382  H HZ1  . LYS A 1 3  ? -2.542  4.362   -13.514 1.00 0.00 ? 3  LYS A HZ1  2 
ATOM 383  H HZ2  . LYS A 1 3  ? -2.562  5.707   -14.524 1.00 0.00 ? 3  LYS A HZ2  2 
ATOM 384  H HZ3  . LYS A 1 3  ? -1.236  4.672   -14.527 1.00 0.00 ? 3  LYS A HZ3  2 
ATOM 385  N N    . MET A 1 4  ? 2.254   4.156   -8.370  1.00 0.00 ? 4  MET A N    2 
ATOM 386  C CA   . MET A 1 4  ? 2.410   2.817   -7.805  1.00 0.00 ? 4  MET A CA   2 
ATOM 387  C C    . MET A 1 4  ? 3.239   2.816   -6.543  1.00 0.00 ? 4  MET A C    2 
ATOM 388  O O    . MET A 1 4  ? 3.260   1.826   -5.792  1.00 0.00 ? 4  MET A O    2 
ATOM 389  C CB   . MET A 1 4  ? 3.040   1.877   -8.873  1.00 0.00 ? 4  MET A CB   2 
ATOM 390  C CG   . MET A 1 4  ? 2.689   2.199   -10.341 1.00 0.00 ? 4  MET A CG   2 
ATOM 391  S SD   . MET A 1 4  ? 3.795   1.304   -11.444 1.00 0.00 ? 4  MET A SD   2 
ATOM 392  C CE   . MET A 1 4  ? 2.608   0.883   -12.727 1.00 0.00 ? 4  MET A CE   2 
ATOM 393  H H    . MET A 1 4  ? 3.002   4.591   -8.987  1.00 0.00 ? 4  MET A H    2 
ATOM 394  H HA   . MET A 1 4  ? 1.407   2.437   -7.527  1.00 0.00 ? 4  MET A HA   2 
ATOM 395  H HB2  . MET A 1 4  ? 4.143   1.867   -8.761  1.00 0.00 ? 4  MET A HB2  2 
ATOM 396  H HB3  . MET A 1 4  ? 2.725   0.834   -8.672  1.00 0.00 ? 4  MET A HB3  2 
ATOM 397  H HG2  . MET A 1 4  ? 1.643   1.906   -10.554 1.00 0.00 ? 4  MET A HG2  2 
ATOM 398  H HG3  . MET A 1 4  ? 2.764   3.282   -10.549 1.00 0.00 ? 4  MET A HG3  2 
ATOM 399  H HE1  . MET A 1 4  ? 1.633   0.603   -12.288 1.00 0.00 ? 4  MET A HE1  2 
ATOM 400  H HE2  . MET A 1 4  ? 2.449   1.743   -13.402 1.00 0.00 ? 4  MET A HE2  2 
ATOM 401  H HE3  . MET A 1 4  ? 2.974   0.034   -13.330 1.00 0.00 ? 4  MET A HE3  2 
ATOM 402  N N    . ARG A 1 5  ? 3.955   3.893   -6.286  1.00 0.00 ? 5  ARG A N    2 
ATOM 403  C CA   . ARG A 1 5  ? 4.760   4.023   -5.074  1.00 0.00 ? 5  ARG A CA   2 
ATOM 404  C C    . ARG A 1 5  ? 3.890   4.366   -3.888  1.00 0.00 ? 5  ARG A C    2 
ATOM 405  O O    . ARG A 1 5  ? 3.983   3.760   -2.814  1.00 0.00 ? 5  ARG A O    2 
ATOM 406  C CB   . ARG A 1 5  ? 5.863   5.091   -5.321  1.00 0.00 ? 5  ARG A CB   2 
ATOM 407  C CG   . ARG A 1 5  ? 7.203   4.503   -5.847  1.00 0.00 ? 5  ARG A CG   2 
ATOM 408  C CD   . ARG A 1 5  ? 7.864   5.386   -6.913  1.00 0.00 ? 5  ARG A CD   2 
ATOM 409  N NE   . ARG A 1 5  ? 6.934   5.486   -8.068  1.00 0.00 ? 5  ARG A NE   2 
ATOM 410  C CZ   . ARG A 1 5  ? 7.139   4.964   -9.269  1.00 0.00 ? 5  ARG A CZ   2 
ATOM 411  N NH1  . ARG A 1 5  ? 8.197   4.288   -9.605  1.00 0.00 ? 5  ARG A NH1  2 
ATOM 412  N NH2  . ARG A 1 5  ? 6.224   5.140   -10.157 1.00 0.00 ? 5  ARG A NH2  2 
ATOM 413  H H    . ARG A 1 5  ? 3.959   4.640   -7.037  1.00 0.00 ? 5  ARG A H    2 
ATOM 414  H HA   . ARG A 1 5  ? 5.236   3.045   -4.868  1.00 0.00 ? 5  ARG A HA   2 
ATOM 415  H HB2  . ARG A 1 5  ? 5.504   5.837   -6.050  1.00 0.00 ? 5  ARG A HB2  2 
ATOM 416  H HB3  . ARG A 1 5  ? 6.043   5.657   -4.390  1.00 0.00 ? 5  ARG A HB3  2 
ATOM 417  H HG2  . ARG A 1 5  ? 7.920   4.357   -5.014  1.00 0.00 ? 5  ARG A HG2  2 
ATOM 418  H HG3  . ARG A 1 5  ? 7.033   3.489   -6.264  1.00 0.00 ? 5  ARG A HG3  2 
ATOM 419  H HD2  . ARG A 1 5  ? 8.081   6.391   -6.503  1.00 0.00 ? 5  ARG A HD2  2 
ATOM 420  H HD3  . ARG A 1 5  ? 8.829   4.947   -7.232  1.00 0.00 ? 5  ARG A HD3  2 
ATOM 421  H HE   . ARG A 1 5  ? 6.054   5.998   -7.916  1.00 0.00 ? 5  ARG A HE   2 
ATOM 422  H HH11 . ARG A 1 5  ? 8.869   4.191   -8.844  1.00 0.00 ? 5  ARG A HH11 2 
ATOM 423  H HH12 . ARG A 1 5  ? 8.239   3.935   -10.560 1.00 0.00 ? 5  ARG A HH12 2 
ATOM 424  H HH21 . ARG A 1 5  ? 5.437   5.681   -9.791  1.00 0.00 ? 5  ARG A HH21 2 
ATOM 425  H HH22 . ARG A 1 5  ? 6.373   4.740   -11.080 1.00 0.00 ? 5  ARG A HH22 2 
ATOM 426  N N    . GLU A 1 6  ? 3.038   5.361   -4.061  1.00 0.00 ? 6  GLU A N    2 
ATOM 427  C CA   . GLU A 1 6  ? 2.099   5.758   -3.012  1.00 0.00 ? 6  GLU A CA   2 
ATOM 428  C C    . GLU A 1 6  ? 1.151   4.619   -2.702  1.00 0.00 ? 6  GLU A C    2 
ATOM 429  O O    . GLU A 1 6  ? 0.710   4.412   -1.567  1.00 0.00 ? 6  GLU A O    2 
ATOM 430  C CB   . GLU A 1 6  ? 1.340   7.031   -3.481  1.00 0.00 ? 6  GLU A CB   2 
ATOM 431  C CG   . GLU A 1 6  ? 0.119   6.831   -4.439  1.00 0.00 ? 6  GLU A CG   2 
ATOM 432  C CD   . GLU A 1 6  ? -0.857  7.997   -4.621  1.00 0.00 ? 6  GLU A CD   2 
ATOM 433  O OE1  . GLU A 1 6  ? -0.536  9.063   -5.128  1.00 0.00 ? 6  GLU A OE1  2 
ATOM 434  O OE2  . GLU A 1 6  ? -2.114  7.734   -4.166  1.00 0.00 ? 6  GLU A OE2  2 
ATOM 435  H H    . GLU A 1 6  ? 3.049   5.821   -5.015  1.00 0.00 ? 6  GLU A H    2 
ATOM 436  H HA   . GLU A 1 6  ? 2.666   5.985   -2.090  1.00 0.00 ? 6  GLU A HA   2 
ATOM 437  H HB2  . GLU A 1 6  ? 0.993   7.586   -2.587  1.00 0.00 ? 6  GLU A HB2  2 
ATOM 438  H HB3  . GLU A 1 6  ? 2.064   7.718   -3.960  1.00 0.00 ? 6  GLU A HB3  2 
ATOM 439  H HG2  . GLU A 1 6  ? 0.480   6.559   -5.448  1.00 0.00 ? 6  GLU A HG2  2 
ATOM 440  H HG3  . GLU A 1 6  ? -0.479  5.959   -4.119  1.00 0.00 ? 6  GLU A HG3  2 
ATOM 441  N N    . TRP A 1 7  ? 0.827   3.852   -3.726  1.00 0.00 ? 7  TRP A N    2 
ATOM 442  C CA   . TRP A 1 7  ? -0.030  2.677   -3.593  1.00 0.00 ? 7  TRP A CA   2 
ATOM 443  C C    . TRP A 1 7  ? 0.727   1.533   -2.951  1.00 0.00 ? 7  TRP A C    2 
ATOM 444  O O    . TRP A 1 7  ? 0.145   0.656   -2.301  1.00 0.00 ? 7  TRP A O    2 
ATOM 445  C CB   . TRP A 1 7  ? -0.546  2.272   -5.004  1.00 0.00 ? 7  TRP A CB   2 
ATOM 446  C CG   . TRP A 1 7  ? -1.307  0.944   -5.070  1.00 0.00 ? 7  TRP A CG   2 
ATOM 447  C CD1  . TRP A 1 7  ? -2.708  0.795   -5.125  1.00 0.00 ? 7  TRP A CD1  2 
ATOM 448  C CD2  . TRP A 1 7  ? -0.787  -0.330  -5.160  1.00 0.00 ? 7  TRP A CD2  2 
ATOM 449  N NE1  . TRP A 1 7  ? -3.081  -0.558  -5.242  1.00 0.00 ? 7  TRP A NE1  2 
ATOM 450  C CE2  . TRP A 1 7  ? -1.871  -1.236  -5.263  1.00 0.00 ? 7  TRP A CE2  2 
ATOM 451  C CE3  . TRP A 1 7  ? 0.552   -0.801  -5.168  1.00 0.00 ? 7  TRP A CE3  2 
ATOM 452  C CZ2  . TRP A 1 7  ? -1.625  -2.623  -5.359  1.00 0.00 ? 7  TRP A CZ2  2 
ATOM 453  C CZ3  . TRP A 1 7  ? 0.770   -2.175  -5.257  1.00 0.00 ? 7  TRP A CZ3  2 
ATOM 454  C CH2  . TRP A 1 7  ? -0.302  -3.074  -5.349  1.00 0.00 ? 7  TRP A CH2  2 
ATOM 455  H H    . TRP A 1 7  ? 1.193   4.164   -4.677  1.00 0.00 ? 7  TRP A H    2 
ATOM 456  H HA   . TRP A 1 7  ? -0.888  2.909   -2.933  1.00 0.00 ? 7  TRP A HA   2 
ATOM 457  H HB2  . TRP A 1 7  ? -1.183  3.082   -5.420  1.00 0.00 ? 7  TRP A HB2  2 
ATOM 458  H HB3  . TRP A 1 7  ? 0.302   2.208   -5.717  1.00 0.00 ? 7  TRP A HB3  2 
ATOM 459  H HD1  . TRP A 1 7  ? -3.403  1.624   -5.111  1.00 0.00 ? 7  TRP A HD1  2 
ATOM 460  H HE1  . TRP A 1 7  ? -4.024  -0.952  -5.324  1.00 0.00 ? 7  TRP A HE1  2 
ATOM 461  H HE3  . TRP A 1 7  ? 1.384   -0.110  -5.104  1.00 0.00 ? 7  TRP A HE3  2 
ATOM 462  H HZ2  . TRP A 1 7  ? -2.447  -3.318  -5.439  1.00 0.00 ? 7  TRP A HZ2  2 
ATOM 463  H HZ3  . TRP A 1 7  ? 1.783   -2.551  -5.255  1.00 0.00 ? 7  TRP A HZ3  2 
ATOM 464  H HH2  . TRP A 1 7  ? -0.102  -4.133  -5.413  1.00 0.00 ? 7  TRP A HH2  2 
ATOM 465  N N    . PHE A 1 8  ? 2.038   1.530   -3.102  1.00 0.00 ? 8  PHE A N    2 
ATOM 466  C CA   . PHE A 1 8  ? 2.890   0.504   -2.504  1.00 0.00 ? 8  PHE A CA   2 
ATOM 467  C C    . PHE A 1 8  ? 2.786   0.527   -0.997  1.00 0.00 ? 8  PHE A C    2 
ATOM 468  O O    . PHE A 1 8  ? 2.700   -0.511  -0.331  1.00 0.00 ? 8  PHE A O    2 
ATOM 469  C CB   . PHE A 1 8  ? 4.382   0.737   -2.902  1.00 0.00 ? 8  PHE A CB   2 
ATOM 470  C CG   . PHE A 1 8  ? 5.315   -0.482  -2.836  1.00 0.00 ? 8  PHE A CG   2 
ATOM 471  C CD1  . PHE A 1 8  ? 5.418   -1.374  -3.906  1.00 0.00 ? 8  PHE A CD1  2 
ATOM 472  C CD2  . PHE A 1 8  ? 6.057   -0.719  -1.671  1.00 0.00 ? 8  PHE A CD2  2 
ATOM 473  C CE1  . PHE A 1 8  ? 6.259   -2.481  -3.818  1.00 0.00 ? 8  PHE A CE1  2 
ATOM 474  C CE2  . PHE A 1 8  ? 6.898   -1.825  -1.584  1.00 0.00 ? 8  PHE A CE2  2 
ATOM 475  C CZ   . PHE A 1 8  ? 6.997   -2.707  -2.658  1.00 0.00 ? 8  PHE A CZ   2 
ATOM 476  H H    . PHE A 1 8  ? 2.434   2.291   -3.723  1.00 0.00 ? 8  PHE A H    2 
ATOM 477  H HA   . PHE A 1 8  ? 2.553   -0.489  -2.854  1.00 0.00 ? 8  PHE A HA   2 
ATOM 478  H HB2  . PHE A 1 8  ? 4.426   1.172   -3.925  1.00 0.00 ? 8  PHE A HB2  2 
ATOM 479  H HB3  . PHE A 1 8  ? 4.804   1.542   -2.265  1.00 0.00 ? 8  PHE A HB3  2 
ATOM 480  H HD1  . PHE A 1 8  ? 4.861   -1.195  -4.816  1.00 0.00 ? 8  PHE A HD1  2 
ATOM 481  H HD2  . PHE A 1 8  ? 6.009   -0.020  -0.846  1.00 0.00 ? 8  PHE A HD2  2 
ATOM 482  H HE1  . PHE A 1 8  ? 6.336   -3.166  -4.650  1.00 0.00 ? 8  PHE A HE1  2 
ATOM 483  H HE2  . PHE A 1 8  ? 7.471   -1.993  -0.683  1.00 0.00 ? 8  PHE A HE2  2 
ATOM 484  H HZ   . PHE A 1 8  ? 7.647   -3.565  -2.587  1.00 0.00 ? 8  PHE A HZ   2 
ATOM 485  N N    . SER A 1 9  ? 2.808   1.723   -0.433  1.00 0.00 ? 9  SER A N    2 
ATOM 486  C CA   . SER A 1 9  ? 2.687   1.893   1.014   1.00 0.00 ? 9  SER A CA   2 
ATOM 487  C C    . SER A 1 9  ? 1.301   1.507   1.477   1.00 0.00 ? 9  SER A C    2 
ATOM 488  O O    . SER A 1 9  ? 1.102   0.844   2.499   1.00 0.00 ? 9  SER A O    2 
ATOM 489  C CB   . SER A 1 9  ? 3.053   3.337   1.438   1.00 0.00 ? 9  SER A CB   2 
ATOM 490  O OG   . SER A 1 9  ? 3.069   3.511   2.860   1.00 0.00 ? 9  SER A OG   2 
ATOM 491  H H    . SER A 1 9  ? 2.870   2.545   -1.099  1.00 0.00 ? 9  SER A H    2 
ATOM 492  H HA   . SER A 1 9  ? 3.392   1.195   1.500   1.00 0.00 ? 9  SER A HA   2 
ATOM 493  H HB2  . SER A 1 9  ? 4.030   3.643   1.017   1.00 0.00 ? 9  SER A HB2  2 
ATOM 494  H HB3  . SER A 1 9  ? 2.321   4.048   1.009   1.00 0.00 ? 9  SER A HB3  2 
ATOM 495  H HG   . SER A 1 9  ? 3.535   4.332   3.043   1.00 0.00 ? 9  SER A HG   2 
ATOM 496  N N    . GLU A 1 10 ? 0.308   1.918   0.709   1.00 0.00 ? 10 GLU A N    2 
ATOM 497  C CA   . GLU A 1 10 ? -1.087  1.577   0.979   1.00 0.00 ? 10 GLU A CA   2 
ATOM 498  C C    . GLU A 1 10 ? -1.476  0.213   0.460   1.00 0.00 ? 10 GLU A C    2 
ATOM 499  O O    . GLU A 1 10 ? -2.670  -0.104  0.322   1.00 0.00 ? 10 GLU A O    2 
ATOM 500  C CB   . GLU A 1 10 ? -1.964  2.711   0.351   1.00 0.00 ? 10 GLU A CB   2 
ATOM 501  C CG   . GLU A 1 10 ? -1.658  4.166   0.843   1.00 0.00 ? 10 GLU A CG   2 
ATOM 502  C CD   . GLU A 1 10 ? -2.810  5.015   1.382   1.00 0.00 ? 10 GLU A CD   2 
ATOM 503  O OE1  . GLU A 1 10 ? -3.562  5.656   0.661   1.00 0.00 ? 10 GLU A OE1  2 
ATOM 504  O OE2  . GLU A 1 10 ? -2.921  4.990   2.741   1.00 0.00 ? 10 GLU A OE2  2 
ATOM 505  H H    . GLU A 1 10 ? 0.573   2.583   -0.078  1.00 0.00 ? 10 GLU A H    2 
ATOM 506  H HA   . GLU A 1 10 ? -1.241  1.569   2.073   1.00 0.00 ? 10 GLU A HA   2 
ATOM 507  H HB2  . GLU A 1 10 ? -1.827  2.682   -0.748  1.00 0.00 ? 10 GLU A HB2  2 
ATOM 508  H HB3  . GLU A 1 10 ? -3.032  2.470   0.498   1.00 0.00 ? 10 GLU A HB3  2 
ATOM 509  H HG2  . GLU A 1 10 ? -0.874  4.155   1.635   1.00 0.00 ? 10 GLU A HG2  2 
ATOM 510  H HG3  . GLU A 1 10 ? -1.183  4.745   0.027   1.00 0.00 ? 10 GLU A HG3  2 
ATOM 511  N N    . THR A 1 11 ? -0.505  -0.618  0.141   1.00 0.00 ? 11 THR A N    2 
ATOM 512  C CA   . THR A 1 11 ? -0.755  -1.994  -0.286  1.00 0.00 ? 11 THR A CA   2 
ATOM 513  C C    . THR A 1 11 ? -0.271  -2.961  0.773   1.00 0.00 ? 11 THR A C    2 
ATOM 514  O O    . THR A 1 11 ? -0.887  -3.990  1.065   1.00 0.00 ? 11 THR A O    2 
ATOM 515  C CB   . THR A 1 11 ? -0.075  -2.300  -1.663  1.00 0.00 ? 11 THR A CB   2 
ATOM 516  O OG1  . THR A 1 11 ? -0.868  -1.796  -2.731  1.00 0.00 ? 11 THR A OG1  2 
ATOM 517  C CG2  . THR A 1 11 ? 0.138   -3.792  -2.002  1.00 0.00 ? 11 THR A CG2  2 
ATOM 518  H H    . THR A 1 11 ? 0.477   -0.221  0.159   1.00 0.00 ? 11 THR A H    2 
ATOM 519  H HA   . THR A 1 11 ? -1.847  -2.127  -0.395  1.00 0.00 ? 11 THR A HA   2 
ATOM 520  H HB   . THR A 1 11 ? 0.913   -1.793  -1.685  1.00 0.00 ? 11 THR A HB   2 
ATOM 521  H HG1  . THR A 1 11 ? -0.362  -1.955  -3.534  1.00 0.00 ? 11 THR A HG1  2 
ATOM 522  H HG21 . THR A 1 11 ? -0.817  -4.350  -2.004  1.00 0.00 ? 11 THR A HG21 2 
ATOM 523  H HG22 . THR A 1 11 ? 0.598   -3.928  -2.998  1.00 0.00 ? 11 THR A HG22 2 
ATOM 524  H HG23 . THR A 1 11 ? 0.811   -4.296  -1.288  1.00 0.00 ? 11 THR A HG23 2 
ATOM 525  N N    . PHE A 1 12 ? 0.856   -2.623  1.379   1.00 0.00 ? 12 PHE A N    2 
ATOM 526  C CA   . PHE A 1 12 ? 1.427   -3.425  2.460   1.00 0.00 ? 12 PHE A CA   2 
ATOM 527  C C    . PHE A 1 12 ? 0.577   -3.300  3.704   1.00 0.00 ? 12 PHE A C    2 
ATOM 528  O O    . PHE A 1 12 ? 0.352   -4.261  4.447   1.00 0.00 ? 12 PHE A O    2 
ATOM 529  C CB   . PHE A 1 12 ? 2.876   -2.945  2.772   1.00 0.00 ? 12 PHE A CB   2 
ATOM 530  C CG   . PHE A 1 12 ? 3.761   -3.883  3.610   1.00 0.00 ? 12 PHE A CG   2 
ATOM 531  C CD1  . PHE A 1 12 ? 3.702   -5.268  3.448   1.00 0.00 ? 12 PHE A CD1  2 
ATOM 532  C CD2  . PHE A 1 12 ? 4.631   -3.338  4.563   1.00 0.00 ? 12 PHE A CD2  2 
ATOM 533  C CE1  . PHE A 1 12 ? 4.515   -6.098  4.216   1.00 0.00 ? 12 PHE A CE1  2 
ATOM 534  C CE2  . PHE A 1 12 ? 5.442   -4.167  5.330   1.00 0.00 ? 12 PHE A CE2  2 
ATOM 535  C CZ   . PHE A 1 12 ? 5.388   -5.547  5.153   1.00 0.00 ? 12 PHE A CZ   2 
ATOM 536  H H    . PHE A 1 12 ? 1.300   -1.711  1.068   1.00 0.00 ? 12 PHE A H    2 
ATOM 537  H HA   . PHE A 1 12 ? 1.432   -4.490  2.160   1.00 0.00 ? 12 PHE A HA   2 
ATOM 538  H HB2  . PHE A 1 12 ? 3.401   -2.716  1.820   1.00 0.00 ? 12 PHE A HB2  2 
ATOM 539  H HB3  . PHE A 1 12 ? 2.832   -1.962  3.285   1.00 0.00 ? 12 PHE A HB3  2 
ATOM 540  H HD1  . PHE A 1 12 ? 3.044   -5.702  2.708   1.00 0.00 ? 12 PHE A HD1  2 
ATOM 541  H HD2  . PHE A 1 12 ? 4.708   -2.264  4.678   1.00 0.00 ? 12 PHE A HD2  2 
ATOM 542  H HE1  . PHE A 1 12 ? 4.472   -7.170  4.080   1.00 0.00 ? 12 PHE A HE1  2 
ATOM 543  H HE2  . PHE A 1 12 ? 6.120   -3.734  6.052   1.00 0.00 ? 12 PHE A HE2  2 
ATOM 544  H HZ   . PHE A 1 12 ? 6.023   -6.190  5.745   1.00 0.00 ? 12 PHE A HZ   2 
ATOM 545  N N    . GLN A 1 13 ? 0.106   -2.092  3.955   1.00 0.00 ? 13 GLN A N    2 
ATOM 546  C CA   . GLN A 1 13 ? -0.791  -1.828  5.077   1.00 0.00 ? 13 GLN A CA   2 
ATOM 547  C C    . GLN A 1 13 ? -2.194  -2.299  4.776   1.00 0.00 ? 13 GLN A C    2 
ATOM 548  O O    . GLN A 1 13 ? -3.056  -2.369  5.663   1.00 0.00 ? 13 GLN A O    2 
ATOM 549  C CB   . GLN A 1 13 ? -0.767  -0.315  5.387   1.00 0.00 ? 13 GLN A CB   2 
ATOM 550  C CG   . GLN A 1 13 ? 0.641   0.368   5.388   1.00 0.00 ? 13 GLN A CG   2 
ATOM 551  C CD   . GLN A 1 13 ? 1.351   0.617   6.723   1.00 0.00 ? 13 GLN A CD   2 
ATOM 552  O OE1  . GLN A 1 13 ? 1.016   1.534   7.456   1.00 0.00 ? 13 GLN A OE1  2 
ATOM 553  N NE2  . GLN A 1 13 ? 2.340   -0.157  7.093   1.00 0.00 ? 13 GLN A NE2  2 
ATOM 554  H H    . GLN A 1 13 ? 0.382   -1.331  3.271   1.00 0.00 ? 13 GLN A H    2 
ATOM 555  H HA   . GLN A 1 13 ? -0.432  -2.406  5.952   1.00 0.00 ? 13 GLN A HA   2 
ATOM 556  H HB2  . GLN A 1 13 ? -1.413  0.210   4.657   1.00 0.00 ? 13 GLN A HB2  2 
ATOM 557  H HB3  . GLN A 1 13 ? -1.248  -0.149  6.374   1.00 0.00 ? 13 GLN A HB3  2 
ATOM 558  H HG2  . GLN A 1 13 ? 1.359   -0.235  4.802   1.00 0.00 ? 13 GLN A HG2  2 
ATOM 559  H HG3  . GLN A 1 13 ? 0.594   1.334   4.852   1.00 0.00 ? 13 GLN A HG3  2 
ATOM 560  H HE21 . GLN A 1 13 ? 2.587   -0.891  6.427   1.00 0.00 ? 13 GLN A HE21 2 
ATOM 561  H HE22 . GLN A 1 13 ? 2.754   0.071   7.998   1.00 0.00 ? 13 GLN A HE22 2 
ATOM 562  N N    . LYS A 1 14 ? -2.469  -2.590  3.521   1.00 0.00 ? 14 LYS A N    2 
ATOM 563  C CA   . LYS A 1 14 ? -3.749  -3.162  3.111   1.00 0.00 ? 14 LYS A CA   2 
ATOM 564  C C    . LYS A 1 14 ? -3.841  -4.624  3.479   1.00 0.00 ? 14 LYS A C    2 
ATOM 565  O O    . LYS A 1 14 ? -4.929  -5.193  3.627   1.00 0.00 ? 14 LYS A O    2 
ATOM 566  C CB   . LYS A 1 14 ? -3.924  -2.979  1.576   1.00 0.00 ? 14 LYS A CB   2 
ATOM 567  C CG   . LYS A 1 14 ? -5.398  -2.836  1.121   1.00 0.00 ? 14 LYS A CG   2 
ATOM 568  C CD   . LYS A 1 14 ? -6.048  -4.121  0.595   1.00 0.00 ? 14 LYS A CD   2 
ATOM 569  C CE   . LYS A 1 14 ? -5.070  -4.851  -0.337  1.00 0.00 ? 14 LYS A CE   2 
ATOM 570  N NZ   . LYS A 1 14 ? -5.709  -5.089  -1.643  1.00 0.00 ? 14 LYS A NZ   2 
ATOM 571  H H    . LYS A 1 14 ? -1.727  -2.328  2.809   1.00 0.00 ? 14 LYS A H    2 
ATOM 572  H HA   . LYS A 1 14 ? -4.556  -2.635  3.655   1.00 0.00 ? 14 LYS A HA   2 
ATOM 573  H HB2  . LYS A 1 14 ? -3.350  -2.091  1.248   1.00 0.00 ? 14 LYS A HB2  2 
ATOM 574  H HB3  . LYS A 1 14 ? -3.446  -3.833  1.050   1.00 0.00 ? 14 LYS A HB3  2 
ATOM 575  H HG2  . LYS A 1 14 ? -6.027  -2.497  1.967   1.00 0.00 ? 14 LYS A HG2  2 
ATOM 576  H HG3  . LYS A 1 14 ? -5.474  -2.037  0.357   1.00 0.00 ? 14 LYS A HG3  2 
ATOM 577  H HD2  . LYS A 1 14 ? -6.347  -4.762  1.447   1.00 0.00 ? 14 LYS A HD2  2 
ATOM 578  H HD3  . LYS A 1 14 ? -6.980  -3.870  0.049   1.00 0.00 ? 14 LYS A HD3  2 
ATOM 579  H HE2  . LYS A 1 14 ? -4.139  -4.258  -0.463  1.00 0.00 ? 14 LYS A HE2  2 
ATOM 580  H HE3  . LYS A 1 14 ? -4.749  -5.821  0.101   1.00 0.00 ? 14 LYS A HE3  2 
ATOM 581  H HZ1  . LYS A 1 14 ? -6.417  -4.360  -1.819  1.00 0.00 ? 14 LYS A HZ1  2 
ATOM 582  H HZ2  . LYS A 1 14 ? -4.995  -5.058  -2.385  1.00 0.00 ? 14 LYS A HZ2  2 
ATOM 583  H HZ3  . LYS A 1 14 ? -6.162  -6.014  -1.642  1.00 0.00 ? 14 LYS A HZ3  2 
ATOM 584  N N    . VAL A 1 15 ? -2.695  -5.257  3.648   1.00 0.00 ? 15 VAL A N    2 
ATOM 585  C CA   . VAL A 1 15 ? -2.636  -6.673  4.011   1.00 0.00 ? 15 VAL A CA   2 
ATOM 586  C C    . VAL A 1 15 ? -2.546  -6.815  5.515   1.00 0.00 ? 15 VAL A C    2 
ATOM 587  O O    . VAL A 1 15 ? -2.998  -7.788  6.126   1.00 0.00 ? 15 VAL A O    2 
ATOM 588  C CB   . VAL A 1 15 ? -1.407  -7.364  3.298   1.00 0.00 ? 15 VAL A CB   2 
ATOM 589  C CG1  . VAL A 1 15 ? -1.137  -8.848  3.672   1.00 0.00 ? 15 VAL A CG1  2 
ATOM 590  C CG2  . VAL A 1 15 ? -1.481  -7.339  1.753   1.00 0.00 ? 15 VAL A CG2  2 
ATOM 591  H H    . VAL A 1 15 ? -1.812  -4.668  3.591   1.00 0.00 ? 15 VAL A H    2 
ATOM 592  H HA   . VAL A 1 15 ? -3.569  -7.169  3.689   1.00 0.00 ? 15 VAL A HA   2 
ATOM 593  H HB   . VAL A 1 15 ? -0.496  -6.795  3.591   1.00 0.00 ? 15 VAL A HB   2 
ATOM 594  H HG11 . VAL A 1 15 ? -1.996  -9.506  3.438   1.00 0.00 ? 15 VAL A HG11 2 
ATOM 595  H HG12 . VAL A 1 15 ? -0.256  -9.261  3.143   1.00 0.00 ? 15 VAL A HG12 2 
ATOM 596  H HG13 . VAL A 1 15 ? -0.911  -8.979  4.747   1.00 0.00 ? 15 VAL A HG13 2 
ATOM 597  H HG21 . VAL A 1 15 ? -1.607  -6.312  1.365   1.00 0.00 ? 15 VAL A HG21 2 
ATOM 598  H HG22 . VAL A 1 15 ? -0.556  -7.730  1.290   1.00 0.00 ? 15 VAL A HG22 2 
ATOM 599  H HG23 . VAL A 1 15 ? -2.324  -7.941  1.365   1.00 0.00 ? 15 VAL A HG23 2 
ATOM 600  N N    . LYS A 1 16 ? -1.933  -5.824  6.139   1.00 0.00 ? 16 LYS A N    2 
ATOM 601  C CA   . LYS A 1 16 ? -1.800  -5.772  7.591   1.00 0.00 ? 16 LYS A CA   2 
ATOM 602  C C    . LYS A 1 16 ? -3.141  -5.524  8.243   1.00 0.00 ? 16 LYS A C    2 
ATOM 603  O O    . LYS A 1 16 ? -3.478  -6.070  9.298   1.00 0.00 ? 16 LYS A O    2 
ATOM 604  C CB   . LYS A 1 16 ? -0.791  -4.647  7.966   1.00 0.00 ? 16 LYS A CB   2 
ATOM 605  C CG   . LYS A 1 16 ? 0.678   -5.030  7.665   1.00 0.00 ? 16 LYS A CG   2 
ATOM 606  C CD   . LYS A 1 16 ? 1.712   -4.500  8.660   1.00 0.00 ? 16 LYS A CD   2 
ATOM 607  C CE   . LYS A 1 16 ? 2.100   -3.066  8.272   1.00 0.00 ? 16 LYS A CE   2 
ATOM 608  N NZ   . LYS A 1 16 ? 3.337   -2.684  8.975   1.00 0.00 ? 16 LYS A NZ   2 
ATOM 609  H H    . LYS A 1 16 ? -1.495  -5.076  5.517   1.00 0.00 ? 16 LYS A H    2 
ATOM 610  H HA   . LYS A 1 16 ? -1.435  -6.752  7.948   1.00 0.00 ? 16 LYS A HA   2 
ATOM 611  H HB2  . LYS A 1 16 ? -1.054  -3.725  7.383   1.00 0.00 ? 16 LYS A HB2  2 
ATOM 612  H HB3  . LYS A 1 16 ? -0.923  -4.349  9.019   1.00 0.00 ? 16 LYS A HB3  2 
ATOM 613  H HG2  . LYS A 1 16 ? 0.791   -6.133  7.657   1.00 0.00 ? 16 LYS A HG2  2 
ATOM 614  H HG3  . LYS A 1 16 ? 0.943   -4.705  6.637   1.00 0.00 ? 16 LYS A HG3  2 
ATOM 615  H HD2  . LYS A 1 16 ? 1.301   -4.542  9.688   1.00 0.00 ? 16 LYS A HD2  2 
ATOM 616  H HD3  . LYS A 1 16 ? 2.609   -5.153  8.656   1.00 0.00 ? 16 LYS A HD3  2 
ATOM 617  H HE2  . LYS A 1 16 ? 2.238   -2.987  7.173   1.00 0.00 ? 16 LYS A HE2  2 
ATOM 618  H HE3  . LYS A 1 16 ? 1.290   -2.351  8.526   1.00 0.00 ? 16 LYS A HE3  2 
ATOM 619  H HZ1  . LYS A 1 16 ? 4.009   -3.464  8.935   1.00 0.00 ? 16 LYS A HZ1  2 
ATOM 620  H HZ2  . LYS A 1 16 ? 3.747   -1.855  8.524   1.00 0.00 ? 16 LYS A HZ2  2 
ATOM 621  H HZ3  . LYS A 1 16 ? 3.121   -2.469  9.958   1.00 0.00 ? 16 LYS A HZ3  2 
ATOM 622  N N    . GLU A 1 17 ? -3.941  -4.690  7.601   1.00 0.00 ? 17 GLU A N    2 
ATOM 623  C CA   . GLU A 1 17 ? -5.279  -4.368  8.088   1.00 0.00 ? 17 GLU A CA   2 
ATOM 624  C C    . GLU A 1 17 ? -6.225  -5.535  7.925   1.00 0.00 ? 17 GLU A C    2 
ATOM 625  O O    . GLU A 1 17 ? -7.228  -5.658  8.643   1.00 0.00 ? 17 GLU A O    2 
ATOM 626  C CB   . GLU A 1 17 ? -5.792  -3.117  7.318   1.00 0.00 ? 17 GLU A CB   2 
ATOM 627  C CG   . GLU A 1 17 ? -5.768  -1.751  8.082   1.00 0.00 ? 17 GLU A CG   2 
ATOM 628  C CD   . GLU A 1 17 ? -4.693  -0.727  7.709   1.00 0.00 ? 17 GLU A CD   2 
ATOM 629  O OE1  . GLU A 1 17 ? -3.492  -0.950  8.310   1.00 0.00 ? 17 GLU A OE1  2 
ATOM 630  O OE2  . GLU A 1 17 ? -4.898  0.204   6.941   1.00 0.00 ? 17 GLU A OE2  2 
ATOM 631  H H    . GLU A 1 17 ? -3.570  -4.307  6.681   1.00 0.00 ? 17 GLU A H    2 
ATOM 632  H HA   . GLU A 1 17 ? -5.215  -4.138  9.167   1.00 0.00 ? 17 GLU A HA   2 
ATOM 633  H HB2  . GLU A 1 17 ? -5.205  -3.007  6.387   1.00 0.00 ? 17 GLU A HB2  2 
ATOM 634  H HB3  . GLU A 1 17 ? -6.823  -3.315  6.968   1.00 0.00 ? 17 GLU A HB3  2 
ATOM 635  H HG2  . GLU A 1 17 ? -6.745  -1.244  7.966   1.00 0.00 ? 17 GLU A HG2  2 
ATOM 636  H HG3  . GLU A 1 17 ? -5.680  -1.924  9.170   1.00 0.00 ? 17 GLU A HG3  2 
ATOM 637  N N    . LYS A 1 18 ? -5.939  -6.405  6.977   1.00 0.00 ? 18 LYS A N    2 
ATOM 638  C CA   . LYS A 1 18 ? -6.781  -7.570  6.711   1.00 0.00 ? 18 LYS A CA   2 
ATOM 639  C C    . LYS A 1 18 ? -6.633  -8.603  7.802   1.00 0.00 ? 18 LYS A C    2 
ATOM 640  O O    . LYS A 1 18 ? -7.586  -9.294  8.182   1.00 0.00 ? 18 LYS A O    2 
ATOM 641  C CB   . LYS A 1 18 ? -6.414  -8.167  5.325   1.00 0.00 ? 18 LYS A CB   2 
ATOM 642  C CG   . LYS A 1 18 ? -7.155  -7.486  4.146   1.00 0.00 ? 18 LYS A CG   2 
ATOM 643  C CD   . LYS A 1 18 ? -8.530  -8.077  3.822   1.00 0.00 ? 18 LYS A CD   2 
ATOM 644  C CE   . LYS A 1 18 ? -8.399  -9.039  2.633   1.00 0.00 ? 18 LYS A CE   2 
ATOM 645  N NZ   . LYS A 1 18 ? -9.139  -10.280 2.924   1.00 0.00 ? 18 LYS A NZ   2 
ATOM 646  H H    . LYS A 1 18 ? -5.046  -6.230  6.434   1.00 0.00 ? 18 LYS A H    2 
ATOM 647  H HA   . LYS A 1 18 ? -7.838  -7.242  6.705   1.00 0.00 ? 18 LYS A HA   2 
ATOM 648  H HB2  . LYS A 1 18 ? -5.318  -8.099  5.168   1.00 0.00 ? 18 LYS A HB2  2 
ATOM 649  H HB3  . LYS A 1 18 ? -6.637  -9.251  5.315   1.00 0.00 ? 18 LYS A HB3  2 
ATOM 650  H HG2  . LYS A 1 18 ? -7.321  -6.414  4.367   1.00 0.00 ? 18 LYS A HG2  2 
ATOM 651  H HG3  . LYS A 1 18 ? -6.512  -7.505  3.244   1.00 0.00 ? 18 LYS A HG3  2 
ATOM 652  H HD2  . LYS A 1 18 ? -8.937  -8.591  4.714   1.00 0.00 ? 18 LYS A HD2  2 
ATOM 653  H HD3  . LYS A 1 18 ? -9.241  -7.262  3.578   1.00 0.00 ? 18 LYS A HD3  2 
ATOM 654  H HE2  . LYS A 1 18 ? -8.785  -8.566  1.706   1.00 0.00 ? 18 LYS A HE2  2 
ATOM 655  H HE3  . LYS A 1 18 ? -7.335  -9.280  2.428   1.00 0.00 ? 18 LYS A HE3  2 
ATOM 656  H HZ1  . LYS A 1 18 ? -9.013  -10.532 3.914   1.00 0.00 ? 18 LYS A HZ1  2 
ATOM 657  H HZ2  . LYS A 1 18 ? -10.140 -10.136 2.731   1.00 0.00 ? 18 LYS A HZ2  2 
ATOM 658  H HZ3  . LYS A 1 18 ? -8.781  -11.041 2.328   1.00 0.00 ? 18 LYS A HZ3  2 
ATOM 659  N N    . LEU A 1 19 ? -5.431  -8.715  8.335   1.00 0.00 ? 19 LEU A N    2 
ATOM 660  C CA   . LEU A 1 19 ? -5.148  -9.665  9.409   1.00 0.00 ? 19 LEU A CA   2 
ATOM 661  C C    . LEU A 1 19 ? -6.012  -9.391  10.615  1.00 0.00 ? 19 LEU A C    2 
ATOM 662  O O    . LEU A 1 19 ? -6.202  -8.215  11.055  1.00 0.00 ? 19 LEU A O    2 
ATOM 663  C CB   . LEU A 1 19 ? -3.639  -9.628  9.786   1.00 0.00 ? 19 LEU A CB   2 
ATOM 664  C CG   . LEU A 1 19 ? -2.617  -10.202 8.767   1.00 0.00 ? 19 LEU A CG   2 
ATOM 665  C CD1  . LEU A 1 19 ? -1.164  -10.089 9.255   1.00 0.00 ? 19 LEU A CD1  2 
ATOM 666  C CD2  . LEU A 1 19 ? -2.947  -11.670 8.460   1.00 0.00 ? 19 LEU A CD2  2 
ATOM 667  O OXT  . LEU A 1 19 ? -6.541  -10.408 11.164  1.00 0.00 ? 19 LEU A OXT  2 
ATOM 668  H H    . LEU A 1 19 ? -4.678  -8.091  7.924   1.00 0.00 ? 19 LEU A H    2 
ATOM 669  H HA   . LEU A 1 19 ? -5.415  -10.677 9.058   1.00 0.00 ? 19 LEU A HA   2 
ATOM 670  H HB2  . LEU A 1 19 ? -3.353  -8.579  10.005  1.00 0.00 ? 19 LEU A HB2  2 
ATOM 671  H HB3  . LEU A 1 19 ? -3.505  -10.159 10.748  1.00 0.00 ? 19 LEU A HB3  2 
ATOM 672  H HG   . LEU A 1 19 ? -2.712  -9.628  7.822   1.00 0.00 ? 19 LEU A HG   2 
ATOM 673  H HD11 . LEU A 1 19 ? -0.937  -9.065  9.604   1.00 0.00 ? 19 LEU A HD11 2 
ATOM 674  H HD12 . LEU A 1 19 ? -0.963  -10.756 10.113  1.00 0.00 ? 19 LEU A HD12 2 
ATOM 675  H HD13 . LEU A 1 19 ? -0.435  -10.334 8.461   1.00 0.00 ? 19 LEU A HD13 2 
ATOM 676  H HD21 . LEU A 1 19 ? -4.001  -11.799 8.146   1.00 0.00 ? 19 LEU A HD21 2 
ATOM 677  H HD22 . LEU A 1 19 ? -2.313  -12.083 7.652   1.00 0.00 ? 19 LEU A HD22 2 
ATOM 678  H HD23 . LEU A 1 19 ? -2.803  -12.314 9.347   1.00 0.00 ? 19 LEU A HD23 2 
ATOM 679  N N    . SER A 1 1  ? 3.299   10.902  -11.422 1.00 0.00 ? 1  SER A N    3 
ATOM 680  C CA   . SER A 1 1  ? 4.257   11.195  -10.362 1.00 0.00 ? 1  SER A CA   3 
ATOM 681  C C    . SER A 1 1  ? 4.178   10.161  -9.259  1.00 0.00 ? 1  SER A C    3 
ATOM 682  O O    . SER A 1 1  ? 3.479   10.357  -8.254  1.00 0.00 ? 1  SER A O    3 
ATOM 683  C CB   . SER A 1 1  ? 4.053   12.629  -9.813  1.00 0.00 ? 1  SER A CB   3 
ATOM 684  O OG   . SER A 1 1  ? 2.688   13.060  -9.876  1.00 0.00 ? 1  SER A OG   3 
ATOM 685  H H1   . SER A 1 1  ? 2.387   10.664  -11.007 1.00 0.00 ? 1  SER A H1   3 
ATOM 686  H H2   . SER A 1 1  ? 3.194   11.727  -12.030 1.00 0.00 ? 1  SER A H2   3 
ATOM 687  H H3   . SER A 1 1  ? 3.638   10.106  -11.982 1.00 0.00 ? 1  SER A H3   3 
ATOM 688  H HA   . SER A 1 1  ? 5.273   11.127  -10.790 1.00 0.00 ? 1  SER A HA   3 
ATOM 689  H HB2  . SER A 1 1  ? 4.385   12.676  -8.758  1.00 0.00 ? 1  SER A HB2  3 
ATOM 690  H HB3  . SER A 1 1  ? 4.694   13.357  -10.347 1.00 0.00 ? 1  SER A HB3  3 
ATOM 691  H HG   . SER A 1 1  ? 2.379   13.168  -8.972  1.00 0.00 ? 1  SER A HG   3 
ATOM 692  N N    . ALA A 1 2  ? 4.907   9.063   -9.423  1.00 0.00 ? 2  ALA A N    3 
ATOM 693  C CA   . ALA A 1 2  ? 4.870   7.994   -8.424  1.00 0.00 ? 2  ALA A CA   3 
ATOM 694  C C    . ALA A 1 2  ? 3.442   7.589   -8.128  1.00 0.00 ? 2  ALA A C    3 
ATOM 695  O O    . ALA A 1 2  ? 2.841   7.993   -7.129  1.00 0.00 ? 2  ALA A O    3 
ATOM 696  C CB   . ALA A 1 2  ? 5.619   8.508   -7.181  1.00 0.00 ? 2  ALA A CB   3 
ATOM 697  H H    . ALA A 1 2  ? 5.528   9.076   -10.294 1.00 0.00 ? 2  ALA A H    3 
ATOM 698  H HA   . ALA A 1 2  ? 5.381   7.090   -8.806  1.00 0.00 ? 2  ALA A HA   3 
ATOM 699  H HB1  . ALA A 1 2  ? 6.669   8.760   -7.410  1.00 0.00 ? 2  ALA A HB1  3 
ATOM 700  H HB2  . ALA A 1 2  ? 5.148   9.417   -6.759  1.00 0.00 ? 2  ALA A HB2  3 
ATOM 701  H HB3  . ALA A 1 2  ? 5.642   7.751   -6.375  1.00 0.00 ? 2  ALA A HB3  3 
ATOM 702  N N    . LYS A 1 3  ? 2.886   6.765   -8.996  1.00 0.00 ? 3  LYS A N    3 
ATOM 703  C CA   . LYS A 1 3  ? 1.512   6.291   -8.845  1.00 0.00 ? 3  LYS A CA   3 
ATOM 704  C C    . LYS A 1 3  ? 1.468   4.995   -8.071  1.00 0.00 ? 3  LYS A C    3 
ATOM 705  O O    . LYS A 1 3  ? 0.576   4.747   -7.252  1.00 0.00 ? 3  LYS A O    3 
ATOM 706  C CB   . LYS A 1 3  ? 0.872   6.126   -10.251 1.00 0.00 ? 3  LYS A CB   3 
ATOM 707  C CG   . LYS A 1 3  ? -0.670  5.983   -10.220 1.00 0.00 ? 3  LYS A CG   3 
ATOM 708  C CD   . LYS A 1 3  ? -1.313  5.647   -11.568 1.00 0.00 ? 3  LYS A CD   3 
ATOM 709  C CE   . LYS A 1 3  ? -2.753  6.179   -11.590 1.00 0.00 ? 3  LYS A CE   3 
ATOM 710  N NZ   . LYS A 1 3  ? -3.127  6.529   -12.971 1.00 0.00 ? 3  LYS A NZ   3 
ATOM 711  H H    . LYS A 1 3  ? 3.480   6.499   -9.833  1.00 0.00 ? 3  LYS A H    3 
ATOM 712  H HA   . LYS A 1 3  ? 0.944   7.042   -8.266  1.00 0.00 ? 3  LYS A HA   3 
ATOM 713  H HB2  . LYS A 1 3  ? 1.141   6.992   -10.887 1.00 0.00 ? 3  LYS A HB2  3 
ATOM 714  H HB3  . LYS A 1 3  ? 1.321   5.248   -10.762 1.00 0.00 ? 3  LYS A HB3  3 
ATOM 715  H HG2  . LYS A 1 3  ? -0.958  5.223   -9.465  1.00 0.00 ? 3  LYS A HG2  3 
ATOM 716  H HG3  . LYS A 1 3  ? -1.135  6.928   -9.880  1.00 0.00 ? 3  LYS A HG3  3 
ATOM 717  H HD2  . LYS A 1 3  ? -0.709  6.081   -12.390 1.00 0.00 ? 3  LYS A HD2  3 
ATOM 718  H HD3  . LYS A 1 3  ? -1.308  4.549   -11.724 1.00 0.00 ? 3  LYS A HD3  3 
ATOM 719  H HE2  . LYS A 1 3  ? -3.453  5.420   -11.180 1.00 0.00 ? 3  LYS A HE2  3 
ATOM 720  H HE3  . LYS A 1 3  ? -2.859  7.071   -10.938 1.00 0.00 ? 3  LYS A HE3  3 
ATOM 721  H HZ1  . LYS A 1 3  ? -2.787  5.800   -13.615 1.00 0.00 ? 3  LYS A HZ1  3 
ATOM 722  H HZ2  . LYS A 1 3  ? -4.152  6.600   -13.043 1.00 0.00 ? 3  LYS A HZ2  3 
ATOM 723  H HZ3  . LYS A 1 3  ? -2.702  7.434   -13.223 1.00 0.00 ? 3  LYS A HZ3  3 
ATOM 724  N N    . MET A 1 4  ? 2.442   4.140   -8.319  1.00 0.00 ? 4  MET A N    3 
ATOM 725  C CA   . MET A 1 4  ? 2.532   2.838   -7.663  1.00 0.00 ? 4  MET A CA   3 
ATOM 726  C C    . MET A 1 4  ? 3.354   2.871   -6.394  1.00 0.00 ? 4  MET A C    3 
ATOM 727  O O    . MET A 1 4  ? 3.384   1.891   -5.631  1.00 0.00 ? 4  MET A O    3 
ATOM 728  C CB   . MET A 1 4  ? 3.125   1.800   -8.661  1.00 0.00 ? 4  MET A CB   3 
ATOM 729  C CG   . MET A 1 4  ? 2.504   1.804   -10.074 1.00 0.00 ? 4  MET A CG   3 
ATOM 730  S SD   . MET A 1 4  ? 3.377   0.636   -11.130 1.00 0.00 ? 4  MET A SD   3 
ATOM 731  C CE   . MET A 1 4  ? 3.392   -0.776  -10.019 1.00 0.00 ? 4  MET A CE   3 
ATOM 732  H H    . MET A 1 4  ? 3.142   4.437   -9.063  1.00 0.00 ? 4  MET A H    3 
ATOM 733  H HA   . MET A 1 4  ? 1.512   2.524   -7.369  1.00 0.00 ? 4  MET A HA   3 
ATOM 734  H HB2  . MET A 1 4  ? 4.212   1.979   -8.768  1.00 0.00 ? 4  MET A HB2  3 
ATOM 735  H HB3  . MET A 1 4  ? 3.043   0.782   -8.232  1.00 0.00 ? 4  MET A HB3  3 
ATOM 736  H HG2  . MET A 1 4  ? 1.431   1.543   -10.049 1.00 0.00 ? 4  MET A HG2  3 
ATOM 737  H HG3  . MET A 1 4  ? 2.572   2.817   -10.516 1.00 0.00 ? 4  MET A HG3  3 
ATOM 738  H HE1  . MET A 1 4  ? 2.430   -0.857  -9.482  1.00 0.00 ? 4  MET A HE1  3 
ATOM 739  H HE2  . MET A 1 4  ? 3.558   -1.716  -10.576 1.00 0.00 ? 4  MET A HE2  3 
ATOM 740  H HE3  . MET A 1 4  ? 4.197   -0.669  -9.271  1.00 0.00 ? 4  MET A HE3  3 
ATOM 741  N N    . ARG A 1 5  ? 4.052   3.962   -6.144  1.00 0.00 ? 5  ARG A N    3 
ATOM 742  C CA   . ARG A 1 5  ? 4.858   4.107   -4.934  1.00 0.00 ? 5  ARG A CA   3 
ATOM 743  C C    . ARG A 1 5  ? 3.990   4.444   -3.743  1.00 0.00 ? 5  ARG A C    3 
ATOM 744  O O    . ARG A 1 5  ? 4.091   3.825   -2.675  1.00 0.00 ? 5  ARG A O    3 
ATOM 745  C CB   . ARG A 1 5  ? 5.950   5.184   -5.182  1.00 0.00 ? 5  ARG A CB   3 
ATOM 746  C CG   . ARG A 1 5  ? 7.268   4.640   -5.798  1.00 0.00 ? 5  ARG A CG   3 
ATOM 747  C CD   . ARG A 1 5  ? 7.916   5.622   -6.782  1.00 0.00 ? 5  ARG A CD   3 
ATOM 748  N NE   . ARG A 1 5  ? 7.629   5.160   -8.163  1.00 0.00 ? 5  ARG A NE   3 
ATOM 749  C CZ   . ARG A 1 5  ? 8.532   4.731   -9.035  1.00 0.00 ? 5  ARG A CZ   3 
ATOM 750  N NH1  . ARG A 1 5  ? 9.808   4.659   -8.794  1.00 0.00 ? 5  ARG A NH1  3 
ATOM 751  N NH2  . ARG A 1 5  ? 8.111   4.362   -10.193 1.00 0.00 ? 5  ARG A NH2  3 
ATOM 752  H H    . ARG A 1 5  ? 4.036   4.707   -6.897  1.00 0.00 ? 5  ARG A H    3 
ATOM 753  H HA   . ARG A 1 5  ? 5.339   3.132   -4.726  1.00 0.00 ? 5  ARG A HA   3 
ATOM 754  H HB2  . ARG A 1 5  ? 5.553   5.970   -5.853  1.00 0.00 ? 5  ARG A HB2  3 
ATOM 755  H HB3  . ARG A 1 5  ? 6.170   5.710   -4.233  1.00 0.00 ? 5  ARG A HB3  3 
ATOM 756  H HG2  . ARG A 1 5  ? 8.007   4.404   -5.005  1.00 0.00 ? 5  ARG A HG2  3 
ATOM 757  H HG3  . ARG A 1 5  ? 7.077   3.677   -6.312  1.00 0.00 ? 5  ARG A HG3  3 
ATOM 758  H HD2  . ARG A 1 5  ? 7.516   6.646   -6.626  1.00 0.00 ? 5  ARG A HD2  3 
ATOM 759  H HD3  . ARG A 1 5  ? 9.011   5.674   -6.611  1.00 0.00 ? 5  ARG A HD3  3 
ATOM 760  H HE   . ARG A 1 5  ? 6.647   5.173   -8.471  1.00 0.00 ? 5  ARG A HE   3 
ATOM 761  H HH11 . ARG A 1 5  ? 10.056  4.969   -7.854  1.00 0.00 ? 5  ARG A HH11 3 
ATOM 762  H HH12 . ARG A 1 5  ? 10.402  4.312   -9.544  1.00 0.00 ? 5  ARG A HH12 3 
ATOM 763  H HH21 . ARG A 1 5  ? 7.098   4.458   -10.279 1.00 0.00 ? 5  ARG A HH21 3 
ATOM 764  H HH22 . ARG A 1 5  ? 8.799   4.030   -10.866 1.00 0.00 ? 5  ARG A HH22 3 
ATOM 765  N N    . GLU A 1 6  ? 3.136   5.441   -3.903  1.00 0.00 ? 6  GLU A N    3 
ATOM 766  C CA   . GLU A 1 6  ? 2.209   5.823   -2.837  1.00 0.00 ? 6  GLU A CA   3 
ATOM 767  C C    . GLU A 1 6  ? 1.272   4.675   -2.530  1.00 0.00 ? 6  GLU A C    3 
ATOM 768  O O    . GLU A 1 6  ? 0.860   4.437   -1.390  1.00 0.00 ? 6  GLU A O    3 
ATOM 769  C CB   . GLU A 1 6  ? 1.422   7.095   -3.260  1.00 0.00 ? 6  GLU A CB   3 
ATOM 770  C CG   . GLU A 1 6  ? 1.961   7.926   -4.473  1.00 0.00 ? 6  GLU A CG   3 
ATOM 771  C CD   . GLU A 1 6  ? 0.981   8.832   -5.222  1.00 0.00 ? 6  GLU A CD   3 
ATOM 772  O OE1  . GLU A 1 6  ? 0.298   8.442   -6.161  1.00 0.00 ? 6  GLU A OE1  3 
ATOM 773  O OE2  . GLU A 1 6  ? 0.941   10.108  -4.748  1.00 0.00 ? 6  GLU A OE2  3 
ATOM 774  H H    . GLU A 1 6  ? 3.144   5.904   -4.855  1.00 0.00 ? 6  GLU A H    3 
ATOM 775  H HA   . GLU A 1 6  ? 2.793   6.040   -1.924  1.00 0.00 ? 6  GLU A HA   3 
ATOM 776  H HB2  . GLU A 1 6  ? 0.375   6.806   -3.480  1.00 0.00 ? 6  GLU A HB2  3 
ATOM 777  H HB3  . GLU A 1 6  ? 1.338   7.766   -2.381  1.00 0.00 ? 6  GLU A HB3  3 
ATOM 778  H HG2  . GLU A 1 6  ? 2.798   8.568   -4.141  1.00 0.00 ? 6  GLU A HG2  3 
ATOM 779  H HG3  . GLU A 1 6  ? 2.415   7.254   -5.224  1.00 0.00 ? 6  GLU A HG3  3 
ATOM 780  N N    . TRP A 1 7  ? 0.923   3.931   -3.564  1.00 0.00 ? 7  TRP A N    3 
ATOM 781  C CA   . TRP A 1 7  ? 0.070   2.752   -3.440  1.00 0.00 ? 7  TRP A CA   3 
ATOM 782  C C    . TRP A 1 7  ? 0.824   1.613   -2.789  1.00 0.00 ? 7  TRP A C    3 
ATOM 783  O O    . TRP A 1 7  ? 0.242   0.746   -2.124  1.00 0.00 ? 7  TRP A O    3 
ATOM 784  C CB   . TRP A 1 7  ? -0.430  2.346   -4.855  1.00 0.00 ? 7  TRP A CB   3 
ATOM 785  C CG   . TRP A 1 7  ? -1.192  1.020   -4.936  1.00 0.00 ? 7  TRP A CG   3 
ATOM 786  C CD1  . TRP A 1 7  ? -2.593  0.874   -4.992  1.00 0.00 ? 7  TRP A CD1  3 
ATOM 787  C CD2  . TRP A 1 7  ? -0.675  -0.253  -5.037  1.00 0.00 ? 7  TRP A CD2  3 
ATOM 788  N NE1  . TRP A 1 7  ? -2.968  -0.476  -5.133  1.00 0.00 ? 7  TRP A NE1  3 
ATOM 789  C CE2  . TRP A 1 7  ? -1.761  -1.156  -5.160  1.00 0.00 ? 7  TRP A CE2  3 
ATOM 790  C CE3  . TRP A 1 7  ? 0.664   -0.726  -5.044  1.00 0.00 ? 7  TRP A CE3  3 
ATOM 791  C CZ2  . TRP A 1 7  ? -1.515  -2.541  -5.278  1.00 0.00 ? 7  TRP A CZ2  3 
ATOM 792  C CZ3  . TRP A 1 7  ? 0.880   -2.099  -5.158  1.00 0.00 ? 7  TRP A CZ3  3 
ATOM 793  C CH2  . TRP A 1 7  ? -0.193  -2.995  -5.274  1.00 0.00 ? 7  TRP A CH2  3 
ATOM 794  H H    . TRP A 1 7  ? 1.287   4.253   -4.512  1.00 0.00 ? 7  TRP A H    3 
ATOM 795  H HA   . TRP A 1 7  ? -0.797  2.981   -2.788  1.00 0.00 ? 7  TRP A HA   3 
ATOM 796  H HB2  . TRP A 1 7  ? -1.060  3.158   -5.282  1.00 0.00 ? 7  TRP A HB2  3 
ATOM 797  H HB3  . TRP A 1 7  ? 0.427   2.281   -5.558  1.00 0.00 ? 7  TRP A HB3  3 
ATOM 798  H HD1  . TRP A 1 7  ? -3.287  1.705   -4.969  1.00 0.00 ? 7  TRP A HD1  3 
ATOM 799  H HE1  . TRP A 1 7  ? -3.912  -0.867  -5.224  1.00 0.00 ? 7  TRP A HE1  3 
ATOM 800  H HE3  . TRP A 1 7  ? 1.497   -0.039  -4.961  1.00 0.00 ? 7  TRP A HE3  3 
ATOM 801  H HZ2  . TRP A 1 7  ? -2.339  -3.234  -5.369  1.00 0.00 ? 7  TRP A HZ2  3 
ATOM 802  H HZ3  . TRP A 1 7  ? 1.893   -2.476  -5.156  1.00 0.00 ? 7  TRP A HZ3  3 
ATOM 803  H HH2  . TRP A 1 7  ? 0.006   -4.052  -5.364  1.00 0.00 ? 7  TRP A HH2  3 
ATOM 804  N N    . PHE A 1 8  ? 2.134   1.601   -2.947  1.00 0.00 ? 8  PHE A N    3 
ATOM 805  C CA   . PHE A 1 8  ? 2.986   0.579   -2.345  1.00 0.00 ? 8  PHE A CA   3 
ATOM 806  C C    . PHE A 1 8  ? 2.855   0.579   -0.839  1.00 0.00 ? 8  PHE A C    3 
ATOM 807  O O    . PHE A 1 8  ? 2.768   -0.469  -0.191  1.00 0.00 ? 8  PHE A O    3 
ATOM 808  C CB   . PHE A 1 8  ? 4.479   0.837   -2.714  1.00 0.00 ? 8  PHE A CB   3 
ATOM 809  C CG   . PHE A 1 8  ? 5.433   -0.364  -2.618  1.00 0.00 ? 8  PHE A CG   3 
ATOM 810  C CD1  . PHE A 1 8  ? 5.007   -1.573  -2.061  1.00 0.00 ? 8  PHE A CD1  3 
ATOM 811  C CD2  . PHE A 1 8  ? 6.754   -0.236  -3.063  1.00 0.00 ? 8  PHE A CD2  3 
ATOM 812  C CE1  . PHE A 1 8  ? 5.887   -2.648  -1.973  1.00 0.00 ? 8  PHE A CE1  3 
ATOM 813  C CE2  . PHE A 1 8  ? 7.632   -1.311  -2.974  1.00 0.00 ? 8  PHE A CE2  3 
ATOM 814  C CZ   . PHE A 1 8  ? 7.197   -2.520  -2.435  1.00 0.00 ? 8  PHE A CZ   3 
ATOM 815  H H    . PHE A 1 8  ? 2.531   2.364   -3.567  1.00 0.00 ? 8  PHE A H    3 
ATOM 816  H HA   . PHE A 1 8  ? 2.667   -0.416  -2.712  1.00 0.00 ? 8  PHE A HA   3 
ATOM 817  H HB2  . PHE A 1 8  ? 4.539   1.264   -3.737  1.00 0.00 ? 8  PHE A HB2  3 
ATOM 818  H HB3  . PHE A 1 8  ? 4.878   1.650   -2.073  1.00 0.00 ? 8  PHE A HB3  3 
ATOM 819  H HD1  . PHE A 1 8  ? 3.987   -1.687  -1.725  1.00 0.00 ? 8  PHE A HD1  3 
ATOM 820  H HD2  . PHE A 1 8  ? 7.086   0.685   -3.524  1.00 0.00 ? 8  PHE A HD2  3 
ATOM 821  H HE1  . PHE A 1 8  ? 5.551   -3.584  -1.551  1.00 0.00 ? 8  PHE A HE1  3 
ATOM 822  H HE2  . PHE A 1 8  ? 8.646   -1.206  -3.330  1.00 0.00 ? 8  PHE A HE2  3 
ATOM 823  H HZ   . PHE A 1 8  ? 7.876   -3.356  -2.374  1.00 0.00 ? 8  PHE A HZ   3 
ATOM 824  N N    . SER A 1 9  ? 2.858   1.767   -0.260  1.00 0.00 ? 9  SER A N    3 
ATOM 825  C CA   . SER A 1 9  ? 2.716   1.915   1.187   1.00 0.00 ? 9  SER A CA   3 
ATOM 826  C C    . SER A 1 9  ? 1.328   1.509   1.627   1.00 0.00 ? 9  SER A C    3 
ATOM 827  O O    . SER A 1 9  ? 1.124   0.825   2.635   1.00 0.00 ? 9  SER A O    3 
ATOM 828  C CB   . SER A 1 9  ? 3.065   3.356   1.633   1.00 0.00 ? 9  SER A CB   3 
ATOM 829  O OG   . SER A 1 9  ? 3.104   3.512   3.056   1.00 0.00 ? 9  SER A OG   3 
ATOM 830  H H    . SER A 1 9  ? 2.918   2.599   -0.915  1.00 0.00 ? 9  SER A H    3 
ATOM 831  H HA   . SER A 1 9  ? 3.419   1.213   1.672   1.00 0.00 ? 9  SER A HA   3 
ATOM 832  H HB2  . SER A 1 9  ? 4.052   3.645   1.221   1.00 0.00 ? 9  SER A HB2  3 
ATOM 833  H HB3  . SER A 1 9  ? 2.353   4.090   1.201   1.00 0.00 ? 9  SER A HB3  3 
ATOM 834  H HG   . SER A 1 9  ? 2.542   4.259   3.278   1.00 0.00 ? 9  SER A HG   3 
ATOM 835  N N    . GLU A 1 10 ? 0.340   1.926   0.856   1.00 0.00 ? 10 GLU A N    3 
ATOM 836  C CA   . GLU A 1 10 ? -1.055  1.567   1.101   1.00 0.00 ? 10 GLU A CA   3 
ATOM 837  C C    . GLU A 1 10 ? -1.421  0.206   0.560   1.00 0.00 ? 10 GLU A C    3 
ATOM 838  O O    . GLU A 1 10 ? -2.610  -0.123  0.407   1.00 0.00 ? 10 GLU A O    3 
ATOM 839  C CB   . GLU A 1 10 ? -1.934  2.699   0.475   1.00 0.00 ? 10 GLU A CB   3 
ATOM 840  C CG   . GLU A 1 10 ? -1.662  4.149   0.998   1.00 0.00 ? 10 GLU A CG   3 
ATOM 841  C CD   . GLU A 1 10 ? -2.837  4.970   1.530   1.00 0.00 ? 10 GLU A CD   3 
ATOM 842  O OE1  . GLU A 1 10 ? -3.767  5.274   0.583   1.00 0.00 ? 10 GLU A OE1  3 
ATOM 843  O OE2  . GLU A 1 10 ? -2.930  5.321   2.700   1.00 0.00 ? 10 GLU A OE2  3 
ATOM 844  H H    . GLU A 1 10 ? 0.609   2.612   0.088   1.00 0.00 ? 10 GLU A H    3 
ATOM 845  H HA   . GLU A 1 10 ? -1.225  1.544   2.193   1.00 0.00 ? 10 GLU A HA   3 
ATOM 846  H HB2  . GLU A 1 10 ? -1.773  2.690   -0.622  1.00 0.00 ? 10 GLU A HB2  3 
ATOM 847  H HB3  . GLU A 1 10 ? -3.001  2.436   0.594   1.00 0.00 ? 10 GLU A HB3  3 
ATOM 848  H HG2  . GLU A 1 10 ? -0.892  4.135   1.803   1.00 0.00 ? 10 GLU A HG2  3 
ATOM 849  H HG3  . GLU A 1 10 ? -1.181  4.749   0.201   1.00 0.00 ? 10 GLU A HG3  3 
ATOM 850  N N    . THR A 1 11 ? -0.438  -0.611  0.239   1.00 0.00 ? 11 THR A N    3 
ATOM 851  C CA   . THR A 1 11 ? -0.671  -1.981  -0.219  1.00 0.00 ? 11 THR A CA   3 
ATOM 852  C C    . THR A 1 11 ? -0.201  -2.967  0.827   1.00 0.00 ? 11 THR A C    3 
ATOM 853  O O    . THR A 1 11 ? -0.833  -3.993  1.099   1.00 0.00 ? 11 THR A O    3 
ATOM 854  C CB   . THR A 1 11 ? 0.041   -2.256  -1.587  1.00 0.00 ? 11 THR A CB   3 
ATOM 855  O OG1  . THR A 1 11 ? -0.716  -1.708  -2.659  1.00 0.00 ? 11 THR A OG1  3 
ATOM 856  C CG2  . THR A 1 11 ? 0.239   -3.739  -1.967  1.00 0.00 ? 11 THR A CG2  3 
ATOM 857  H H    . THR A 1 11 ? 0.540   -0.206  0.280   1.00 0.00 ? 11 THR A H    3 
ATOM 858  H HA   . THR A 1 11 ? -1.759  -2.117  -0.354  1.00 0.00 ? 11 THR A HA   3 
ATOM 859  H HB   . THR A 1 11 ? 1.037   -1.764  -1.568  1.00 0.00 ? 11 THR A HB   3 
ATOM 860  H HG1  . THR A 1 11 ? -0.192  -1.851  -3.453  1.00 0.00 ? 11 THR A HG1  3 
ATOM 861  H HG21 . THR A 1 11 ? -0.723  -4.283  -2.009  1.00 0.00 ? 11 THR A HG21 3 
ATOM 862  H HG22 . THR A 1 11 ? 0.724   -3.854  -2.954  1.00 0.00 ? 11 THR A HG22 3 
ATOM 863  H HG23 . THR A 1 11 ? 0.886   -4.277  -1.251  1.00 0.00 ? 11 THR A HG23 3 
ATOM 864  N N    . PHE A 1 12 ? 0.925   -2.651  1.444   1.00 0.00 ? 12 PHE A N    3 
ATOM 865  C CA   . PHE A 1 12 ? 1.486   -3.487  2.503   1.00 0.00 ? 12 PHE A CA   3 
ATOM 866  C C    . PHE A 1 12 ? 0.650   -3.376  3.758   1.00 0.00 ? 12 PHE A C    3 
ATOM 867  O O    . PHE A 1 12 ? 0.388   -4.352  4.468   1.00 0.00 ? 12 PHE A O    3 
ATOM 868  C CB   . PHE A 1 12 ? 2.947   -3.045  2.820   1.00 0.00 ? 12 PHE A CB   3 
ATOM 869  C CG   . PHE A 1 12 ? 3.810   -4.035  3.618   1.00 0.00 ? 12 PHE A CG   3 
ATOM 870  C CD1  . PHE A 1 12 ? 3.215   -4.876  4.566   1.00 0.00 ? 12 PHE A CD1  3 
ATOM 871  C CD2  . PHE A 1 12 ? 5.192   -4.090  3.422   1.00 0.00 ? 12 PHE A CD2  3 
ATOM 872  C CE1  . PHE A 1 12 ? 3.991   -5.772  5.294   1.00 0.00 ? 12 PHE A CE1  3 
ATOM 873  C CE2  . PHE A 1 12 ? 5.968   -4.987  4.151   1.00 0.00 ? 12 PHE A CE2  3 
ATOM 874  C CZ   . PHE A 1 12 ? 5.366   -5.832  5.083   1.00 0.00 ? 12 PHE A CZ   3 
ATOM 875  H H    . PHE A 1 12 ? 1.375   -1.733  1.163   1.00 0.00 ? 12 PHE A H    3 
ATOM 876  H HA   . PHE A 1 12 ? 1.475   -4.543  2.174   1.00 0.00 ? 12 PHE A HA   3 
ATOM 877  H HB2  . PHE A 1 12 ? 3.470   -2.793  1.872   1.00 0.00 ? 12 PHE A HB2  3 
ATOM 878  H HB3  . PHE A 1 12 ? 2.928   -2.082  3.365   1.00 0.00 ? 12 PHE A HB3  3 
ATOM 879  H HD1  . PHE A 1 12 ? 2.149   -4.821  4.749   1.00 0.00 ? 12 PHE A HD1  3 
ATOM 880  H HD2  . PHE A 1 12 ? 5.665   -3.438  2.701   1.00 0.00 ? 12 PHE A HD2  3 
ATOM 881  H HE1  . PHE A 1 12 ? 3.520   -6.431  6.010   1.00 0.00 ? 12 PHE A HE1  3 
ATOM 882  H HE2  . PHE A 1 12 ? 7.034   -5.033  3.987   1.00 0.00 ? 12 PHE A HE2  3 
ATOM 883  H HZ   . PHE A 1 12 ? 5.966   -6.534  5.644   1.00 0.00 ? 12 PHE A HZ   3 
ATOM 884  N N    . GLN A 1 13 ? 0.216   -2.162  4.050   1.00 0.00 ? 13 GLN A N    3 
ATOM 885  C CA   . GLN A 1 13 ? -0.646  -1.904  5.200   1.00 0.00 ? 13 GLN A CA   3 
ATOM 886  C C    . GLN A 1 13 ? -2.067  -2.345  4.940   1.00 0.00 ? 13 GLN A C    3 
ATOM 887  O O    . GLN A 1 13 ? -2.887  -2.448  5.864   1.00 0.00 ? 13 GLN A O    3 
ATOM 888  C CB   . GLN A 1 13 ? -0.587  -0.397  5.532   1.00 0.00 ? 13 GLN A CB   3 
ATOM 889  C CG   . GLN A 1 13 ? 0.825   0.273   5.469   1.00 0.00 ? 13 GLN A CG   3 
ATOM 890  C CD   . GLN A 1 13 ? 1.272   1.186   6.617   1.00 0.00 ? 13 GLN A CD   3 
ATOM 891  O OE1  . GLN A 1 13 ? 1.430   0.749   7.746   1.00 0.00 ? 13 GLN A OE1  3 
ATOM 892  N NE2  . GLN A 1 13 ? 1.489   2.457   6.394   1.00 0.00 ? 13 GLN A NE2  3 
ATOM 893  H H    . GLN A 1 13 ? 0.522   -1.386  3.396   1.00 0.00 ? 13 GLN A H    3 
ATOM 894  H HA   . GLN A 1 13 ? -0.273  -2.505  6.055   1.00 0.00 ? 13 GLN A HA   3 
ATOM 895  H HB2  . GLN A 1 13 ? -1.265  0.148   4.845   1.00 0.00 ? 13 GLN A HB2  3 
ATOM 896  H HB3  . GLN A 1 13 ? -1.014  -0.241  6.546   1.00 0.00 ? 13 GLN A HB3  3 
ATOM 897  H HG2  . GLN A 1 13 ? 1.614   -0.500  5.410   1.00 0.00 ? 13 GLN A HG2  3 
ATOM 898  H HG3  . GLN A 1 13 ? 0.933   0.845   4.529   1.00 0.00 ? 13 GLN A HG3  3 
ATOM 899  H HE21 . GLN A 1 13 ? 1.316   2.765   5.437   1.00 0.00 ? 13 GLN A HE21 3 
ATOM 900  H HE22 . GLN A 1 13 ? 1.784   2.995   7.211   1.00 0.00 ? 13 GLN A HE22 3 
ATOM 901  N N    . LYS A 1 14 ? -2.401  -2.574  3.685   1.00 0.00 ? 14 LYS A N    3 
ATOM 902  C CA   . LYS A 1 14 ? -3.707  -3.116  3.324   1.00 0.00 ? 14 LYS A CA   3 
ATOM 903  C C    . LYS A 1 14 ? -3.779  -4.592  3.650   1.00 0.00 ? 14 LYS A C    3 
ATOM 904  O O    . LYS A 1 14 ? -4.858  -5.164  3.848   1.00 0.00 ? 14 LYS A O    3 
ATOM 905  C CB   . LYS A 1 14 ? -3.983  -2.865  1.816   1.00 0.00 ? 14 LYS A CB   3 
ATOM 906  C CG   . LYS A 1 14 ? -5.479  -2.620  1.496   1.00 0.00 ? 14 LYS A CG   3 
ATOM 907  C CD   . LYS A 1 14 ? -5.973  -3.257  0.194   1.00 0.00 ? 14 LYS A CD   3 
ATOM 908  C CE   . LYS A 1 14 ? -6.202  -4.758  0.421   1.00 0.00 ? 14 LYS A CE   3 
ATOM 909  N NZ   . LYS A 1 14 ? -6.337  -5.433  -0.882  1.00 0.00 ? 14 LYS A NZ   3 
ATOM 910  H H    . LYS A 1 14 ? -1.692  -2.287  2.951   1.00 0.00 ? 14 LYS A H    3 
ATOM 911  H HA   . LYS A 1 14 ? -4.478  -2.604  3.929   1.00 0.00 ? 14 LYS A HA   3 
ATOM 912  H HB2  . LYS A 1 14 ? -3.390  -1.997  1.468   1.00 0.00 ? 14 LYS A HB2  3 
ATOM 913  H HB3  . LYS A 1 14 ? -3.607  -3.724  1.221   1.00 0.00 ? 14 LYS A HB3  3 
ATOM 914  H HG2  . LYS A 1 14 ? -6.115  -3.029  2.304   1.00 0.00 ? 14 LYS A HG2  3 
ATOM 915  H HG3  . LYS A 1 14 ? -5.682  -1.531  1.485   1.00 0.00 ? 14 LYS A HG3  3 
ATOM 916  H HD2  . LYS A 1 14 ? -6.900  -2.754  -0.141  1.00 0.00 ? 14 LYS A HD2  3 
ATOM 917  H HD3  . LYS A 1 14 ? -5.224  -3.101  -0.608  1.00 0.00 ? 14 LYS A HD3  3 
ATOM 918  H HE2  . LYS A 1 14 ? -5.361  -5.196  0.999   1.00 0.00 ? 14 LYS A HE2  3 
ATOM 919  H HE3  . LYS A 1 14 ? -7.111  -4.937  1.029   1.00 0.00 ? 14 LYS A HE3  3 
ATOM 920  H HZ1  . LYS A 1 14 ? -6.958  -4.882  -1.492  1.00 0.00 ? 14 LYS A HZ1  3 
ATOM 921  H HZ2  . LYS A 1 14 ? -5.410  -5.519  -1.323  1.00 0.00 ? 14 LYS A HZ2  3 
ATOM 922  H HZ3  . LYS A 1 14 ? -6.738  -6.372  -0.742  1.00 0.00 ? 14 LYS A HZ3  3 
ATOM 923  N N    . VAL A 1 15 ? -2.628  -5.236  3.716   1.00 0.00 ? 15 VAL A N    3 
ATOM 924  C CA   . VAL A 1 15 ? -2.546  -6.655  4.054   1.00 0.00 ? 15 VAL A CA   3 
ATOM 925  C C    . VAL A 1 15 ? -2.529  -6.852  5.551   1.00 0.00 ? 15 VAL A C    3 
ATOM 926  O O    . VAL A 1 15 ? -3.072  -7.826  6.086   1.00 0.00 ? 15 VAL A O    3 
ATOM 927  C CB   . VAL A 1 15 ? -1.262  -7.293  3.390   1.00 0.00 ? 15 VAL A CB   3 
ATOM 928  C CG1  . VAL A 1 15 ? -0.888  -8.729  3.852   1.00 0.00 ? 15 VAL A CG1  3 
ATOM 929  C CG2  . VAL A 1 15 ? -1.323  -7.365  1.845   1.00 0.00 ? 15 VAL A CG2  3 
ATOM 930  H H    . VAL A 1 15 ? -1.756  -4.665  3.523   1.00 0.00 ? 15 VAL A H    3 
ATOM 931  H HA   . VAL A 1 15 ? -3.448  -7.165  3.669   1.00 0.00 ? 15 VAL A HA   3 
ATOM 932  H HB   . VAL A 1 15 ? -0.400  -6.643  3.652   1.00 0.00 ? 15 VAL A HB   3 
ATOM 933  H HG11 . VAL A 1 15 ? -1.693  -9.461  3.654   1.00 0.00 ? 15 VAL A HG11 3 
ATOM 934  H HG12 . VAL A 1 15 ? 0.027   -9.106  3.355   1.00 0.00 ? 15 VAL A HG12 3 
ATOM 935  H HG13 . VAL A 1 15 ? -0.663  -8.779  4.935   1.00 0.00 ? 15 VAL A HG13 3 
ATOM 936  H HG21 . VAL A 1 15 ? -1.520  -6.376  1.394   1.00 0.00 ? 15 VAL A HG21 3 
ATOM 937  H HG22 . VAL A 1 15 ? -0.366  -7.714  1.411   1.00 0.00 ? 15 VAL A HG22 3 
ATOM 938  H HG23 . VAL A 1 15 ? -2.115  -8.051  1.488   1.00 0.00 ? 15 VAL A HG23 3 
ATOM 939  N N    . LYS A 1 16 ? -1.901  -5.926  6.251   1.00 0.00 ? 16 LYS A N    3 
ATOM 940  C CA   . LYS A 1 16 ? -1.835  -5.980  7.711   1.00 0.00 ? 16 LYS A CA   3 
ATOM 941  C C    . LYS A 1 16 ? -3.172  -5.639  8.325   1.00 0.00 ? 16 LYS A C    3 
ATOM 942  O O    . LYS A 1 16 ? -3.543  -6.124  9.399   1.00 0.00 ? 16 LYS A O    3 
ATOM 943  C CB   . LYS A 1 16 ? -0.726  -5.018  8.218   1.00 0.00 ? 16 LYS A CB   3 
ATOM 944  C CG   . LYS A 1 16 ? 0.548   -5.026  7.338   1.00 0.00 ? 16 LYS A CG   3 
ATOM 945  C CD   . LYS A 1 16 ? 1.859   -4.819  8.103   1.00 0.00 ? 16 LYS A CD   3 
ATOM 946  C CE   . LYS A 1 16 ? 1.856   -3.423  8.740   1.00 0.00 ? 16 LYS A CE   3 
ATOM 947  N NZ   . LYS A 1 16 ? 2.864   -3.374  9.813   1.00 0.00 ? 16 LYS A NZ   3 
ATOM 948  H H    . LYS A 1 16 ? -1.493  -5.116  5.701   1.00 0.00 ? 16 LYS A H    3 
ATOM 949  H HA   . LYS A 1 16 ? -1.590  -7.018  8.007   1.00 0.00 ? 16 LYS A HA   3 
ATOM 950  H HB2  . LYS A 1 16 ? -1.123  -3.985  8.271   1.00 0.00 ? 16 LYS A HB2  3 
ATOM 951  H HB3  . LYS A 1 16 ? -0.461  -5.275  9.265   1.00 0.00 ? 16 LYS A HB3  3 
ATOM 952  H HG2  . LYS A 1 16 ? 0.644   -5.995  6.813   1.00 0.00 ? 16 LYS A HG2  3 
ATOM 953  H HG3  . LYS A 1 16 ? 0.453   -4.265  6.538   1.00 0.00 ? 16 LYS A HG3  3 
ATOM 954  H HD2  . LYS A 1 16 ? 1.964   -5.597  8.885   1.00 0.00 ? 16 LYS A HD2  3 
ATOM 955  H HD3  . LYS A 1 16 ? 2.718   -4.949  7.416   1.00 0.00 ? 16 LYS A HD3  3 
ATOM 956  H HE2  . LYS A 1 16 ? 2.067   -2.646  7.975   1.00 0.00 ? 16 LYS A HE2  3 
ATOM 957  H HE3  . LYS A 1 16 ? 0.858   -3.175  9.156   1.00 0.00 ? 16 LYS A HE3  3 
ATOM 958  H HZ1  . LYS A 1 16 ? 3.633   -4.022  9.593   1.00 0.00 ? 16 LYS A HZ1  3 
ATOM 959  H HZ2  . LYS A 1 16 ? 3.234   -2.415  9.893   1.00 0.00 ? 16 LYS A HZ2  3 
ATOM 960  H HZ3  . LYS A 1 16 ? 2.429   -3.648  10.706  1.00 0.00 ? 16 LYS A HZ3  3 
ATOM 961  N N    . GLU A 1 17 ? -3.916  -4.782  7.652   1.00 0.00 ? 17 GLU A N    3 
ATOM 962  C CA   . GLU A 1 17 ? -5.246  -4.384  8.104   1.00 0.00 ? 17 GLU A CA   3 
ATOM 963  C C    . GLU A 1 17 ? -6.237  -5.515  7.965   1.00 0.00 ? 17 GLU A C    3 
ATOM 964  O O    . GLU A 1 17 ? -7.217  -5.617  8.715   1.00 0.00 ? 17 GLU A O    3 
ATOM 965  C CB   . GLU A 1 17 ? -5.692  -3.143  7.280   1.00 0.00 ? 17 GLU A CB   3 
ATOM 966  C CG   . GLU A 1 17 ? -5.572  -1.743  7.967   1.00 0.00 ? 17 GLU A CG   3 
ATOM 967  C CD   . GLU A 1 17 ? -5.130  -0.549  7.117   1.00 0.00 ? 17 GLU A CD   3 
ATOM 968  O OE1  . GLU A 1 17 ? -5.393  -0.694  5.789   1.00 0.00 ? 17 GLU A OE1  3 
ATOM 969  O OE2  . GLU A 1 17 ? -4.591  0.442   7.592   1.00 0.00 ? 17 GLU A OE2  3 
ATOM 970  H H    . GLU A 1 17 ? -3.509  -4.428  6.739   1.00 0.00 ? 17 GLU A H    3 
ATOM 971  H HA   . GLU A 1 17 ? -5.190  -4.117  9.175   1.00 0.00 ? 17 GLU A HA   3 
ATOM 972  H HB2  . GLU A 1 17 ? -5.115  -3.118  6.335   1.00 0.00 ? 17 GLU A HB2  3 
ATOM 973  H HB3  . GLU A 1 17 ? -6.740  -3.294  6.952   1.00 0.00 ? 17 GLU A HB3  3 
ATOM 974  H HG2  . GLU A 1 17 ? -6.542  -1.468  8.423   1.00 0.00 ? 17 GLU A HG2  3 
ATOM 975  H HG3  . GLU A 1 17 ? -4.877  -1.799  8.825   1.00 0.00 ? 17 GLU A HG3  3 
ATOM 976  N N    . LYS A 1 18 ? -6.013  -6.380  6.993   1.00 0.00 ? 18 LYS A N    3 
ATOM 977  C CA   . LYS A 1 18 ? -6.908  -7.504  6.734   1.00 0.00 ? 18 LYS A CA   3 
ATOM 978  C C    . LYS A 1 18 ? -6.739  -8.583  7.777   1.00 0.00 ? 18 LYS A C    3 
ATOM 979  O O    . LYS A 1 18 ? -7.706  -9.169  8.276   1.00 0.00 ? 18 LYS A O    3 
ATOM 980  C CB   . LYS A 1 18 ? -6.638  -8.061  5.309   1.00 0.00 ? 18 LYS A CB   3 
ATOM 981  C CG   . LYS A 1 18 ? -7.427  -7.322  4.199   1.00 0.00 ? 18 LYS A CG   3 
ATOM 982  C CD   . LYS A 1 18 ? -8.670  -8.059  3.692   1.00 0.00 ? 18 LYS A CD   3 
ATOM 983  C CE   . LYS A 1 18 ? -8.374  -8.661  2.313   1.00 0.00 ? 18 LYS A CE   3 
ATOM 984  N NZ   . LYS A 1 18 ? -8.076  -10.098 2.459   1.00 0.00 ? 18 LYS A NZ   3 
ATOM 985  H H    . LYS A 1 18 ? -5.122  -6.236  6.437   1.00 0.00 ? 18 LYS A H    3 
ATOM 986  H HA   . LYS A 1 18 ? -7.951  -7.141  6.797   1.00 0.00 ? 18 LYS A HA   3 
ATOM 987  H HB2  . LYS A 1 18 ? -5.556  -8.002  5.083   1.00 0.00 ? 18 LYS A HB2  3 
ATOM 988  H HB3  . LYS A 1 18 ? -6.876  -9.145  5.281   1.00 0.00 ? 18 LYS A HB3  3 
ATOM 989  H HG2  . LYS A 1 18 ? -7.777  -6.339  4.569   1.00 0.00 ? 18 LYS A HG2  3 
ATOM 990  H HG3  . LYS A 1 18 ? -6.752  -7.094  3.352   1.00 0.00 ? 18 LYS A HG3  3 
ATOM 991  H HD2  . LYS A 1 18 ? -8.966  -8.840  4.420   1.00 0.00 ? 18 LYS A HD2  3 
ATOM 992  H HD3  . LYS A 1 18 ? -9.525  -7.354  3.628   1.00 0.00 ? 18 LYS A HD3  3 
ATOM 993  H HE2  . LYS A 1 18 ? -9.238  -8.514  1.631   1.00 0.00 ? 18 LYS A HE2  3 
ATOM 994  H HE3  . LYS A 1 18 ? -7.516  -8.152  1.828   1.00 0.00 ? 18 LYS A HE3  3 
ATOM 995  H HZ1  . LYS A 1 18 ? -8.393  -10.421 3.384   1.00 0.00 ? 18 LYS A HZ1  3 
ATOM 996  H HZ2  . LYS A 1 18 ? -8.566  -10.627 1.724   1.00 0.00 ? 18 LYS A HZ2  3 
ATOM 997  H HZ3  . LYS A 1 18 ? -7.061  -10.248 2.372   1.00 0.00 ? 18 LYS A HZ3  3 
ATOM 998  N N    . LEU A 1 19 ? -5.497  -8.864  8.123   1.00 0.00 ? 19 LEU A N    3 
ATOM 999  C CA   . LEU A 1 19 ? -5.183  -9.883  9.122   1.00 0.00 ? 19 LEU A CA   3 
ATOM 1000 C C    . LEU A 1 19 ? -5.481  -9.386  10.516  1.00 0.00 ? 19 LEU A C    3 
ATOM 1001 O O    . LEU A 1 19 ? -6.656  -9.069  10.881  1.00 0.00 ? 19 LEU A O    3 
ATOM 1002 C CB   . LEU A 1 19 ? -3.698  -10.329 8.996   1.00 0.00 ? 19 LEU A CB   3 
ATOM 1003 C CG   . LEU A 1 19 ? -3.251  -11.016 7.677   1.00 0.00 ? 19 LEU A CG   3 
ATOM 1004 C CD1  . LEU A 1 19 ? -1.745  -10.864 7.409   1.00 0.00 ? 19 LEU A CD1  3 
ATOM 1005 C CD2  . LEU A 1 19 ? -3.625  -12.505 7.706   1.00 0.00 ? 19 LEU A CD2  3 
ATOM 1006 O OXT  . LEU A 1 19 ? -4.488  -9.306  11.303  1.00 0.00 ? 19 LEU A OXT  3 
ATOM 1007 H H    . LEU A 1 19 ? -4.738  -8.338  7.605   1.00 0.00 ? 19 LEU A H    3 
ATOM 1008 H HA   . LEU A 1 19 ? -5.845  -10.751 8.953   1.00 0.00 ? 19 LEU A HA   3 
ATOM 1009 H HB2  . LEU A 1 19 ? -3.047  -9.446  9.161   1.00 0.00 ? 19 LEU A HB2  3 
ATOM 1010 H HB3  . LEU A 1 19 ? -3.463  -11.008 9.838   1.00 0.00 ? 19 LEU A HB3  3 
ATOM 1011 H HG   . LEU A 1 19 ? -3.803  -10.543 6.838   1.00 0.00 ? 19 LEU A HG   3 
ATOM 1012 H HD11 . LEU A 1 19 ? -1.424  -9.811  7.510   1.00 0.00 ? 19 LEU A HD11 3 
ATOM 1013 H HD12 . LEU A 1 19 ? -1.136  -11.439 8.130   1.00 0.00 ? 19 LEU A HD12 3 
ATOM 1014 H HD13 . LEU A 1 19 ? -1.465  -11.198 6.393   1.00 0.00 ? 19 LEU A HD13 3 
ATOM 1015 H HD21 . LEU A 1 19 ? -4.696  -12.657 7.939   1.00 0.00 ? 19 LEU A HD21 3 
ATOM 1016 H HD22 . LEU A 1 19 ? -3.428  -13.006 6.738   1.00 0.00 ? 19 LEU A HD22 3 
ATOM 1017 H HD23 . LEU A 1 19 ? -3.054  -13.054 8.478   1.00 0.00 ? 19 LEU A HD23 3 
ATOM 1018 N N    . SER A 1 1  ? 2.762   11.815  -9.513  1.00 0.00 ? 1  SER A N    4 
ATOM 1019 C CA   . SER A 1 1  ? 4.095   11.506  -9.003  1.00 0.00 ? 1  SER A CA   4 
ATOM 1020 C C    . SER A 1 1  ? 4.057   10.315  -8.069  1.00 0.00 ? 1  SER A C    4 
ATOM 1021 O O    . SER A 1 1  ? 3.482   10.389  -6.974  1.00 0.00 ? 1  SER A O    4 
ATOM 1022 C CB   . SER A 1 1  ? 4.727   12.746  -8.323  1.00 0.00 ? 1  SER A CB   4 
ATOM 1023 O OG   . SER A 1 1  ? 6.127   12.876  -8.592  1.00 0.00 ? 1  SER A OG   4 
ATOM 1024 H H1   . SER A 1 1  ? 2.192   10.958  -9.526  1.00 0.00 ? 1  SER A H1   4 
ATOM 1025 H H2   . SER A 1 1  ? 2.315   12.516  -8.904  1.00 0.00 ? 1  SER A H2   4 
ATOM 1026 H H3   . SER A 1 1  ? 2.837   12.192  -10.468 1.00 0.00 ? 1  SER A H3   4 
ATOM 1027 H HA   . SER A 1 1  ? 4.729   11.217  -9.862  1.00 0.00 ? 1  SER A HA   4 
ATOM 1028 H HB2  . SER A 1 1  ? 4.218   13.664  -8.672  1.00 0.00 ? 1  SER A HB2  4 
ATOM 1029 H HB3  . SER A 1 1  ? 4.561   12.728  -7.228  1.00 0.00 ? 1  SER A HB3  4 
ATOM 1030 H HG   . SER A 1 1  ? 6.323   12.334  -9.361  1.00 0.00 ? 1  SER A HG   4 
ATOM 1031 N N    . ALA A 1 2  ? 4.647   9.206   -8.500  1.00 0.00 ? 2  ALA A N    4 
ATOM 1032 C CA   . ALA A 1 2  ? 4.684   8.014   -7.649  1.00 0.00 ? 2  ALA A CA   4 
ATOM 1033 C C    . ALA A 1 2  ? 3.295   7.439   -7.484  1.00 0.00 ? 2  ALA A C    4 
ATOM 1034 O O    . ALA A 1 2  ? 2.694   7.476   -6.406  1.00 0.00 ? 2  ALA A O    4 
ATOM 1035 C CB   . ALA A 1 2  ? 5.328   8.429   -6.311  1.00 0.00 ? 2  ALA A CB   4 
ATOM 1036 H H    . ALA A 1 2  ? 5.024   9.269   -9.497  1.00 0.00 ? 2  ALA A H    4 
ATOM 1037 H HA   . ALA A 1 2  ? 5.303   7.224   -8.113  1.00 0.00 ? 2  ALA A HA   4 
ATOM 1038 H HB1  . ALA A 1 2  ? 4.749   9.225   -5.804  1.00 0.00 ? 2  ALA A HB1  4 
ATOM 1039 H HB2  . ALA A 1 2  ? 5.394   7.577   -5.610  1.00 0.00 ? 2  ALA A HB2  4 
ATOM 1040 H HB3  . ALA A 1 2  ? 6.354   8.810   -6.451  1.00 0.00 ? 2  ALA A HB3  4 
ATOM 1041 N N    . LYS A 1 3  ? 2.770   6.881   -8.559  1.00 0.00 ? 3  LYS A N    4 
ATOM 1042 C CA   . LYS A 1 3  ? 1.447   6.263   -8.546  1.00 0.00 ? 3  LYS A CA   4 
ATOM 1043 C C    . LYS A 1 3  ? 1.506   4.872   -7.964  1.00 0.00 ? 3  LYS A C    4 
ATOM 1044 O O    . LYS A 1 3  ? 0.645   4.446   -7.188  1.00 0.00 ? 3  LYS A O    4 
ATOM 1045 C CB   . LYS A 1 3  ? 0.877   6.240   -9.991  1.00 0.00 ? 3  LYS A CB   4 
ATOM 1046 C CG   . LYS A 1 3  ? -0.620  5.847   -10.059 1.00 0.00 ? 3  LYS A CG   4 
ATOM 1047 C CD   . LYS A 1 3  ? -1.083  5.313   -11.418 1.00 0.00 ? 3  LYS A CD   4 
ATOM 1048 C CE   . LYS A 1 3  ? -2.603  5.483   -11.536 1.00 0.00 ? 3  LYS A CE   4 
ATOM 1049 N NZ   . LYS A 1 3  ? -2.954  5.793   -12.932 1.00 0.00 ? 3  LYS A NZ   4 
ATOM 1050 H H    . LYS A 1 3  ? 3.382   6.877   -9.426  1.00 0.00 ? 3  LYS A H    4 
ATOM 1051 H HA   . LYS A 1 3  ? 0.786   6.868   -7.898  1.00 0.00 ? 3  LYS A HA   4 
ATOM 1052 H HB2  . LYS A 1 3  ? 1.012   7.234   -10.461 1.00 0.00 ? 3  LYS A HB2  4 
ATOM 1053 H HB3  . LYS A 1 3  ? 1.477   5.546   -10.616 1.00 0.00 ? 3  LYS A HB3  4 
ATOM 1054 H HG2  . LYS A 1 3  ? -0.846  5.108   -9.265  1.00 0.00 ? 3  LYS A HG2  4 
ATOM 1055 H HG3  . LYS A 1 3  ? -1.256  6.725   -9.837  1.00 0.00 ? 3  LYS A HG3  4 
ATOM 1056 H HD2  . LYS A 1 3  ? -0.552  5.846   -12.230 1.00 0.00 ? 3  LYS A HD2  4 
ATOM 1057 H HD3  . LYS A 1 3  ? -0.809  4.242   -11.514 1.00 0.00 ? 3  LYS A HD3  4 
ATOM 1058 H HE2  . LYS A 1 3  ? -3.124  4.560   -11.201 1.00 0.00 ? 3  LYS A HE2  4 
ATOM 1059 H HE3  . LYS A 1 3  ? -2.969  6.293   -10.871 1.00 0.00 ? 3  LYS A HE3  4 
ATOM 1060 H HZ1  . LYS A 1 3  ? -2.229  5.420   -13.561 1.00 0.00 ? 3  LYS A HZ1  4 
ATOM 1061 H HZ2  . LYS A 1 3  ? -3.862  5.364   -13.163 1.00 0.00 ? 3  LYS A HZ2  4 
ATOM 1062 H HZ3  . LYS A 1 3  ? -3.019  6.815   -13.052 1.00 0.00 ? 3  LYS A HZ3  4 
ATOM 1063 N N    . MET A 1 4  ? 2.536   4.135   -8.335  1.00 0.00 ? 4  MET A N    4 
ATOM 1064 C CA   . MET A 1 4  ? 2.730   2.766   -7.861  1.00 0.00 ? 4  MET A CA   4 
ATOM 1065 C C    . MET A 1 4  ? 3.571   2.708   -6.607  1.00 0.00 ? 4  MET A C    4 
ATOM 1066 O O    . MET A 1 4  ? 3.568   1.705   -5.878  1.00 0.00 ? 4  MET A O    4 
ATOM 1067 C CB   . MET A 1 4  ? 3.373   1.913   -8.993  1.00 0.00 ? 4  MET A CB   4 
ATOM 1068 C CG   . MET A 1 4  ? 2.596   1.881   -10.326 1.00 0.00 ? 4  MET A CG   4 
ATOM 1069 S SD   . MET A 1 4  ? 3.109   0.461   -11.305 1.00 0.00 ? 4  MET A SD   4 
ATOM 1070 C CE   . MET A 1 4  ? 1.753   0.452   -12.488 1.00 0.00 ? 4  MET A CE   4 
ATOM 1071 H H    . MET A 1 4  ? 3.225   4.597   -8.996  1.00 0.00 ? 4  MET A H    4 
ATOM 1072 H HA   . MET A 1 4  ? 1.740   2.343   -7.601  1.00 0.00 ? 4  MET A HA   4 
ATOM 1073 H HB2  . MET A 1 4  ? 4.391   2.293   -9.203  1.00 0.00 ? 4  MET A HB2  4 
ATOM 1074 H HB3  . MET A 1 4  ? 3.523   0.873   -8.640  1.00 0.00 ? 4  MET A HB3  4 
ATOM 1075 H HG2  . MET A 1 4  ? 1.508   1.816   -10.128 1.00 0.00 ? 4  MET A HG2  4 
ATOM 1076 H HG3  . MET A 1 4  ? 2.755   2.806   -10.912 1.00 0.00 ? 4  MET A HG3  4 
ATOM 1077 H HE1  . MET A 1 4  ? 0.839   0.889   -12.046 1.00 0.00 ? 4  MET A HE1  4 
ATOM 1078 H HE2  . MET A 1 4  ? 2.021   1.040   -13.384 1.00 0.00 ? 4  MET A HE2  4 
ATOM 1079 H HE3  . MET A 1 4  ? 1.526   -0.580  -12.808 1.00 0.00 ? 4  MET A HE3  4 
ATOM 1080 N N    . ARG A 1 5  ? 4.323   3.758   -6.339  1.00 0.00 ? 5  ARG A N    4 
ATOM 1081 C CA   . ARG A 1 5  ? 5.144   3.835   -5.133  1.00 0.00 ? 5  ARG A CA   4 
ATOM 1082 C C    . ARG A 1 5  ? 4.306   4.216   -3.936  1.00 0.00 ? 5  ARG A C    4 
ATOM 1083 O O    . ARG A 1 5  ? 4.393   3.611   -2.862  1.00 0.00 ? 5  ARG A O    4 
ATOM 1084 C CB   . ARG A 1 5  ? 6.302   4.843   -5.375  1.00 0.00 ? 5  ARG A CB   4 
ATOM 1085 C CG   . ARG A 1 5  ? 7.525   4.257   -6.131  1.00 0.00 ? 5  ARG A CG   4 
ATOM 1086 C CD   . ARG A 1 5  ? 8.201   5.284   -7.050  1.00 0.00 ? 5  ARG A CD   4 
ATOM 1087 N NE   . ARG A 1 5  ? 7.755   5.029   -8.444  1.00 0.00 ? 5  ARG A NE   4 
ATOM 1088 C CZ   . ARG A 1 5  ? 8.538   4.653   -9.446  1.00 0.00 ? 5  ARG A CZ   4 
ATOM 1089 N NH1  . ARG A 1 5  ? 9.818   4.450   -9.341  1.00 0.00 ? 5  ARG A NH1  4 
ATOM 1090 N NH2  . ARG A 1 5  ? 7.989   4.480   -10.596 1.00 0.00 ? 5  ARG A NH2  4 
ATOM 1091 H H    . ARG A 1 5  ? 4.341   4.518   -7.076  1.00 0.00 ? 5  ARG A H    4 
ATOM 1092 H HA   . ARG A 1 5  ? 5.563   2.829   -4.940  1.00 0.00 ? 5  ARG A HA   4 
ATOM 1093 H HB2  . ARG A 1 5  ? 5.927   5.713   -5.946  1.00 0.00 ? 5  ARG A HB2  4 
ATOM 1094 H HB3  . ARG A 1 5  ? 6.631   5.265   -4.403  1.00 0.00 ? 5  ARG A HB3  4 
ATOM 1095 H HG2  . ARG A 1 5  ? 8.285   3.873   -5.421  1.00 0.00 ? 5  ARG A HG2  4 
ATOM 1096 H HG3  . ARG A 1 5  ? 7.216   3.375   -6.728  1.00 0.00 ? 5  ARG A HG3  4 
ATOM 1097 H HD2  . ARG A 1 5  ? 7.933   6.314   -6.741  1.00 0.00 ? 5  ARG A HD2  4 
ATOM 1098 H HD3  . ARG A 1 5  ? 9.304   5.200   -6.977  1.00 0.00 ? 5  ARG A HD3  4 
ATOM 1099 H HE   . ARG A 1 5  ? 6.753   5.153   -8.649  1.00 0.00 ? 5  ARG A HE   4 
ATOM 1100 H HH11 . ARG A 1 5  ? 10.172  4.609   -8.397  1.00 0.00 ? 5  ARG A HH11 4 
ATOM 1101 H HH12 . ARG A 1 5  ? 10.314  4.164   -10.184 1.00 0.00 ? 5  ARG A HH12 4 
ATOM 1102 H HH21 . ARG A 1 5  ? 6.984   4.664   -10.571 1.00 0.00 ? 5  ARG A HH21 4 
ATOM 1103 H HH22 . ARG A 1 5  ? 8.584   4.193   -11.370 1.00 0.00 ? 5  ARG A HH22 4 
ATOM 1104 N N    . GLU A 1 6  ? 3.490   5.241   -4.100  1.00 0.00 ? 6  GLU A N    4 
ATOM 1105 C CA   . GLU A 1 6  ? 2.584   5.678   -3.037  1.00 0.00 ? 6  GLU A CA   4 
ATOM 1106 C C    . GLU A 1 6  ? 1.579   4.590   -2.728  1.00 0.00 ? 6  GLU A C    4 
ATOM 1107 O O    . GLU A 1 6  ? 1.141   4.394   -1.590  1.00 0.00 ? 6  GLU A O    4 
ATOM 1108 C CB   . GLU A 1 6  ? 1.897   7.000   -3.481  1.00 0.00 ? 6  GLU A CB   4 
ATOM 1109 C CG   . GLU A 1 6  ? 0.564   6.886   -4.292  1.00 0.00 ? 6  GLU A CG   4 
ATOM 1110 C CD   . GLU A 1 6  ? -0.178  8.177   -4.650  1.00 0.00 ? 6  GLU A CD   4 
ATOM 1111 O OE1  . GLU A 1 6  ? -0.423  9.053   -3.830  1.00 0.00 ? 6  GLU A OE1  4 
ATOM 1112 O OE2  . GLU A 1 6  ? -0.538  8.258   -5.961  1.00 0.00 ? 6  GLU A OE2  4 
ATOM 1113 H H    . GLU A 1 6  ? 3.507   5.701   -5.054  1.00 0.00 ? 6  GLU A H    4 
ATOM 1114 H HA   . GLU A 1 6  ? 3.172   5.861   -2.118  1.00 0.00 ? 6  GLU A HA   4 
ATOM 1115 H HB2  . GLU A 1 6  ? 1.706   7.620   -2.583  1.00 0.00 ? 6  GLU A HB2  4 
ATOM 1116 H HB3  . GLU A 1 6  ? 2.624   7.595   -4.071  1.00 0.00 ? 6  GLU A HB3  4 
ATOM 1117 H HG2  . GLU A 1 6  ? 0.749   6.352   -5.242  1.00 0.00 ? 6  GLU A HG2  4 
ATOM 1118 H HG3  . GLU A 1 6  ? -0.156  6.243   -3.755  1.00 0.00 ? 6  GLU A HG3  4 
ATOM 1119 N N    . TRP A 1 7  ? 1.205   3.849   -3.755  1.00 0.00 ? 7  TRP A N    4 
ATOM 1120 C CA   . TRP A 1 7  ? 0.291   2.718   -3.621  1.00 0.00 ? 7  TRP A CA   4 
ATOM 1121 C C    . TRP A 1 7  ? 0.992   1.543   -2.974  1.00 0.00 ? 7  TRP A C    4 
ATOM 1122 O O    . TRP A 1 7  ? 0.377   0.722   -2.283  1.00 0.00 ? 7  TRP A O    4 
ATOM 1123 C CB   . TRP A 1 7  ? -0.245  2.338   -5.031  1.00 0.00 ? 7  TRP A CB   4 
ATOM 1124 C CG   . TRP A 1 7  ? -1.095  1.066   -5.087  1.00 0.00 ? 7  TRP A CG   4 
ATOM 1125 C CD1  . TRP A 1 7  ? -2.503  1.011   -5.111  1.00 0.00 ? 7  TRP A CD1  4 
ATOM 1126 C CD2  . TRP A 1 7  ? -0.665  -0.242  -5.180  1.00 0.00 ? 7  TRP A CD2  4 
ATOM 1127 N NE1  . TRP A 1 7  ? -2.970  -0.313  -5.220  1.00 0.00 ? 7  TRP A NE1  4 
ATOM 1128 C CE2  . TRP A 1 7  ? -1.810  -1.072  -5.262  1.00 0.00 ? 7  TRP A CE2  4 
ATOM 1129 C CE3  . TRP A 1 7  ? 0.639   -0.803  -5.203  1.00 0.00 ? 7  TRP A CE3  4 
ATOM 1130 C CZ2  . TRP A 1 7  ? -1.660  -2.473  -5.352  1.00 0.00 ? 7  TRP A CZ2  4 
ATOM 1131 C CZ3  . TRP A 1 7  ? 0.761   -2.189  -5.290  1.00 0.00 ? 7  TRP A CZ3  4 
ATOM 1132 C CH2  . TRP A 1 7  ? -0.371  -3.014  -5.362  1.00 0.00 ? 7  TRP A CH2  4 
ATOM 1133 H H    . TRP A 1 7  ? 1.576   4.151   -4.706  1.00 0.00 ? 7  TRP A H    4 
ATOM 1134 H HA   . TRP A 1 7  ? -0.557  2.990   -2.962  1.00 0.00 ? 7  TRP A HA   4 
ATOM 1135 H HB2  . TRP A 1 7  ? -0.821  3.185   -5.459  1.00 0.00 ? 7  TRP A HB2  4 
ATOM 1136 H HB3  . TRP A 1 7  ? 0.601   2.207   -5.738  1.00 0.00 ? 7  TRP A HB3  4 
ATOM 1137 H HD1  . TRP A 1 7  ? -3.141  1.886   -5.078  1.00 0.00 ? 7  TRP A HD1  4 
ATOM 1138 H HE1  . TRP A 1 7  ? -3.940  -0.643  -5.276  1.00 0.00 ? 7  TRP A HE1  4 
ATOM 1139 H HE3  . TRP A 1 7  ? 1.516   -0.171  -5.154  1.00 0.00 ? 7  TRP A HE3  4 
ATOM 1140 H HZ2  . TRP A 1 7  ? -2.529  -3.111  -5.412  1.00 0.00 ? 7  TRP A HZ2  4 
ATOM 1141 H HZ3  . TRP A 1 7  ? 1.746   -2.633  -5.299  1.00 0.00 ? 7  TRP A HZ3  4 
ATOM 1142 H HH2  . TRP A 1 7  ? -0.244  -4.084  -5.424  1.00 0.00 ? 7  TRP A HH2  4 
ATOM 1143 N N    . PHE A 1 8  ? 2.295   1.450   -3.169  1.00 0.00 ? 8  PHE A N    4 
ATOM 1144 C CA   . PHE A 1 8  ? 3.097   0.387   -2.568  1.00 0.00 ? 8  PHE A CA   4 
ATOM 1145 C C    . PHE A 1 8  ? 3.000   0.428   -1.062  1.00 0.00 ? 8  PHE A C    4 
ATOM 1146 O O    . PHE A 1 8  ? 2.878   -0.597  -0.383  1.00 0.00 ? 8  PHE A O    4 
ATOM 1147 C CB   . PHE A 1 8  ? 4.595   0.545   -2.974  1.00 0.00 ? 8  PHE A CB   4 
ATOM 1148 C CG   . PHE A 1 8  ? 5.495   -0.693  -2.819  1.00 0.00 ? 8  PHE A CG   4 
ATOM 1149 C CD1  . PHE A 1 8  ? 5.201   -1.695  -1.892  1.00 0.00 ? 8  PHE A CD1  4 
ATOM 1150 C CD2  . PHE A 1 8  ? 6.612   -0.834  -3.655  1.00 0.00 ? 8  PHE A CD2  4 
ATOM 1151 C CE1  . PHE A 1 8  ? 6.022   -2.816  -1.790  1.00 0.00 ? 8  PHE A CE1  4 
ATOM 1152 C CE2  . PHE A 1 8  ? 7.432   -1.952  -3.550  1.00 0.00 ? 8  PHE A CE2  4 
ATOM 1153 C CZ   . PHE A 1 8  ? 7.136   -2.944  -2.618  1.00 0.00 ? 8  PHE A CZ   4 
ATOM 1154 H H    . PHE A 1 8  ? 2.718   2.173   -3.818  1.00 0.00 ? 8  PHE A H    4 
ATOM 1155 H HA   . PHE A 1 8  ? 2.712   -0.591  -2.912  1.00 0.00 ? 8  PHE A HA   4 
ATOM 1156 H HB2  . PHE A 1 8  ? 4.660   0.899   -4.024  1.00 0.00 ? 8  PHE A HB2  4 
ATOM 1157 H HB3  . PHE A 1 8  ? 5.043   1.379   -2.395  1.00 0.00 ? 8  PHE A HB3  4 
ATOM 1158 H HD1  . PHE A 1 8  ? 4.337   -1.604  -1.250  1.00 0.00 ? 8  PHE A HD1  4 
ATOM 1159 H HD2  . PHE A 1 8  ? 6.833   -0.078  -4.396  1.00 0.00 ? 8  PHE A HD2  4 
ATOM 1160 H HE1  . PHE A 1 8  ? 5.796   -3.585  -1.066  1.00 0.00 ? 8  PHE A HE1  4 
ATOM 1161 H HE2  . PHE A 1 8  ? 8.303   -2.039  -4.183  1.00 0.00 ? 8  PHE A HE2  4 
ATOM 1162 H HZ   . PHE A 1 8  ? 7.775   -3.810  -2.535  1.00 0.00 ? 8  PHE A HZ   4 
ATOM 1163 N N    . SER A 1 9  ? 3.070   1.627   -0.512  1.00 0.00 ? 9  SER A N    4 
ATOM 1164 C CA   . SER A 1 9  ? 2.961   1.825   0.932   1.00 0.00 ? 9  SER A CA   4 
ATOM 1165 C C    . SER A 1 9  ? 1.567   1.492   1.408   1.00 0.00 ? 9  SER A C    4 
ATOM 1166 O O    . SER A 1 9  ? 1.352   0.854   2.444   1.00 0.00 ? 9  SER A O    4 
ATOM 1167 C CB   . SER A 1 9  ? 3.377   3.264   1.322   1.00 0.00 ? 9  SER A CB   4 
ATOM 1168 O OG   . SER A 1 9  ? 3.443   3.464   2.739   1.00 0.00 ? 9  SER A OG   4 
ATOM 1169 H H    . SER A 1 9  ? 3.163   2.441   -1.186  1.00 0.00 ? 9  SER A H    4 
ATOM 1170 H HA   . SER A 1 9  ? 3.645   1.111   1.427   1.00 0.00 ? 9  SER A HA   4 
ATOM 1171 H HB2  . SER A 1 9  ? 4.370   3.497   0.891   1.00 0.00 ? 9  SER A HB2  4 
ATOM 1172 H HB3  . SER A 1 9  ? 2.692   4.012   0.876   1.00 0.00 ? 9  SER A HB3  4 
ATOM 1173 H HG   . SER A 1 9  ? 3.916   4.287   2.891   1.00 0.00 ? 9  SER A HG   4 
ATOM 1174 N N    . GLU A 1 10 ? 0.582   1.943   0.653   1.00 0.00 ? 10 GLU A N    4 
ATOM 1175 C CA   . GLU A 1 10 ? -0.823  1.656   0.936   1.00 0.00 ? 10 GLU A CA   4 
ATOM 1176 C C    . GLU A 1 10 ? -1.268  0.307   0.427   1.00 0.00 ? 10 GLU A C    4 
ATOM 1177 O O    . GLU A 1 10 ? -2.476  0.031   0.313   1.00 0.00 ? 10 GLU A O    4 
ATOM 1178 C CB   . GLU A 1 10 ? -1.660  2.823   0.314   1.00 0.00 ? 10 GLU A CB   4 
ATOM 1179 C CG   . GLU A 1 10 ? -1.298  4.265   0.810   1.00 0.00 ? 10 GLU A CG   4 
ATOM 1180 C CD   . GLU A 1 10 ? -2.416  5.158   1.351   1.00 0.00 ? 10 GLU A CD   4 
ATOM 1181 O OE1  . GLU A 1 10 ? -3.579  5.073   0.975   1.00 0.00 ? 10 GLU A OE1  4 
ATOM 1182 O OE2  . GLU A 1 10 ? -1.998  6.054   2.287   1.00 0.00 ? 10 GLU A OE2  4 
ATOM 1183 H H    . GLU A 1 10 ? 0.864   2.601   -0.134  1.00 0.00 ? 10 GLU A H    4 
ATOM 1184 H HA   . GLU A 1 10 ? -0.967  1.658   2.033   1.00 0.00 ? 10 GLU A HA   4 
ATOM 1185 H HB2  . GLU A 1 10 ? -1.528  2.791   -0.785  1.00 0.00 ? 10 GLU A HB2  4 
ATOM 1186 H HB3  . GLU A 1 10 ? -2.735  2.619   0.466   1.00 0.00 ? 10 GLU A HB3  4 
ATOM 1187 H HG2  . GLU A 1 10 ? -0.514  4.221   1.600   1.00 0.00 ? 10 GLU A HG2  4 
ATOM 1188 H HG3  . GLU A 1 10 ? -0.803  4.830   -0.005  1.00 0.00 ? 10 GLU A HG3  4 
ATOM 1189 N N    . THR A 1 11 ? -0.335  -0.563  0.096   1.00 0.00 ? 11 THR A N    4 
ATOM 1190 C CA   . THR A 1 11 ? -0.644  -1.927  -0.331  1.00 0.00 ? 11 THR A CA   4 
ATOM 1191 C C    . THR A 1 11 ? -0.177  -2.917  0.714   1.00 0.00 ? 11 THR A C    4 
ATOM 1192 O O    . THR A 1 11 ? -0.814  -3.937  0.992   1.00 0.00 ? 11 THR A O    4 
ATOM 1193 C CB   . THR A 1 11 ? 0.004   -2.254  -1.719  1.00 0.00 ? 11 THR A CB   4 
ATOM 1194 O OG1  . THR A 1 11 ? -0.749  -1.666  -2.771  1.00 0.00 ? 11 THR A OG1  4 
ATOM 1195 C CG2  . THR A 1 11 ? 0.095   -3.749  -2.095  1.00 0.00 ? 11 THR A CG2  4 
ATOM 1196 H H    . THR A 1 11 ? 0.662   -0.207  0.112   1.00 0.00 ? 11 THR A H    4 
ATOM 1197 H HA   . THR A 1 11 ? -1.741  -2.017  -0.423  1.00 0.00 ? 11 THR A HA   4 
ATOM 1198 H HB   . THR A 1 11 ? 1.030   -1.829  -1.733  1.00 0.00 ? 11 THR A HB   4 
ATOM 1199 H HG1  . THR A 1 11 ? -0.262  -1.844  -3.581  1.00 0.00 ? 11 THR A HG1  4 
ATOM 1200 H HG21 . THR A 1 11 ? -0.902  -4.230  -2.104  1.00 0.00 ? 11 THR A HG21 4 
ATOM 1201 H HG22 . THR A 1 11 ? 0.540   -3.899  -3.096  1.00 0.00 ? 11 THR A HG22 4 
ATOM 1202 H HG23 . THR A 1 11 ? 0.729   -4.323  -1.395  1.00 0.00 ? 11 THR A HG23 4 
ATOM 1203 N N    . PHE A 1 12 ? 0.970   -2.622  1.302   1.00 0.00 ? 12 PHE A N    4 
ATOM 1204 C CA   . PHE A 1 12 ? 1.530   -3.458  2.363   1.00 0.00 ? 12 PHE A CA   4 
ATOM 1205 C C    . PHE A 1 12 ? 0.686   -3.340  3.613   1.00 0.00 ? 12 PHE A C    4 
ATOM 1206 O O    . PHE A 1 12 ? 0.435   -4.306  4.340   1.00 0.00 ? 12 PHE A O    4 
ATOM 1207 C CB   . PHE A 1 12 ? 2.989   -3.018  2.684   1.00 0.00 ? 12 PHE A CB   4 
ATOM 1208 C CG   . PHE A 1 12 ? 3.840   -3.990  3.519   1.00 0.00 ? 12 PHE A CG   4 
ATOM 1209 C CD1  . PHE A 1 12 ? 3.820   -3.940  4.914   1.00 0.00 ? 12 PHE A CD1  4 
ATOM 1210 C CD2  . PHE A 1 12 ? 4.677   -4.906  2.871   1.00 0.00 ? 12 PHE A CD2  4 
ATOM 1211 C CE1  . PHE A 1 12 ? 4.615   -4.811  5.655   1.00 0.00 ? 12 PHE A CE1  4 
ATOM 1212 C CE2  . PHE A 1 12 ? 5.470   -5.775  3.612   1.00 0.00 ? 12 PHE A CE2  4 
ATOM 1213 C CZ   . PHE A 1 12 ? 5.437   -5.730  5.005   1.00 0.00 ? 12 PHE A CZ   4 
ATOM 1214 H H    . PHE A 1 12 ? 1.435   -1.719  1.000   1.00 0.00 ? 12 PHE A H    4 
ATOM 1215 H HA   . PHE A 1 12 ? 1.518   -4.515  2.037   1.00 0.00 ? 12 PHE A HA   4 
ATOM 1216 H HB2  . PHE A 1 12 ? 3.527   -2.800  1.737   1.00 0.00 ? 12 PHE A HB2  4 
ATOM 1217 H HB3  . PHE A 1 12 ? 2.973   -2.038  3.203   1.00 0.00 ? 12 PHE A HB3  4 
ATOM 1218 H HD1  . PHE A 1 12 ? 3.169   -3.246  5.426   1.00 0.00 ? 12 PHE A HD1  4 
ATOM 1219 H HD2  . PHE A 1 12 ? 4.679   -4.974  1.792   1.00 0.00 ? 12 PHE A HD2  4 
ATOM 1220 H HE1  . PHE A 1 12 ? 4.594   -4.773  6.734   1.00 0.00 ? 12 PHE A HE1  4 
ATOM 1221 H HE2  . PHE A 1 12 ? 6.099   -6.493  3.104   1.00 0.00 ? 12 PHE A HE2  4 
ATOM 1222 H HZ   . PHE A 1 12 ? 6.051   -6.409  5.578   1.00 0.00 ? 12 PHE A HZ   4 
ATOM 1223 N N    . GLN A 1 13 ? 0.230   -2.126  3.876   1.00 0.00 ? 13 GLN A N    4 
ATOM 1224 C CA   . GLN A 1 13 ? -0.650  -1.860  5.009   1.00 0.00 ? 13 GLN A CA   4 
ATOM 1225 C C    . GLN A 1 13 ? -2.056  -2.337  4.731   1.00 0.00 ? 13 GLN A C    4 
ATOM 1226 O O    . GLN A 1 13 ? -2.880  -2.484  5.644   1.00 0.00 ? 13 GLN A O    4 
ATOM 1227 C CB   . GLN A 1 13 ? -0.624  -0.347  5.315   1.00 0.00 ? 13 GLN A CB   4 
ATOM 1228 C CG   . GLN A 1 13 ? 0.783   0.335   5.321   1.00 0.00 ? 13 GLN A CG   4 
ATOM 1229 C CD   . GLN A 1 13 ? 1.143   1.300   6.458   1.00 0.00 ? 13 GLN A CD   4 
ATOM 1230 O OE1  . GLN A 1 13 ? 1.377   0.889   7.584   1.00 0.00 ? 13 GLN A OE1  4 
ATOM 1231 N NE2  . GLN A 1 13 ? 1.217   2.586   6.226   1.00 0.00 ? 13 GLN A NE2  4 
ATOM 1232 H H    . GLN A 1 13 ? 0.551   -1.353  3.225   1.00 0.00 ? 13 GLN A H    4 
ATOM 1233 H HA   . GLN A 1 13 ? -0.280  -2.437  5.882   1.00 0.00 ? 13 GLN A HA   4 
ATOM 1234 H HB2  . GLN A 1 13 ? -1.265  0.178   4.578   1.00 0.00 ? 13 GLN A HB2  4 
ATOM 1235 H HB3  . GLN A 1 13 ? -1.111  -0.176  6.298   1.00 0.00 ? 13 GLN A HB3  4 
ATOM 1236 H HG2  . GLN A 1 13 ? 1.581   -0.431  5.349   1.00 0.00 ? 13 GLN A HG2  4 
ATOM 1237 H HG3  . GLN A 1 13 ? 0.952   0.870   4.367   1.00 0.00 ? 13 GLN A HG3  4 
ATOM 1238 H HE21 . GLN A 1 13 ? 1.020   2.864   5.264   1.00 0.00 ? 13 GLN A HE21 4 
ATOM 1239 H HE22 . GLN A 1 13 ? 1.462   3.158   7.037   1.00 0.00 ? 13 GLN A HE22 4 
ATOM 1240 N N    . LYS A 1 14 ? -2.372  -2.550  3.469   1.00 0.00 ? 14 LYS A N    4 
ATOM 1241 C CA   . LYS A 1 14 ? -3.660  -3.119  3.082   1.00 0.00 ? 14 LYS A CA   4 
ATOM 1242 C C    . LYS A 1 14 ? -3.715  -4.594  3.415   1.00 0.00 ? 14 LYS A C    4 
ATOM 1243 O O    . LYS A 1 14 ? -4.787  -5.178  3.613   1.00 0.00 ? 14 LYS A O    4 
ATOM 1244 C CB   . LYS A 1 14 ? -3.902  -2.885  1.565   1.00 0.00 ? 14 LYS A CB   4 
ATOM 1245 C CG   . LYS A 1 14 ? -5.398  -2.715  1.198   1.00 0.00 ? 14 LYS A CG   4 
ATOM 1246 C CD   . LYS A 1 14 ? -5.959  -3.790  0.264   1.00 0.00 ? 14 LYS A CD   4 
ATOM 1247 C CE   . LYS A 1 14 ? -5.366  -5.153  0.646   1.00 0.00 ? 14 LYS A CE   4 
ATOM 1248 N NZ   . LYS A 1 14 ? -6.355  -6.212  0.372   1.00 0.00 ? 14 LYS A NZ   4 
ATOM 1249 H H    . LYS A 1 14 ? -1.664  -2.232  2.746   1.00 0.00 ? 14 LYS A H    4 
ATOM 1250 H HA   . LYS A 1 14 ? -4.452  -2.616  3.666   1.00 0.00 ? 14 LYS A HA   4 
ATOM 1251 H HB2  . LYS A 1 14 ? -3.344  -1.989  1.233   1.00 0.00 ? 14 LYS A HB2  4 
ATOM 1252 H HB3  . LYS A 1 14 ? -3.467  -3.725  0.985   1.00 0.00 ? 14 LYS A HB3  4 
ATOM 1253 H HG2  . LYS A 1 14 ? -6.021  -2.740  2.111   1.00 0.00 ? 14 LYS A HG2  4 
ATOM 1254 H HG3  . LYS A 1 14 ? -5.559  -1.711  0.757   1.00 0.00 ? 14 LYS A HG3  4 
ATOM 1255 H HD2  . LYS A 1 14 ? -7.065  -3.799  0.323   1.00 0.00 ? 14 LYS A HD2  4 
ATOM 1256 H HD3  . LYS A 1 14 ? -5.705  -3.544  -0.787  1.00 0.00 ? 14 LYS A HD3  4 
ATOM 1257 H HE2  . LYS A 1 14 ? -4.430  -5.343  0.080   1.00 0.00 ? 14 LYS A HE2  4 
ATOM 1258 H HE3  . LYS A 1 14 ? -5.082  -5.180  1.718   1.00 0.00 ? 14 LYS A HE3  4 
ATOM 1259 H HZ1  . LYS A 1 14 ? -7.278  -5.918  0.722   1.00 0.00 ? 14 LYS A HZ1  4 
ATOM 1260 H HZ2  . LYS A 1 14 ? -6.410  -6.377  -0.643  1.00 0.00 ? 14 LYS A HZ2  4 
ATOM 1261 H HZ3  . LYS A 1 14 ? -6.070  -7.080  0.845   1.00 0.00 ? 14 LYS A HZ3  4 
ATOM 1262 N N    . VAL A 1 15 ? -2.557  -5.220  3.500   1.00 0.00 ? 15 VAL A N    4 
ATOM 1263 C CA   . VAL A 1 15 ? -2.455  -6.638  3.838   1.00 0.00 ? 15 VAL A CA   4 
ATOM 1264 C C    . VAL A 1 15 ? -2.406  -6.843  5.333   1.00 0.00 ? 15 VAL A C    4 
ATOM 1265 O O    . VAL A 1 15 ? -2.899  -7.841  5.872   1.00 0.00 ? 15 VAL A O    4 
ATOM 1266 C CB   . VAL A 1 15 ? -1.175  -7.259  3.148   1.00 0.00 ? 15 VAL A CB   4 
ATOM 1267 C CG1  . VAL A 1 15 ? -0.856  -8.740  3.492   1.00 0.00 ? 15 VAL A CG1  4 
ATOM 1268 C CG2  . VAL A 1 15 ? -1.204  -7.197  1.602   1.00 0.00 ? 15 VAL A CG2  4 
ATOM 1269 H H    . VAL A 1 15 ? -1.689  -4.632  3.340   1.00 0.00 ? 15 VAL A H    4 
ATOM 1270 H HA   . VAL A 1 15 ? -3.359  -7.157  3.470   1.00 0.00 ? 15 VAL A HA   4 
ATOM 1271 H HB   . VAL A 1 15 ? -0.301  -6.661  3.483   1.00 0.00 ? 15 VAL A HB   4 
ATOM 1272 H HG11 . VAL A 1 15 ? -1.678  -9.427  3.216   1.00 0.00 ? 15 VAL A HG11 4 
ATOM 1273 H HG12 . VAL A 1 15 ? 0.058   -9.102  2.983   1.00 0.00 ? 15 VAL A HG12 4 
ATOM 1274 H HG13 . VAL A 1 15 ? -0.657  -8.890  4.570   1.00 0.00 ? 15 VAL A HG13 4 
ATOM 1275 H HG21 . VAL A 1 15 ? -1.361  -6.166  1.235   1.00 0.00 ? 15 VAL A HG21 4 
ATOM 1276 H HG22 . VAL A 1 15 ? -0.248  -7.537  1.159   1.00 0.00 ? 15 VAL A HG22 4 
ATOM 1277 H HG23 . VAL A 1 15 ? -2.008  -7.823  1.171   1.00 0.00 ? 15 VAL A HG23 4 
ATOM 1278 N N    . LYS A 1 16 ? -1.798  -5.902  6.031   1.00 0.00 ? 16 LYS A N    4 
ATOM 1279 C CA   . LYS A 1 16 ? -1.700  -5.962  7.487   1.00 0.00 ? 16 LYS A CA   4 
ATOM 1280 C C    . LYS A 1 16 ? -3.042  -5.678  8.126   1.00 0.00 ? 16 LYS A C    4 
ATOM 1281 O O    . LYS A 1 16 ? -3.370  -6.180  9.205   1.00 0.00 ? 16 LYS A O    4 
ATOM 1282 C CB   . LYS A 1 16 ? -0.617  -4.957  7.971   1.00 0.00 ? 16 LYS A CB   4 
ATOM 1283 C CG   . LYS A 1 16 ? -1.225  -3.735  8.712   1.00 0.00 ? 16 LYS A CG   4 
ATOM 1284 C CD   . LYS A 1 16 ? -0.274  -3.017  9.670   1.00 0.00 ? 16 LYS A CD   4 
ATOM 1285 C CE   . LYS A 1 16 ? 1.048   -2.717  8.950   1.00 0.00 ? 16 LYS A CE   4 
ATOM 1286 N NZ   . LYS A 1 16 ? 2.168   -2.891  9.891   1.00 0.00 ? 16 LYS A NZ   4 
ATOM 1287 H H    . LYS A 1 16 ? -1.432  -5.069  5.485   1.00 0.00 ? 16 LYS A H    4 
ATOM 1288 H HA   . LYS A 1 16 ? -1.407  -6.983  7.786   1.00 0.00 ? 16 LYS A HA   4 
ATOM 1289 H HB2  . LYS A 1 16 ? 0.109   -5.474  8.630   1.00 0.00 ? 16 LYS A HB2  4 
ATOM 1290 H HB3  . LYS A 1 16 ? -0.023  -4.599  7.107   1.00 0.00 ? 16 LYS A HB3  4 
ATOM 1291 H HG2  . LYS A 1 16 ? -1.564  -2.977  7.980   1.00 0.00 ? 16 LYS A HG2  4 
ATOM 1292 H HG3  . LYS A 1 16 ? -2.142  -4.050  9.252   1.00 0.00 ? 16 LYS A HG3  4 
ATOM 1293 H HD2  . LYS A 1 16 ? -0.749  -2.088  10.046  1.00 0.00 ? 16 LYS A HD2  4 
ATOM 1294 H HD3  . LYS A 1 16 ? -0.088  -3.652  10.561  1.00 0.00 ? 16 LYS A HD3  4 
ATOM 1295 H HE2  . LYS A 1 16 ? 1.189   -3.386  8.076   1.00 0.00 ? 16 LYS A HE2  4 
ATOM 1296 H HE3  . LYS A 1 16 ? 1.041   -1.685  8.542   1.00 0.00 ? 16 LYS A HE3  4 
ATOM 1297 H HZ1  . LYS A 1 16 ? 1.859   -2.648  10.843  1.00 0.00 ? 16 LYS A HZ1  4 
ATOM 1298 H HZ2  . LYS A 1 16 ? 2.484   -3.871  9.873   1.00 0.00 ? 16 LYS A HZ2  4 
ATOM 1299 H HZ3  . LYS A 1 16 ? 2.947   -2.275  9.615   1.00 0.00 ? 16 LYS A HZ3  4 
ATOM 1300 N N    . GLU A 1 17 ? -3.832  -4.851  7.469   1.00 0.00 ? 17 GLU A N    4 
ATOM 1301 C CA   . GLU A 1 17 ? -5.173  -4.520  7.945   1.00 0.00 ? 17 GLU A CA   4 
ATOM 1302 C C    . GLU A 1 17 ? -6.102  -5.705  7.832   1.00 0.00 ? 17 GLU A C    4 
ATOM 1303 O O    . GLU A 1 17 ? -7.075  -5.842  8.584   1.00 0.00 ? 17 GLU A O    4 
ATOM 1304 C CB   . GLU A 1 17 ? -5.699  -3.309  7.125   1.00 0.00 ? 17 GLU A CB   4 
ATOM 1305 C CG   . GLU A 1 17 ? -5.998  -1.988  7.909   1.00 0.00 ? 17 GLU A CG   4 
ATOM 1306 C CD   . GLU A 1 17 ? -6.104  -0.681  7.119   1.00 0.00 ? 17 GLU A CD   4 
ATOM 1307 O OE1  . GLU A 1 17 ? -6.286  -0.647  5.908   1.00 0.00 ? 17 GLU A OE1  4 
ATOM 1308 O OE2  . GLU A 1 17 ? -5.979  0.436   7.887   1.00 0.00 ? 17 GLU A OE2  4 
ATOM 1309 H H    . GLU A 1 17 ? -3.453  -4.467  6.557   1.00 0.00 ? 17 GLU A H    4 
ATOM 1310 H HA   . GLU A 1 17 ? -5.109  -4.244  9.015   1.00 0.00 ? 17 GLU A HA   4 
ATOM 1311 H HB2  . GLU A 1 17 ? -4.974  -3.082  6.321   1.00 0.00 ? 17 GLU A HB2  4 
ATOM 1312 H HB3  . GLU A 1 17 ? -6.615  -3.619  6.584   1.00 0.00 ? 17 GLU A HB3  4 
ATOM 1313 H HG2  . GLU A 1 17 ? -6.941  -2.096  8.475   1.00 0.00 ? 17 GLU A HG2  4 
ATOM 1314 H HG3  . GLU A 1 17 ? -5.229  -1.827  8.689   1.00 0.00 ? 17 GLU A HG3  4 
ATOM 1315 N N    . LYS A 1 18 ? -5.831  -6.577  6.879   1.00 0.00 ? 18 LYS A N    4 
ATOM 1316 C CA   . LYS A 1 18 ? -6.648  -7.769  6.663   1.00 0.00 ? 18 LYS A CA   4 
ATOM 1317 C C    . LYS A 1 18 ? -6.393  -8.801  7.736   1.00 0.00 ? 18 LYS A C    4 
ATOM 1318 O O    . LYS A 1 18 ? -7.309  -9.452  8.248   1.00 0.00 ? 18 LYS A O    4 
ATOM 1319 C CB   . LYS A 1 18 ? -6.353  -8.349  5.253   1.00 0.00 ? 18 LYS A CB   4 
ATOM 1320 C CG   . LYS A 1 18 ? -7.124  -7.629  4.117   1.00 0.00 ? 18 LYS A CG   4 
ATOM 1321 C CD   . LYS A 1 18 ? -8.612  -7.980  4.025   1.00 0.00 ? 18 LYS A CD   4 
ATOM 1322 C CE   . LYS A 1 18 ? -8.898  -8.623  2.663   1.00 0.00 ? 18 LYS A CE   4 
ATOM 1323 N NZ   . LYS A 1 18 ? -10.188 -9.331  2.716   1.00 0.00 ? 18 LYS A NZ   4 
ATOM 1324 H H    . LYS A 1 18 ? -4.993  -6.356  6.269   1.00 0.00 ? 18 LYS A H    4 
ATOM 1325 H HA   . LYS A 1 18 ? -7.713  -7.478  6.729   1.00 0.00 ? 18 LYS A HA   4 
ATOM 1326 H HB2  . LYS A 1 18 ? -5.267  -8.292  5.046   1.00 0.00 ? 18 LYS A HB2  4 
ATOM 1327 H HB3  . LYS A 1 18 ? -6.590  -9.433  5.239   1.00 0.00 ? 18 LYS A HB3  4 
ATOM 1328 H HG2  . LYS A 1 18 ? -7.070  -6.532  4.254   1.00 0.00 ? 18 LYS A HG2  4 
ATOM 1329 H HG3  . LYS A 1 18 ? -6.628  -7.830  3.147   1.00 0.00 ? 18 LYS A HG3  4 
ATOM 1330 H HD2  . LYS A 1 18 ? -8.890  -8.655  4.858   1.00 0.00 ? 18 LYS A HD2  4 
ATOM 1331 H HD3  . LYS A 1 18 ? -9.222  -7.062  4.152   1.00 0.00 ? 18 LYS A HD3  4 
ATOM 1332 H HE2  . LYS A 1 18 ? -8.911  -7.852  1.864   1.00 0.00 ? 18 LYS A HE2  4 
ATOM 1333 H HE3  . LYS A 1 18 ? -8.095  -9.336  2.380   1.00 0.00 ? 18 LYS A HE3  4 
ATOM 1334 H HZ1  . LYS A 1 18 ? -10.756 -8.952  3.487   1.00 0.00 ? 18 LYS A HZ1  4 
ATOM 1335 H HZ2  . LYS A 1 18 ? -10.690 -9.200  1.825   1.00 0.00 ? 18 LYS A HZ2  4 
ATOM 1336 H HZ3  . LYS A 1 18 ? -10.024 -10.335 2.872   1.00 0.00 ? 18 LYS A HZ3  4 
ATOM 1337 N N    . LEU A 1 19 ? -5.132  -8.972  8.086   1.00 0.00 ? 19 LEU A N    4 
ATOM 1338 C CA   . LEU A 1 19 ? -4.739  -9.919  9.125   1.00 0.00 ? 19 LEU A CA   4 
ATOM 1339 C C    . LEU A 1 19 ? -5.310  -9.522  10.465  1.00 0.00 ? 19 LEU A C    4 
ATOM 1340 O O    . LEU A 1 19 ? -5.591  -8.315  10.745  1.00 0.00 ? 19 LEU A O    4 
ATOM 1341 C CB   . LEU A 1 19 ? -3.190  -10.041 9.194   1.00 0.00 ? 19 LEU A CB   4 
ATOM 1342 C CG   . LEU A 1 19 ? -2.450  -10.661 7.978   1.00 0.00 ? 19 LEU A CG   4 
ATOM 1343 C CD1  . LEU A 1 19 ? -0.963  -10.283 8.016   1.00 0.00 ? 19 LEU A CD1  4 
ATOM 1344 C CD2  . LEU A 1 19 ? -2.595  -12.190 7.910   1.00 0.00 ? 19 LEU A CD2  4 
ATOM 1345 O OXT  . LEU A 1 19 ? -5.493  -10.465 11.294  1.00 0.00 ? 19 LEU A OXT  4 
ATOM 1346 H H    . LEU A 1 19 ? -4.426  -8.353  7.594   1.00 0.00 ? 19 LEU A H    4 
ATOM 1347 H HA   . LEU A 1 19 ? -5.176  -10.906 8.882   1.00 0.00 ? 19 LEU A HA   4 
ATOM 1348 H HB2  . LEU A 1 19 ? -2.763  -9.035  9.380   1.00 0.00 ? 19 LEU A HB2  4 
ATOM 1349 H HB3  . LEU A 1 19 ? -2.925  -10.627 10.097  1.00 0.00 ? 19 LEU A HB3  4 
ATOM 1350 H HG   . LEU A 1 19 ? -2.886  -10.229 7.053   1.00 0.00 ? 19 LEU A HG   4 
ATOM 1351 H HD11 . LEU A 1 19 ? -0.817  -9.186  8.023   1.00 0.00 ? 19 LEU A HD11 4 
ATOM 1352 H HD12 . LEU A 1 19 ? -0.451  -10.686 8.910   1.00 0.00 ? 19 LEU A HD12 4 
ATOM 1353 H HD13 . LEU A 1 19 ? -0.421  -10.667 7.131   1.00 0.00 ? 19 LEU A HD13 4 
ATOM 1354 H HD21 . LEU A 1 19 ? -2.249  -12.686 8.835   1.00 0.00 ? 19 LEU A HD21 4 
ATOM 1355 H HD22 . LEU A 1 19 ? -3.649  -12.486 7.753   1.00 0.00 ? 19 LEU A HD22 4 
ATOM 1356 H HD23 . LEU A 1 19 ? -2.027  -12.622 7.065   1.00 0.00 ? 19 LEU A HD23 4 
ATOM 1357 N N    . SER A 1 1  ? 3.330   10.660  -11.181 1.00 0.00 ? 1  SER A N    5 
ATOM 1358 C CA   . SER A 1 1  ? 4.265   10.967  -10.103 1.00 0.00 ? 1  SER A CA   5 
ATOM 1359 C C    . SER A 1 1  ? 4.073   10.026  -8.932  1.00 0.00 ? 1  SER A C    5 
ATOM 1360 O O    . SER A 1 1  ? 3.194   10.239  -8.086  1.00 0.00 ? 1  SER A O    5 
ATOM 1361 C CB   . SER A 1 1  ? 4.142   12.448  -9.670  1.00 0.00 ? 1  SER A CB   5 
ATOM 1362 O OG   . SER A 1 1  ? 5.349   12.963  -9.097  1.00 0.00 ? 1  SER A OG   5 
ATOM 1363 H H1   . SER A 1 1  ? 2.369   10.649  -10.810 1.00 0.00 ? 1  SER A H1   5 
ATOM 1364 H H2   . SER A 1 1  ? 3.405   11.377  -11.917 1.00 0.00 ? 1  SER A H2   5 
ATOM 1365 H H3   . SER A 1 1  ? 3.554   9.736   -11.578 1.00 0.00 ? 1  SER A H3   5 
ATOM 1366 H HA   . SER A 1 1  ? 5.290   10.798  -10.483 1.00 0.00 ? 1  SER A HA   5 
ATOM 1367 H HB2  . SER A 1 1  ? 3.878   13.073  -10.547 1.00 0.00 ? 1  SER A HB2  5 
ATOM 1368 H HB3  . SER A 1 1  ? 3.305   12.589  -8.959  1.00 0.00 ? 1  SER A HB3  5 
ATOM 1369 H HG   . SER A 1 1  ? 5.495   13.837  -9.471  1.00 0.00 ? 1  SER A HG   5 
ATOM 1370 N N    . ALA A 1 2  ? 4.905   8.993   -8.860  1.00 0.00 ? 2  ALA A N    5 
ATOM 1371 C CA   . ALA A 1 2  ? 4.779   8.015   -7.780  1.00 0.00 ? 2  ALA A CA   5 
ATOM 1372 C C    . ALA A 1 2  ? 3.354   7.520   -7.660  1.00 0.00 ? 2  ALA A C    5 
ATOM 1373 O O    . ALA A 1 2  ? 2.697   7.664   -6.623  1.00 0.00 ? 2  ALA A O    5 
ATOM 1374 C CB   . ALA A 1 2  ? 5.287   8.691   -6.493  1.00 0.00 ? 2  ALA A CB   5 
ATOM 1375 H H    . ALA A 1 2  ? 5.668   8.993   -9.610  1.00 0.00 ? 2  ALA A H    5 
ATOM 1376 H HA   . ALA A 1 2  ? 5.403   7.125   -7.991  1.00 0.00 ? 2  ALA A HA   5 
ATOM 1377 H HB1  . ALA A 1 2  ? 6.342   9.010   -6.587  1.00 0.00 ? 2  ALA A HB1  5 
ATOM 1378 H HB2  . ALA A 1 2  ? 4.696   9.591   -6.235  1.00 0.00 ? 2  ALA A HB2  5 
ATOM 1379 H HB3  . ALA A 1 2  ? 5.238   8.009   -5.624  1.00 0.00 ? 2  ALA A HB3  5 
ATOM 1380 N N    . LYS A 1 3  ? 2.852   6.937   -8.732  1.00 0.00 ? 3  LYS A N    5 
ATOM 1381 C CA   . LYS A 1 3  ? 1.502   6.382   -8.750  1.00 0.00 ? 3  LYS A CA   5 
ATOM 1382 C C    . LYS A 1 3  ? 1.473   5.022   -8.093  1.00 0.00 ? 3  LYS A C    5 
ATOM 1383 O O    . LYS A 1 3  ? 0.519   4.639   -7.409  1.00 0.00 ? 3  LYS A O    5 
ATOM 1384 C CB   . LYS A 1 3  ? 0.995   6.300   -10.216 1.00 0.00 ? 3  LYS A CB   5 
ATOM 1385 C CG   . LYS A 1 3  ? -0.516  5.975   -10.327 1.00 0.00 ? 3  LYS A CG   5 
ATOM 1386 C CD   . LYS A 1 3  ? -0.951  5.390   -11.675 1.00 0.00 ? 3  LYS A CD   5 
ATOM 1387 C CE   . LYS A 1 3  ? -0.724  6.434   -12.776 1.00 0.00 ? 3  LYS A CE   5 
ATOM 1388 N NZ   . LYS A 1 3  ? -0.265  5.759   -14.003 1.00 0.00 ? 3  LYS A NZ   5 
ATOM 1389 H H    . LYS A 1 3  ? 3.499   6.867   -9.568  1.00 0.00 ? 3  LYS A H    5 
ATOM 1390 H HA   . LYS A 1 3  ? 0.841   7.049   -8.166  1.00 0.00 ? 3  LYS A HA   5 
ATOM 1391 H HB2  . LYS A 1 3  ? 1.201   7.256   -10.736 1.00 0.00 ? 3  LYS A HB2  5 
ATOM 1392 H HB3  . LYS A 1 3  ? 1.584   5.541   -10.772 1.00 0.00 ? 3  LYS A HB3  5 
ATOM 1393 H HG2  . LYS A 1 3  ? -0.810  5.291   -9.506  1.00 0.00 ? 3  LYS A HG2  5 
ATOM 1394 H HG3  . LYS A 1 3  ? -1.117  6.892   -10.177 1.00 0.00 ? 3  LYS A HG3  5 
ATOM 1395 H HD2  . LYS A 1 3  ? -0.388  4.459   -11.878 1.00 0.00 ? 3  LYS A HD2  5 
ATOM 1396 H HD3  . LYS A 1 3  ? -2.022  5.105   -11.631 1.00 0.00 ? 3  LYS A HD3  5 
ATOM 1397 H HE2  . LYS A 1 3  ? -1.659  7.002   -12.972 1.00 0.00 ? 3  LYS A HE2  5 
ATOM 1398 H HE3  . LYS A 1 3  ? 0.027   7.190   -12.463 1.00 0.00 ? 3  LYS A HE3  5 
ATOM 1399 H HZ1  . LYS A 1 3  ? -0.616  4.792   -14.015 1.00 0.00 ? 3  LYS A HZ1  5 
ATOM 1400 H HZ2  . LYS A 1 3  ? -0.623  6.264   -14.827 1.00 0.00 ? 3  LYS A HZ2  5 
ATOM 1401 H HZ3  . LYS A 1 3  ? 0.764   5.751   -14.027 1.00 0.00 ? 3  LYS A HZ3  5 
ATOM 1402 N N    . MET A 1 4  ? 2.531   4.260   -8.304  1.00 0.00 ? 4  MET A N    5 
ATOM 1403 C CA   . MET A 1 4  ? 2.664   2.928   -7.721  1.00 0.00 ? 4  MET A CA   5 
ATOM 1404 C C    . MET A 1 4  ? 3.450   2.932   -6.430  1.00 0.00 ? 4  MET A C    5 
ATOM 1405 O O    . MET A 1 4  ? 3.473   1.928   -5.698  1.00 0.00 ? 4  MET A O    5 
ATOM 1406 C CB   . MET A 1 4  ? 3.325   1.973   -8.757  1.00 0.00 ? 4  MET A CB   5 
ATOM 1407 C CG   . MET A 1 4  ? 2.585   1.832   -10.103 1.00 0.00 ? 4  MET A CG   5 
ATOM 1408 S SD   . MET A 1 4  ? 3.080   0.302   -10.914 1.00 0.00 ? 4  MET A SD   5 
ATOM 1409 C CE   . MET A 1 4  ? 1.882   -0.802  -10.154 1.00 0.00 ? 4  MET A CE   5 
ATOM 1410 H H    . MET A 1 4  ? 3.266   4.657   -8.960  1.00 0.00 ? 4  MET A H    5 
ATOM 1411 H HA   . MET A 1 4  ? 1.651   2.553   -7.473  1.00 0.00 ? 4  MET A HA   5 
ATOM 1412 H HB2  . MET A 1 4  ? 4.353   2.323   -8.970  1.00 0.00 ? 4  MET A HB2  5 
ATOM 1413 H HB3  . MET A 1 4  ? 3.452   0.967   -8.311  1.00 0.00 ? 4  MET A HB3  5 
ATOM 1414 H HG2  . MET A 1 4  ? 1.491   1.820   -9.937  1.00 0.00 ? 4  MET A HG2  5 
ATOM 1415 H HG3  . MET A 1 4  ? 2.795   2.684   -10.776 1.00 0.00 ? 4  MET A HG3  5 
ATOM 1416 H HE1  . MET A 1 4  ? 1.862   -0.669  -9.057  1.00 0.00 ? 4  MET A HE1  5 
ATOM 1417 H HE2  . MET A 1 4  ? 0.869   -0.600  -10.546 1.00 0.00 ? 4  MET A HE2  5 
ATOM 1418 H HE3  . MET A 1 4  ? 2.132   -1.855  -10.371 1.00 0.00 ? 4  MET A HE3  5 
ATOM 1419 N N    . ARG A 1 5  ? 4.124   4.023   -6.126  1.00 0.00 ? 5  ARG A N    5 
ATOM 1420 C CA   . ARG A 1 5  ? 4.890   4.145   -4.888  1.00 0.00 ? 5  ARG A CA   5 
ATOM 1421 C C    . ARG A 1 5  ? 3.988   4.436   -3.712  1.00 0.00 ? 5  ARG A C    5 
ATOM 1422 O O    . ARG A 1 5  ? 4.038   3.766   -2.673  1.00 0.00 ? 5  ARG A O    5 
ATOM 1423 C CB   . ARG A 1 5  ? 5.963   5.255   -5.066  1.00 0.00 ? 5  ARG A CB   5 
ATOM 1424 C CG   . ARG A 1 5  ? 7.308   4.775   -5.672  1.00 0.00 ? 5  ARG A CG   5 
ATOM 1425 C CD   . ARG A 1 5  ? 8.042   5.888   -6.431  1.00 0.00 ? 5  ARG A CD   5 
ATOM 1426 N NE   . ARG A 1 5  ? 7.890   5.640   -7.888  1.00 0.00 ? 5  ARG A NE   5 
ATOM 1427 C CZ   . ARG A 1 5  ? 8.884   5.526   -8.757  1.00 0.00 ? 5  ARG A CZ   5 
ATOM 1428 N NH1  . ARG A 1 5  ? 10.144  5.617   -8.447  1.00 0.00 ? 5  ARG A NH1  5 
ATOM 1429 N NH2  . ARG A 1 5  ? 8.576   5.311   -9.987  1.00 0.00 ? 5  ARG A NH2  5 
ATOM 1430 H H    . ARG A 1 5  ? 4.123   4.790   -6.858  1.00 0.00 ? 5  ARG A H    5 
ATOM 1431 H HA   . ARG A 1 5  ? 5.382   3.173   -4.694  1.00 0.00 ? 5  ARG A HA   5 
ATOM 1432 H HB2  . ARG A 1 5  ? 5.561   6.062   -5.711  1.00 0.00 ? 5  ARG A HB2  5 
ATOM 1433 H HB3  . ARG A 1 5  ? 6.148   5.748   -4.089  1.00 0.00 ? 5  ARG A HB3  5 
ATOM 1434 H HG2  . ARG A 1 5  ? 7.985   4.389   -4.883  1.00 0.00 ? 5  ARG A HG2  5 
ATOM 1435 H HG3  . ARG A 1 5  ? 7.136   3.917   -6.352  1.00 0.00 ? 5  ARG A HG3  5 
ATOM 1436 H HD2  . ARG A 1 5  ? 7.624   6.880   -6.163  1.00 0.00 ? 5  ARG A HD2  5 
ATOM 1437 H HD3  . ARG A 1 5  ? 9.115   5.903   -6.152  1.00 0.00 ? 5  ARG A HD3  5 
ATOM 1438 H HE   . ARG A 1 5  ? 6.931   5.549   -8.253  1.00 0.00 ? 5  ARG A HE   5 
ATOM 1439 H HH11 . ARG A 1 5  ? 10.301  5.789   -7.453  1.00 0.00 ? 5  ARG A HH11 5 
ATOM 1440 H HH12 . ARG A 1 5  ? 10.817  5.511   -9.204  1.00 0.00 ? 5  ARG A HH12 5 
ATOM 1441 H HH21 . ARG A 1 5  ? 7.565   5.258   -10.123 1.00 0.00 ? 5  ARG A HH21 5 
ATOM 1442 H HH22 . ARG A 1 5  ? 9.335   5.222   -10.659 1.00 0.00 ? 5  ARG A HH22 5 
ATOM 1443 N N    . GLU A 1 6  ? 3.160   5.455   -3.849  1.00 0.00 ? 6  GLU A N    5 
ATOM 1444 C CA   . GLU A 1 6  ? 2.199   5.810   -2.805  1.00 0.00 ? 6  GLU A CA   5 
ATOM 1445 C C    . GLU A 1 6  ? 1.237   4.664   -2.575  1.00 0.00 ? 6  GLU A C    5 
ATOM 1446 O O    . GLU A 1 6  ? 0.766   4.404   -1.463  1.00 0.00 ? 6  GLU A O    5 
ATOM 1447 C CB   . GLU A 1 6  ? 1.457   7.108   -3.227  1.00 0.00 ? 6  GLU A CB   5 
ATOM 1448 C CG   . GLU A 1 6  ? 0.125   6.947   -4.033  1.00 0.00 ? 6  GLU A CG   5 
ATOM 1449 C CD   . GLU A 1 6  ? -0.713  8.198   -4.304  1.00 0.00 ? 6  GLU A CD   5 
ATOM 1450 O OE1  . GLU A 1 6  ? -0.121  9.081   -5.155  1.00 0.00 ? 6  GLU A OE1  5 
ATOM 1451 O OE2  . GLU A 1 6  ? -1.814  8.384   -3.801  1.00 0.00 ? 6  GLU A OE2  5 
ATOM 1452 H H    . GLU A 1 6  ? 3.203   5.966   -4.777  1.00 0.00 ? 6  GLU A H    5 
ATOM 1453 H HA   . GLU A 1 6  ? 2.746   5.988   -1.861  1.00 0.00 ? 6  GLU A HA   5 
ATOM 1454 H HB2  . GLU A 1 6  ? 1.246   7.707   -2.320  1.00 0.00 ? 6  GLU A HB2  5 
ATOM 1455 H HB3  . GLU A 1 6  ? 2.155   7.741   -3.811  1.00 0.00 ? 6  GLU A HB3  5 
ATOM 1456 H HG2  . GLU A 1 6  ? 0.338   6.487   -5.015  1.00 0.00 ? 6  GLU A HG2  5 
ATOM 1457 H HG3  . GLU A 1 6  ? -0.539  6.220   -3.529  1.00 0.00 ? 6  GLU A HG3  5 
ATOM 1458 N N    . TRP A 1 7  ? 0.940   3.949   -3.643  1.00 0.00 ? 7  TRP A N    5 
ATOM 1459 C CA   . TRP A 1 7  ? 0.070   2.776   -3.590  1.00 0.00 ? 7  TRP A CA   5 
ATOM 1460 C C    . TRP A 1 7  ? 0.790   1.601   -2.969  1.00 0.00 ? 7  TRP A C    5 
ATOM 1461 O O    . TRP A 1 7  ? 0.170   0.713   -2.365  1.00 0.00 ? 7  TRP A O    5 
ATOM 1462 C CB   . TRP A 1 7  ? -0.398  2.435   -5.035  1.00 0.00 ? 7  TRP A CB   5 
ATOM 1463 C CG   . TRP A 1 7  ? -1.206  1.142   -5.176  1.00 0.00 ? 7  TRP A CG   5 
ATOM 1464 C CD1  . TRP A 1 7  ? -2.607  1.052   -5.310  1.00 0.00 ? 7  TRP A CD1  5 
ATOM 1465 C CD2  . TRP A 1 7  ? -0.733  -0.151  -5.266  1.00 0.00 ? 7  TRP A CD2  5 
ATOM 1466 N NE1  . TRP A 1 7  ? -3.027  -0.283  -5.477  1.00 0.00 ? 7  TRP A NE1  5 
ATOM 1467 C CE2  . TRP A 1 7  ? -1.847  -1.009  -5.447  1.00 0.00 ? 7  TRP A CE2  5 
ATOM 1468 C CE3  . TRP A 1 7  ? 0.584   -0.675  -5.211  1.00 0.00 ? 7  TRP A CE3  5 
ATOM 1469 C CZ2  . TRP A 1 7  ? -1.649  -2.403  -5.561  1.00 0.00 ? 7  TRP A CZ2  5 
ATOM 1470 C CZ3  . TRP A 1 7  ? 0.752   -2.056  -5.317  1.00 0.00 ? 7  TRP A CZ3  5 
ATOM 1471 C CH2  . TRP A 1 7  ? -0.348  -2.909  -5.487  1.00 0.00 ? 7  TRP A CH2  5 
ATOM 1472 H H    . TRP A 1 7  ? 1.337   4.300   -4.567  1.00 0.00 ? 7  TRP A H    5 
ATOM 1473 H HA   . TRP A 1 7  ? -0.810  2.993   -2.954  1.00 0.00 ? 7  TRP A HA   5 
ATOM 1474 H HB2  . TRP A 1 7  ? -0.982  3.282   -5.454  1.00 0.00 ? 7  TRP A HB2  5 
ATOM 1475 H HB3  . TRP A 1 7  ? 0.479   2.356   -5.711  1.00 0.00 ? 7  TRP A HB3  5 
ATOM 1476 H HD1  . TRP A 1 7  ? -3.268  1.909   -5.314  1.00 0.00 ? 7  TRP A HD1  5 
ATOM 1477 H HE1  . TRP A 1 7  ? -3.979  -0.636  -5.619  1.00 0.00 ? 7  TRP A HE1  5 
ATOM 1478 H HE3  . TRP A 1 7  ? 1.437   -0.022  -5.089  1.00 0.00 ? 7  TRP A HE3  5 
ATOM 1479 H HZ2  . TRP A 1 7  ? -2.494  -3.062  -5.700  1.00 0.00 ? 7  TRP A HZ2  5 
ATOM 1480 H HZ3  . TRP A 1 7  ? 1.748   -2.470  -5.266  1.00 0.00 ? 7  TRP A HZ3  5 
ATOM 1481 H HH2  . TRP A 1 7  ? -0.187  -3.974  -5.562  1.00 0.00 ? 7  TRP A HH2  5 
ATOM 1482 N N    . PHE A 1 8  ? 2.105   1.576   -3.081  1.00 0.00 ? 8  PHE A N    5 
ATOM 1483 C CA   . PHE A 1 8  ? 2.911   0.507   -2.492  1.00 0.00 ? 8  PHE A CA   5 
ATOM 1484 C C    . PHE A 1 8  ? 2.771   0.483   -0.987  1.00 0.00 ? 8  PHE A C    5 
ATOM 1485 O O    . PHE A 1 8  ? 2.638   -0.576  -0.364  1.00 0.00 ? 8  PHE A O    5 
ATOM 1486 C CB   . PHE A 1 8  ? 4.421   0.699   -2.837  1.00 0.00 ? 8  PHE A CB   5 
ATOM 1487 C CG   . PHE A 1 8  ? 5.319   -0.536  -2.661  1.00 0.00 ? 8  PHE A CG   5 
ATOM 1488 C CD1  . PHE A 1 8  ? 5.354   -1.196  -1.427  1.00 0.00 ? 8  PHE A CD1  5 
ATOM 1489 C CD2  . PHE A 1 8  ? 6.120   -0.995  -3.710  1.00 0.00 ? 8  PHE A CD2  5 
ATOM 1490 C CE1  . PHE A 1 8  ? 6.177   -2.303  -1.245  1.00 0.00 ? 8  PHE A CE1  5 
ATOM 1491 C CE2  . PHE A 1 8  ? 6.942   -2.104  -3.528  1.00 0.00 ? 8  PHE A CE2  5 
ATOM 1492 C CZ   . PHE A 1 8  ? 6.973   -2.756  -2.296  1.00 0.00 ? 8  PHE A CZ   5 
ATOM 1493 H H    . PHE A 1 8  ? 2.535   2.349   -3.663  1.00 0.00 ? 8  PHE A H    5 
ATOM 1494 H HA   . PHE A 1 8  ? 2.551   -0.462  -2.883  1.00 0.00 ? 8  PHE A HA   5 
ATOM 1495 H HB2  . PHE A 1 8  ? 4.533   1.074   -3.875  1.00 0.00 ? 8  PHE A HB2  5 
ATOM 1496 H HB3  . PHE A 1 8  ? 4.837   1.521   -2.221  1.00 0.00 ? 8  PHE A HB3  5 
ATOM 1497 H HD1  . PHE A 1 8  ? 4.761   -0.832  -0.598  1.00 0.00 ? 8  PHE A HD1  5 
ATOM 1498 H HD2  . PHE A 1 8  ? 6.110   -0.488  -4.664  1.00 0.00 ? 8  PHE A HD2  5 
ATOM 1499 H HE1  . PHE A 1 8  ? 6.209   -2.799  -0.285  1.00 0.00 ? 8  PHE A HE1  5 
ATOM 1500 H HE2  . PHE A 1 8  ? 7.565   -2.451  -4.340  1.00 0.00 ? 8  PHE A HE2  5 
ATOM 1501 H HZ   . PHE A 1 8  ? 7.617   -3.610  -2.151  1.00 0.00 ? 8  PHE A HZ   5 
ATOM 1502 N N    . SER A 1 9  ? 2.822   1.654   -0.380  1.00 0.00 ? 9  SER A N    5 
ATOM 1503 C CA   . SER A 1 9  ? 2.678   1.774   1.070   1.00 0.00 ? 9  SER A CA   5 
ATOM 1504 C C    . SER A 1 9  ? 1.269   1.423   1.490   1.00 0.00 ? 9  SER A C    5 
ATOM 1505 O O    . SER A 1 9  ? 1.024   0.741   2.491   1.00 0.00 ? 9  SER A O    5 
ATOM 1506 C CB   . SER A 1 9  ? 3.090   3.185   1.557   1.00 0.00 ? 9  SER A CB   5 
ATOM 1507 O OG   . SER A 1 9  ? 3.101   3.302   2.983   1.00 0.00 ? 9  SER A OG   5 
ATOM 1508 H H    . SER A 1 9  ? 2.926   2.499   -1.012  1.00 0.00 ? 9  SER A H    5 
ATOM 1509 H HA   . SER A 1 9  ? 3.346   1.030   1.543   1.00 0.00 ? 9  SER A HA   5 
ATOM 1510 H HB2  . SER A 1 9  ? 4.082   3.473   1.155   1.00 0.00 ? 9  SER A HB2  5 
ATOM 1511 H HB3  . SER A 1 9  ? 2.389   3.940   1.149   1.00 0.00 ? 9  SER A HB3  5 
ATOM 1512 H HG   . SER A 1 9  ? 3.987   3.569   3.243   1.00 0.00 ? 9  SER A HG   5 
ATOM 1513 N N    . GLU A 1 10 ? 0.309   1.883   0.708   1.00 0.00 ? 10 GLU A N    5 
ATOM 1514 C CA   . GLU A 1 10 ? -1.103  1.585   0.939   1.00 0.00 ? 10 GLU A CA   5 
ATOM 1515 C C    . GLU A 1 10 ? -1.526  0.249   0.379   1.00 0.00 ? 10 GLU A C    5 
ATOM 1516 O O    . GLU A 1 10 ? -2.728  -0.033  0.234   1.00 0.00 ? 10 GLU A O    5 
ATOM 1517 C CB   . GLU A 1 10 ? -1.924  2.763   0.318   1.00 0.00 ? 10 GLU A CB   5 
ATOM 1518 C CG   . GLU A 1 10 ? -1.575  4.197   0.841   1.00 0.00 ? 10 GLU A CG   5 
ATOM 1519 C CD   . GLU A 1 10 ? -2.705  5.082   1.369   1.00 0.00 ? 10 GLU A CD   5 
ATOM 1520 O OE1  . GLU A 1 10 ? -3.849  4.677   1.534   1.00 0.00 ? 10 GLU A OE1  5 
ATOM 1521 O OE2  . GLU A 1 10 ? -2.320  6.361   1.637   1.00 0.00 ? 10 GLU A OE2  5 
ATOM 1522 H H    . GLU A 1 10 ? 0.616   2.552   -0.060  1.00 0.00 ? 10 GLU A H    5 
ATOM 1523 H HA   . GLU A 1 10 ? -1.282  1.556   2.030   1.00 0.00 ? 10 GLU A HA   5 
ATOM 1524 H HB2  . GLU A 1 10 ? -1.770  2.746   -0.779  1.00 0.00 ? 10 GLU A HB2  5 
ATOM 1525 H HB3  . GLU A 1 10 ? -3.003  2.559   0.443   1.00 0.00 ? 10 GLU A HB3  5 
ATOM 1526 H HG2  . GLU A 1 10 ? -0.811  4.142   1.649   1.00 0.00 ? 10 GLU A HG2  5 
ATOM 1527 H HG3  . GLU A 1 10 ? -1.061  4.771   0.045   1.00 0.00 ? 10 GLU A HG3  5 
ATOM 1528 N N    . THR A 1 11 ? -0.578  -0.605  0.041   1.00 0.00 ? 11 THR A N    5 
ATOM 1529 C CA   . THR A 1 11 ? -0.871  -1.951  -0.448  1.00 0.00 ? 11 THR A CA   5 
ATOM 1530 C C    . THR A 1 11 ? -0.412  -2.984  0.559   1.00 0.00 ? 11 THR A C    5 
ATOM 1531 O O    . THR A 1 11 ? -1.063  -4.002  0.808   1.00 0.00 ? 11 THR A O    5 
ATOM 1532 C CB   . THR A 1 11 ? -0.203  -2.210  -1.840  1.00 0.00 ? 11 THR A CB   5 
ATOM 1533 O OG1  . THR A 1 11 ? -0.994  -1.650  -2.880  1.00 0.00 ? 11 THR A OG1  5 
ATOM 1534 C CG2  . THR A 1 11 ? -0.015  -3.690  -2.240  1.00 0.00 ? 11 THR A CG2  5 
ATOM 1535 H H    . THR A 1 11 ? 0.416   -0.243  0.094   1.00 0.00 ? 11 THR A H    5 
ATOM 1536 H HA   . THR A 1 11 ? -1.965  -2.048  -0.558  1.00 0.00 ? 11 THR A HA   5 
ATOM 1537 H HB   . THR A 1 11 ? 0.793   -1.719  -1.845  1.00 0.00 ? 11 THR A HB   5 
ATOM 1538 H HG1  . THR A 1 11 ? -0.496  -1.785  -3.693  1.00 0.00 ? 11 THR A HG1  5 
ATOM 1539 H HG21 . THR A 1 11 ? -0.979  -4.233  -2.259  1.00 0.00 ? 11 THR A HG21 5 
ATOM 1540 H HG22 . THR A 1 11 ? 0.437   -3.792  -3.245  1.00 0.00 ? 11 THR A HG22 5 
ATOM 1541 H HG23 . THR A 1 11 ? 0.654   -4.234  -1.552  1.00 0.00 ? 11 THR A HG23 5 
ATOM 1542 N N    . PHE A 1 12 ? 0.729   -2.716  1.168   1.00 0.00 ? 12 PHE A N    5 
ATOM 1543 C CA   . PHE A 1 12 ? 1.293   -3.598  2.189   1.00 0.00 ? 12 PHE A CA   5 
ATOM 1544 C C    . PHE A 1 12 ? 0.519   -3.473  3.481   1.00 0.00 ? 12 PHE A C    5 
ATOM 1545 O O    . PHE A 1 12 ? 0.292   -4.448  4.205   1.00 0.00 ? 12 PHE A O    5 
ATOM 1546 C CB   . PHE A 1 12 ? 2.784   -3.226  2.445   1.00 0.00 ? 12 PHE A CB   5 
ATOM 1547 C CG   . PHE A 1 12 ? 3.639   -4.275  3.174   1.00 0.00 ? 12 PHE A CG   5 
ATOM 1548 C CD1  . PHE A 1 12 ? 4.306   -5.275  2.462   1.00 0.00 ? 12 PHE A CD1  5 
ATOM 1549 C CD2  . PHE A 1 12 ? 3.775   -4.212  4.566   1.00 0.00 ? 12 PHE A CD2  5 
ATOM 1550 C CE1  . PHE A 1 12 ? 5.092   -6.208  3.137   1.00 0.00 ? 12 PHE A CE1  5 
ATOM 1551 C CE2  . PHE A 1 12 ? 4.560   -5.142  5.238   1.00 0.00 ? 12 PHE A CE2  5 
ATOM 1552 C CZ   . PHE A 1 12 ? 5.217   -6.142  4.524   1.00 0.00 ? 12 PHE A CZ   5 
ATOM 1553 H H    . PHE A 1 12 ? 1.195   -1.799  0.910   1.00 0.00 ? 12 PHE A H    5 
ATOM 1554 H HA   . PHE A 1 12 ? 1.212   -4.647  1.848   1.00 0.00 ? 12 PHE A HA   5 
ATOM 1555 H HB2  . PHE A 1 12 ? 3.272   -2.970  1.480   1.00 0.00 ? 12 PHE A HB2  5 
ATOM 1556 H HB3  . PHE A 1 12 ? 2.830   -2.275  3.015   1.00 0.00 ? 12 PHE A HB3  5 
ATOM 1557 H HD1  . PHE A 1 12 ? 4.219   -5.329  1.387   1.00 0.00 ? 12 PHE A HD1  5 
ATOM 1558 H HD2  . PHE A 1 12 ? 3.286   -3.424  5.124   1.00 0.00 ? 12 PHE A HD2  5 
ATOM 1559 H HE1  . PHE A 1 12 ? 5.603   -6.981  2.583   1.00 0.00 ? 12 PHE A HE1  5 
ATOM 1560 H HE2  . PHE A 1 12 ? 4.666   -5.078  6.311   1.00 0.00 ? 12 PHE A HE2  5 
ATOM 1561 H HZ   . PHE A 1 12 ? 5.828   -6.861  5.047   1.00 0.00 ? 12 PHE A HZ   5 
ATOM 1562 N N    . GLN A 1 13 ? 0.117   -2.255  3.794   1.00 0.00 ? 13 GLN A N    5 
ATOM 1563 C CA   . GLN A 1 13 ? -0.695  -1.991  4.979   1.00 0.00 ? 13 GLN A CA   5 
ATOM 1564 C C    . GLN A 1 13 ? -2.131  -2.404  4.759   1.00 0.00 ? 13 GLN A C    5 
ATOM 1565 O O    . GLN A 1 13 ? -2.919  -2.535  5.708   1.00 0.00 ? 13 GLN A O    5 
ATOM 1566 C CB   . GLN A 1 13 ? -0.596  -0.491  5.328   1.00 0.00 ? 13 GLN A CB   5 
ATOM 1567 C CG   . GLN A 1 13 ? 0.841   0.126   5.330   1.00 0.00 ? 13 GLN A CG   5 
ATOM 1568 C CD   . GLN A 1 13 ? 1.365   0.796   6.607   1.00 0.00 ? 13 GLN A CD   5 
ATOM 1569 O OE1  . GLN A 1 13 ? 2.108   0.202   7.372   1.00 0.00 ? 13 GLN A OE1  5 
ATOM 1570 N NE2  . GLN A 1 13 ? 1.021   2.026   6.889   1.00 0.00 ? 13 GLN A NE2  5 
ATOM 1571 H H    . GLN A 1 13 ? 0.430   -1.479  3.144   1.00 0.00 ? 13 GLN A H    5 
ATOM 1572 H HA   . GLN A 1 13 ? -0.303  -2.609  5.814   1.00 0.00 ? 13 GLN A HA   5 
ATOM 1573 H HB2  . GLN A 1 13 ? -1.224  0.084   4.618   1.00 0.00 ? 13 GLN A HB2  5 
ATOM 1574 H HB3  . GLN A 1 13 ? -1.059  -0.328  6.323   1.00 0.00 ? 13 GLN A HB3  5 
ATOM 1575 H HG2  . GLN A 1 13 ? 1.593   -0.651  5.099   1.00 0.00 ? 13 GLN A HG2  5 
ATOM 1576 H HG3  . GLN A 1 13 ? 0.942   0.859   4.507   1.00 0.00 ? 13 GLN A HG3  5 
ATOM 1577 H HE21 . GLN A 1 13 ? 0.432   2.481   6.190   1.00 0.00 ? 13 GLN A HE21 5 
ATOM 1578 H HE22 . GLN A 1 13 ? 1.452   2.413   7.731   1.00 0.00 ? 13 GLN A HE22 5 
ATOM 1579 N N    . LYS A 1 14 ? -2.517  -2.580  3.510   1.00 0.00 ? 14 LYS A N    5 
ATOM 1580 C CA   . LYS A 1 14 ? -3.847  -3.078  3.174   1.00 0.00 ? 14 LYS A CA   5 
ATOM 1581 C C    . LYS A 1 14 ? -3.963  -4.563  3.433   1.00 0.00 ? 14 LYS A C    5 
ATOM 1582 O O    . LYS A 1 14 ? -5.065  -5.123  3.512   1.00 0.00 ? 14 LYS A O    5 
ATOM 1583 C CB   . LYS A 1 14 ? -4.158  -2.756  1.686   1.00 0.00 ? 14 LYS A CB   5 
ATOM 1584 C CG   . LYS A 1 14 ? -5.611  -2.277  1.448   1.00 0.00 ? 14 LYS A CG   5 
ATOM 1585 C CD   . LYS A 1 14 ? -6.683  -3.354  1.636   1.00 0.00 ? 14 LYS A CD   5 
ATOM 1586 C CE   . LYS A 1 14 ? -6.279  -4.611  0.855   1.00 0.00 ? 14 LYS A CE   5 
ATOM 1587 N NZ   . LYS A 1 14 ? -7.471  -5.195  0.213   1.00 0.00 ? 14 LYS A NZ   5 
ATOM 1588 H H    . LYS A 1 14 ? -1.829  -2.285  2.761   1.00 0.00 ? 14 LYS A H    5 
ATOM 1589 H HA   . LYS A 1 14 ? -4.581  -2.573  3.832   1.00 0.00 ? 14 LYS A HA   5 
ATOM 1590 H HB2  . LYS A 1 14 ? -3.453  -1.985  1.318   1.00 0.00 ? 14 LYS A HB2  5 
ATOM 1591 H HB3  . LYS A 1 14 ? -3.951  -3.651  1.062   1.00 0.00 ? 14 LYS A HB3  5 
ATOM 1592 H HG2  . LYS A 1 14 ? -5.865  -1.460  2.149   1.00 0.00 ? 14 LYS A HG2  5 
ATOM 1593 H HG3  . LYS A 1 14 ? -5.695  -1.834  0.436   1.00 0.00 ? 14 LYS A HG3  5 
ATOM 1594 H HD2  . LYS A 1 14 ? -6.810  -3.572  2.715   1.00 0.00 ? 14 LYS A HD2  5 
ATOM 1595 H HD3  . LYS A 1 14 ? -7.662  -2.977  1.276   1.00 0.00 ? 14 LYS A HD3  5 
ATOM 1596 H HE2  . LYS A 1 14 ? -5.511  -4.364  0.092   1.00 0.00 ? 14 LYS A HE2  5 
ATOM 1597 H HE3  . LYS A 1 14 ? -5.809  -5.365  1.521   1.00 0.00 ? 14 LYS A HE3  5 
ATOM 1598 H HZ1  . LYS A 1 14 ? -8.318  -4.856  0.690   1.00 0.00 ? 14 LYS A HZ1  5 
ATOM 1599 H HZ2  . LYS A 1 14 ? -7.499  -4.915  -0.778  1.00 0.00 ? 14 LYS A HZ2  5 
ATOM 1600 H HZ3  . LYS A 1 14 ? -7.428  -6.222  0.279   1.00 0.00 ? 14 LYS A HZ3  5 
ATOM 1601 N N    . VAL A 1 15 ? -2.835  -5.235  3.557   1.00 0.00 ? 15 VAL A N    5 
ATOM 1602 C CA   . VAL A 1 15 ? -2.811  -6.669  3.848   1.00 0.00 ? 15 VAL A CA   5 
ATOM 1603 C C    . VAL A 1 15 ? -2.662  -6.890  5.338   1.00 0.00 ? 15 VAL A C    5 
ATOM 1604 O O    . VAL A 1 15 ? -3.188  -7.837  5.930   1.00 0.00 ? 15 VAL A O    5 
ATOM 1605 C CB   . VAL A 1 15 ? -1.641  -7.366  3.047   1.00 0.00 ? 15 VAL A CB   5 
ATOM 1606 C CG1  . VAL A 1 15 ? -1.266  -8.808  3.489   1.00 0.00 ? 15 VAL A CG1  5 
ATOM 1607 C CG2  . VAL A 1 15 ? -1.892  -7.460  1.522   1.00 0.00 ? 15 VAL A CG2  5 
ATOM 1608 H H    . VAL A 1 15 ? -1.936  -4.673  3.502   1.00 0.00 ? 15 VAL A H    5 
ATOM 1609 H HA   . VAL A 1 15 ? -3.777  -7.113  3.545   1.00 0.00 ? 15 VAL A HA   5 
ATOM 1610 H HB   . VAL A 1 15 ? -0.731  -6.746  3.191   1.00 0.00 ? 15 VAL A HB   5 
ATOM 1611 H HG11 . VAL A 1 15 ? -2.116  -9.512  3.404   1.00 0.00 ? 15 VAL A HG11 5 
ATOM 1612 H HG12 . VAL A 1 15 ? -0.433  -9.227  2.892   1.00 0.00 ? 15 VAL A HG12 5 
ATOM 1613 H HG13 . VAL A 1 15 ? -0.913  -8.850  4.537   1.00 0.00 ? 15 VAL A HG13 5 
ATOM 1614 H HG21 . VAL A 1 15 ? -2.108  -6.470  1.080   1.00 0.00 ? 15 VAL A HG21 5 
ATOM 1615 H HG22 . VAL A 1 15 ? -1.009  -7.851  0.984   1.00 0.00 ? 15 VAL A HG22 5 
ATOM 1616 H HG23 . VAL A 1 15 ? -2.746  -8.119  1.278   1.00 0.00 ? 15 VAL A HG23 5 
ATOM 1617 N N    . LYS A 1 16 ? -1.927  -5.994  5.972   1.00 0.00 ? 16 LYS A N    5 
ATOM 1618 C CA   . LYS A 1 16 ? -1.723  -6.023  7.418   1.00 0.00 ? 16 LYS A CA   5 
ATOM 1619 C C    . LYS A 1 16 ? -3.033  -5.804  8.140   1.00 0.00 ? 16 LYS A C    5 
ATOM 1620 O O    . LYS A 1 16 ? -3.322  -6.386  9.188   1.00 0.00 ? 16 LYS A O    5 
ATOM 1621 C CB   . LYS A 1 16 ? -0.688  -4.929  7.806   1.00 0.00 ? 16 LYS A CB   5 
ATOM 1622 C CG   . LYS A 1 16 ? 0.762   -5.306  7.415   1.00 0.00 ? 16 LYS A CG   5 
ATOM 1623 C CD   . LYS A 1 16 ? 1.856   -4.790  8.352   1.00 0.00 ? 16 LYS A CD   5 
ATOM 1624 C CE   . LYS A 1 16 ? 2.107   -3.303  8.065   1.00 0.00 ? 16 LYS A CE   5 
ATOM 1625 N NZ   . LYS A 1 16 ? 3.448   -2.930  8.549   1.00 0.00 ? 16 LYS A NZ   5 
ATOM 1626 H H    . LYS A 1 16 ? -1.518  -5.215  5.374   1.00 0.00 ? 16 LYS A H    5 
ATOM 1627 H HA   . LYS A 1 16 ? -1.344  -7.021  7.705   1.00 0.00 ? 16 LYS A HA   5 
ATOM 1628 H HB2  . LYS A 1 16 ? -0.968  -3.973  7.289   1.00 0.00 ? 16 LYS A HB2  5 
ATOM 1629 H HB3  . LYS A 1 16 ? -0.765  -4.689  8.878   1.00 0.00 ? 16 LYS A HB3  5 
ATOM 1630 H HG2  . LYS A 1 16 ? 0.874   -6.410  7.384   1.00 0.00 ? 16 LYS A HG2  5 
ATOM 1631 H HG3  . LYS A 1 16 ? 0.966   -4.968  6.376   1.00 0.00 ? 16 LYS A HG3  5 
ATOM 1632 H HD2  . LYS A 1 16 ? 1.546   -4.930  9.408   1.00 0.00 ? 16 LYS A HD2  5 
ATOM 1633 H HD3  . LYS A 1 16 ? 2.779   -5.388  8.217   1.00 0.00 ? 16 LYS A HD3  5 
ATOM 1634 H HE2  . LYS A 1 16 ? 2.017   -3.098  6.977   1.00 0.00 ? 16 LYS A HE2  5 
ATOM 1635 H HE3  . LYS A 1 16 ? 1.343   -2.666  8.557   1.00 0.00 ? 16 LYS A HE3  5 
ATOM 1636 H HZ1  . LYS A 1 16 ? 4.132   -3.638  8.247   1.00 0.00 ? 16 LYS A HZ1  5 
ATOM 1637 H HZ2  . LYS A 1 16 ? 3.710   -2.012  8.162   1.00 0.00 ? 16 LYS A HZ2  5 
ATOM 1638 H HZ3  . LYS A 1 16 ? 3.440   -2.878  9.578   1.00 0.00 ? 16 LYS A HZ3  5 
ATOM 1639 N N    . GLU A 1 17 ? -3.850  -4.928  7.577   1.00 0.00 ? 17 GLU A N    5 
ATOM 1640 C CA   . GLU A 1 17 ? -5.169  -4.630  8.130   1.00 0.00 ? 17 GLU A CA   5 
ATOM 1641 C C    . GLU A 1 17 ? -6.073  -5.838  8.061   1.00 0.00 ? 17 GLU A C    5 
ATOM 1642 O O    . GLU A 1 17 ? -6.988  -6.012  8.875   1.00 0.00 ? 17 GLU A O    5 
ATOM 1643 C CB   . GLU A 1 17 ? -5.772  -3.431  7.346   1.00 0.00 ? 17 GLU A CB   5 
ATOM 1644 C CG   . GLU A 1 17 ? -5.988  -2.095  8.129   1.00 0.00 ? 17 GLU A CG   5 
ATOM 1645 C CD   . GLU A 1 17 ? -5.958  -0.780  7.346   1.00 0.00 ? 17 GLU A CD   5 
ATOM 1646 O OE1  . GLU A 1 17 ? -5.625  -0.713  6.170   1.00 0.00 ? 17 GLU A OE1  5 
ATOM 1647 O OE2  . GLU A 1 17 ? -6.334  0.304   8.079   1.00 0.00 ? 17 GLU A OE2  5 
ATOM 1648 H H    . GLU A 1 17 ? -3.509  -4.487  6.673   1.00 0.00 ? 17 GLU A H    5 
ATOM 1649 H HA   . GLU A 1 17 ? -5.052  -4.357  9.195   1.00 0.00 ? 17 GLU A HA   5 
ATOM 1650 H HB2  . GLU A 1 17 ? -5.128  -3.221  6.469   1.00 0.00 ? 17 GLU A HB2  5 
ATOM 1651 H HB3  . GLU A 1 17 ? -6.736  -3.748  6.901   1.00 0.00 ? 17 GLU A HB3  5 
ATOM 1652 H HG2  . GLU A 1 17 ? -6.958  -2.127  8.659   1.00 0.00 ? 17 GLU A HG2  5 
ATOM 1653 H HG3  . GLU A 1 17 ? -5.240  -2.001  8.939   1.00 0.00 ? 17 GLU A HG3  5 
ATOM 1654 N N    . LYS A 1 18 ? -5.844  -6.688  7.078   1.00 0.00 ? 18 LYS A N    5 
ATOM 1655 C CA   . LYS A 1 18 ? -6.660  -7.883  6.882   1.00 0.00 ? 18 LYS A CA   5 
ATOM 1656 C C    . LYS A 1 18 ? -6.337  -8.937  7.913   1.00 0.00 ? 18 LYS A C    5 
ATOM 1657 O O    . LYS A 1 18 ? -7.194  -9.718  8.341   1.00 0.00 ? 18 LYS A O    5 
ATOM 1658 C CB   . LYS A 1 18 ? -6.442  -8.428  5.444   1.00 0.00 ? 18 LYS A CB   5 
ATOM 1659 C CG   . LYS A 1 18 ? -7.434  -7.845  4.407   1.00 0.00 ? 18 LYS A CG   5 
ATOM 1660 C CD   . LYS A 1 18 ? -8.765  -8.592  4.298   1.00 0.00 ? 18 LYS A CD   5 
ATOM 1661 C CE   . LYS A 1 18 ? -9.325  -8.425  2.878   1.00 0.00 ? 18 LYS A CE   5 
ATOM 1662 N NZ   . LYS A 1 18 ? -8.505  -9.206  1.935   1.00 0.00 ? 18 LYS A NZ   5 
ATOM 1663 H H    . LYS A 1 18 ? -5.032  -6.455  6.436   1.00 0.00 ? 18 LYS A H    5 
ATOM 1664 H HA   . LYS A 1 18 ? -7.723  -7.604  7.014   1.00 0.00 ? 18 LYS A HA   5 
ATOM 1665 H HB2  . LYS A 1 18 ? -5.406  -8.211  5.116   1.00 0.00 ? 18 LYS A HB2  5 
ATOM 1666 H HB3  . LYS A 1 18 ? -6.512  -9.536  5.450   1.00 0.00 ? 18 LYS A HB3  5 
ATOM 1667 H HG2  . LYS A 1 18 ? -7.685  -6.798  4.664   1.00 0.00 ? 18 LYS A HG2  5 
ATOM 1668 H HG3  . LYS A 1 18 ? -6.946  -7.795  3.413   1.00 0.00 ? 18 LYS A HG3  5 
ATOM 1669 H HD2  . LYS A 1 18 ? -8.618  -9.660  4.552   1.00 0.00 ? 18 LYS A HD2  5 
ATOM 1670 H HD3  . LYS A 1 18 ? -9.483  -8.191  5.042   1.00 0.00 ? 18 LYS A HD3  5 
ATOM 1671 H HE2  . LYS A 1 18 ? -10.383 -8.756  2.837   1.00 0.00 ? 18 LYS A HE2  5 
ATOM 1672 H HE3  . LYS A 1 18 ? -9.330  -7.359  2.573   1.00 0.00 ? 18 LYS A HE3  5 
ATOM 1673 H HZ1  . LYS A 1 18 ? -7.549  -9.301  2.307   1.00 0.00 ? 18 LYS A HZ1  5 
ATOM 1674 H HZ2  . LYS A 1 18 ? -8.920  -10.141 1.811   1.00 0.00 ? 18 LYS A HZ2  5 
ATOM 1675 H HZ3  . LYS A 1 18 ? -8.473  -8.723  1.026   1.00 0.00 ? 18 LYS A HZ3  5 
ATOM 1676 N N    . LEU A 1 19 ? -5.082  -8.985  8.321   1.00 0.00 ? 19 LEU A N    5 
ATOM 1677 C CA   . LEU A 1 19 ? -4.630  -9.941  9.327   1.00 0.00 ? 19 LEU A CA   5 
ATOM 1678 C C    . LEU A 1 19 ? -5.499  -9.881  10.561  1.00 0.00 ? 19 LEU A C    5 
ATOM 1679 O O    . LEU A 1 19 ? -6.138  -8.832  10.883  1.00 0.00 ? 19 LEU A O    5 
ATOM 1680 C CB   . LEU A 1 19 ? -3.138  -9.690  9.687   1.00 0.00 ? 19 LEU A CB   5 
ATOM 1681 C CG   . LEU A 1 19 ? -2.058  -10.080 8.641   1.00 0.00 ? 19 LEU A CG   5 
ATOM 1682 C CD1  . LEU A 1 19 ? -0.659  -9.740  9.175   1.00 0.00 ? 19 LEU A CD1  5 
ATOM 1683 C CD2  . LEU A 1 19 ? -2.118  -11.565 8.250   1.00 0.00 ? 19 LEU A CD2  5 
ATOM 1684 O OXT  . LEU A 1 19 ? -5.553  -10.942 11.256  1.00 0.00 ? 19 LEU A OXT  5 
ATOM 1685 H H    . LEU A 1 19 ? -4.413  -8.315  7.843   1.00 0.00 ? 19 LEU A H    5 
ATOM 1686 H HA   . LEU A 1 19 ? -4.745  -10.961 8.917   1.00 0.00 ? 19 LEU A HA   5 
ATOM 1687 H HB2  . LEU A 1 19 ? -3.008  -8.616  9.932   1.00 0.00 ? 19 LEU A HB2  5 
ATOM 1688 H HB3  . LEU A 1 19 ? -2.911  -10.220 10.633  1.00 0.00 ? 19 LEU A HB3  5 
ATOM 1689 H HG   . LEU A 1 19 ? -2.229  -9.473  7.727   1.00 0.00 ? 19 LEU A HG   5 
ATOM 1690 H HD11 . LEU A 1 19 ? -0.564  -8.667  9.428   1.00 0.00 ? 19 LEU A HD11 5 
ATOM 1691 H HD12 . LEU A 1 19 ? -0.409  -10.313 10.088  1.00 0.00 ? 19 LEU A HD12 5 
ATOM 1692 H HD13 . LEU A 1 19 ? 0.126   -9.958  8.428   1.00 0.00 ? 19 LEU A HD13 5 
ATOM 1693 H HD21 . LEU A 1 19 ? -2.031  -12.233 9.128   1.00 0.00 ? 19 LEU A HD21 5 
ATOM 1694 H HD22 . LEU A 1 19 ? -3.070  -11.809 7.745   1.00 0.00 ? 19 LEU A HD22 5 
ATOM 1695 H HD23 . LEU A 1 19 ? -1.316  -11.838 7.540   1.00 0.00 ? 19 LEU A HD23 5 
# 
